data_5PB7
# 
_entry.id   5PB7 
# 
_audit_conform.dict_name       mmcif_pdbx.dic 
_audit_conform.dict_version    5.387 
_audit_conform.dict_location   http://mmcif.pdb.org/dictionaries/ascii/mmcif_pdbx.dic 
# 
loop_
_database_2.database_id 
_database_2.database_code 
_database_2.pdbx_database_accession 
_database_2.pdbx_DOI 
PDB   5PB7         pdb_00005pb7 10.2210/pdb5pb7/pdb 
WWPDB D_1001400443 ?            ?                   
# 
loop_
_pdbx_audit_revision_history.ordinal 
_pdbx_audit_revision_history.data_content_type 
_pdbx_audit_revision_history.major_revision 
_pdbx_audit_revision_history.minor_revision 
_pdbx_audit_revision_history.revision_date 
1 'Structure model' 1 0 2017-03-15 
2 'Structure model' 1 1 2017-09-27 
3 'Structure model' 1 2 2017-10-04 
4 'Structure model' 1 3 2024-03-06 
# 
_pdbx_audit_revision_details.ordinal             1 
_pdbx_audit_revision_details.revision_ordinal    1 
_pdbx_audit_revision_details.data_content_type   'Structure model' 
_pdbx_audit_revision_details.provider            repository 
_pdbx_audit_revision_details.type                'Initial release' 
_pdbx_audit_revision_details.description         ? 
_pdbx_audit_revision_details.details             ? 
# 
loop_
_pdbx_audit_revision_group.ordinal 
_pdbx_audit_revision_group.revision_ordinal 
_pdbx_audit_revision_group.data_content_type 
_pdbx_audit_revision_group.group 
1 2 'Structure model' 'Structure summary'   
2 3 'Structure model' 'Structure summary'   
3 4 'Structure model' 'Data collection'     
4 4 'Structure model' 'Database references' 
# 
loop_
_pdbx_audit_revision_category.ordinal 
_pdbx_audit_revision_category.revision_ordinal 
_pdbx_audit_revision_category.data_content_type 
_pdbx_audit_revision_category.category 
1 2 'Structure model' pdbx_deposit_group 
2 3 'Structure model' pdbx_deposit_group 
3 4 'Structure model' chem_comp_atom     
4 4 'Structure model' chem_comp_bond     
5 4 'Structure model' database_2         
# 
loop_
_pdbx_audit_revision_item.ordinal 
_pdbx_audit_revision_item.revision_ordinal 
_pdbx_audit_revision_item.data_content_type 
_pdbx_audit_revision_item.item 
1 2 'Structure model' '_pdbx_deposit_group.group_id'        
2 2 'Structure model' '_pdbx_deposit_group.group_title'     
3 2 'Structure model' '_pdbx_deposit_group.group_type'      
4 3 'Structure model' '_pdbx_deposit_group.group_title'     
5 4 'Structure model' '_database_2.pdbx_DOI'                
6 4 'Structure model' '_database_2.pdbx_database_accession' 
# 
_pdbx_database_status.entry_id                        5PB7 
_pdbx_database_status.status_code                     REL 
_pdbx_database_status.recvd_initial_deposition_date   2017-02-03 
_pdbx_database_status.deposit_site                    RCSB 
_pdbx_database_status.process_site                    RCSB 
_pdbx_database_status.SG_entry                        ? 
_pdbx_database_status.pdb_format_compatible           Y 
_pdbx_database_status.status_code_sf                  REL 
_pdbx_database_status.status_code_mr                  ? 
_pdbx_database_status.status_code_cs                  ? 
_pdbx_database_status.methods_development_category    ? 
_pdbx_database_status.status_code_nmr_data            ? 
# 
loop_
_audit_author.name 
_audit_author.pdbx_ordinal 
'Pearce, N.M.'     1  
'Krojer, T.'       2  
'Talon, R.'        3  
'Bradley, A.R.'    4  
'Fairhead, M.'     5  
'Sethi, R.'        6  
'Wright, N.'       7  
'MacLean, E.'      8  
'Collins, P.'      9  
'Brandao-Neto, J.' 10 
'Douangamath, A.'  11 
'Renjie, Z.'       12 
'Dias, A.'         13 
'Vollmar, M.'      14 
'Ng, J.'           15 
'Brennan, P.E.'    16 
'Cox, O.'          17 
'Bountra, C.'      18 
'Arrowsmith, C.H.' 19 
'Edwards, A.'      20 
'von Delft, F.'    21 
# 
_citation.id                        primary 
_citation.title                     
'A multi-crystal method for extracting obscured crystallographic states from conventionally uninterpretable electron density.' 
_citation.journal_abbrev            'Nat Commun' 
_citation.journal_volume            8 
_citation.page_first                15123 
_citation.page_last                 15123 
_citation.year                      2017 
_citation.journal_id_ASTM           ? 
_citation.country                   UK 
_citation.journal_id_ISSN           2041-1723 
_citation.journal_id_CSD            ? 
_citation.book_publisher            ? 
_citation.pdbx_database_id_PubMed   28436492 
_citation.pdbx_database_id_DOI      10.1038/ncomms15123 
# 
loop_
_citation_author.citation_id 
_citation_author.name 
_citation_author.ordinal 
_citation_author.identifier_ORCID 
primary 'Pearce, N.M.'  1  ? 
primary 'Krojer, T.'    2  ? 
primary 'Bradley, A.R.' 3  ? 
primary 'Collins, P.'   4  ? 
primary 'Nowak, R.P.'   5  ? 
primary 'Talon, R.'     6  ? 
primary 'Marsden, B.D.' 7  ? 
primary 'Kelm, S.'      8  ? 
primary 'Shi, J.'       9  ? 
primary 'Deane, C.M.'   10 ? 
primary 'von Delft, F.' 11 ? 
# 
loop_
_entity.id 
_entity.type 
_entity.src_method 
_entity.pdbx_description 
_entity.formula_weight 
_entity.pdbx_number_of_molecules 
_entity.pdbx_ec 
_entity.pdbx_mutation 
_entity.pdbx_fragment 
_entity.details 
1 polymer     man 'Bromodomain adjacent to zinc finger domain protein 2B' 16090.326 1   ? ? ? ? 
2 non-polymer syn 1,2-ETHANEDIOL                                          62.068    3   ? ? ? ? 
3 non-polymer syn '1~{H}-indazol-5-amine'                                 133.151   1   ? ? ? ? 
4 water       nat water                                                   18.015    205 ? ? ? ? 
# 
_entity_name_com.entity_id   1 
_entity_name_com.name        hWALp4 
# 
_entity_poly.entity_id                      1 
_entity_poly.type                           'polypeptide(L)' 
_entity_poly.nstd_linkage                   no 
_entity_poly.nstd_monomer                   no 
_entity_poly.pdbx_seq_one_letter_code       
;MHHHHHHSSGVDLGTENLYFQSMSVKKPKRDDSKDLALCSMILTEMETHEDAWPFLLPVNLKLVPGYKKVIKKPMDFSTI
REKLSSGQYPNLETFALDVRLVFDNCETFNEDDSDIGRAGHNMRKYFEKKWTDTFKVS
;
_entity_poly.pdbx_seq_one_letter_code_can   
;MHHHHHHSSGVDLGTENLYFQSMSVKKPKRDDSKDLALCSMILTEMETHEDAWPFLLPVNLKLVPGYKKVIKKPMDFSTI
REKLSSGQYPNLETFALDVRLVFDNCETFNEDDSDIGRAGHNMRKYFEKKWTDTFKVS
;
_entity_poly.pdbx_strand_id                 A 
_entity_poly.pdbx_target_identifier         ? 
# 
loop_
_pdbx_entity_nonpoly.entity_id 
_pdbx_entity_nonpoly.name 
_pdbx_entity_nonpoly.comp_id 
2 1,2-ETHANEDIOL          EDO 
3 '1~{H}-indazol-5-amine' 8H4 
4 water                   HOH 
# 
loop_
_entity_poly_seq.entity_id 
_entity_poly_seq.num 
_entity_poly_seq.mon_id 
_entity_poly_seq.hetero 
1 1   MET n 
1 2   HIS n 
1 3   HIS n 
1 4   HIS n 
1 5   HIS n 
1 6   HIS n 
1 7   HIS n 
1 8   SER n 
1 9   SER n 
1 10  GLY n 
1 11  VAL n 
1 12  ASP n 
1 13  LEU n 
1 14  GLY n 
1 15  THR n 
1 16  GLU n 
1 17  ASN n 
1 18  LEU n 
1 19  TYR n 
1 20  PHE n 
1 21  GLN n 
1 22  SER n 
1 23  MET n 
1 24  SER n 
1 25  VAL n 
1 26  LYS n 
1 27  LYS n 
1 28  PRO n 
1 29  LYS n 
1 30  ARG n 
1 31  ASP n 
1 32  ASP n 
1 33  SER n 
1 34  LYS n 
1 35  ASP n 
1 36  LEU n 
1 37  ALA n 
1 38  LEU n 
1 39  CYS n 
1 40  SER n 
1 41  MET n 
1 42  ILE n 
1 43  LEU n 
1 44  THR n 
1 45  GLU n 
1 46  MET n 
1 47  GLU n 
1 48  THR n 
1 49  HIS n 
1 50  GLU n 
1 51  ASP n 
1 52  ALA n 
1 53  TRP n 
1 54  PRO n 
1 55  PHE n 
1 56  LEU n 
1 57  LEU n 
1 58  PRO n 
1 59  VAL n 
1 60  ASN n 
1 61  LEU n 
1 62  LYS n 
1 63  LEU n 
1 64  VAL n 
1 65  PRO n 
1 66  GLY n 
1 67  TYR n 
1 68  LYS n 
1 69  LYS n 
1 70  VAL n 
1 71  ILE n 
1 72  LYS n 
1 73  LYS n 
1 74  PRO n 
1 75  MET n 
1 76  ASP n 
1 77  PHE n 
1 78  SER n 
1 79  THR n 
1 80  ILE n 
1 81  ARG n 
1 82  GLU n 
1 83  LYS n 
1 84  LEU n 
1 85  SER n 
1 86  SER n 
1 87  GLY n 
1 88  GLN n 
1 89  TYR n 
1 90  PRO n 
1 91  ASN n 
1 92  LEU n 
1 93  GLU n 
1 94  THR n 
1 95  PHE n 
1 96  ALA n 
1 97  LEU n 
1 98  ASP n 
1 99  VAL n 
1 100 ARG n 
1 101 LEU n 
1 102 VAL n 
1 103 PHE n 
1 104 ASP n 
1 105 ASN n 
1 106 CYS n 
1 107 GLU n 
1 108 THR n 
1 109 PHE n 
1 110 ASN n 
1 111 GLU n 
1 112 ASP n 
1 113 ASP n 
1 114 SER n 
1 115 ASP n 
1 116 ILE n 
1 117 GLY n 
1 118 ARG n 
1 119 ALA n 
1 120 GLY n 
1 121 HIS n 
1 122 ASN n 
1 123 MET n 
1 124 ARG n 
1 125 LYS n 
1 126 TYR n 
1 127 PHE n 
1 128 GLU n 
1 129 LYS n 
1 130 LYS n 
1 131 TRP n 
1 132 THR n 
1 133 ASP n 
1 134 THR n 
1 135 PHE n 
1 136 LYS n 
1 137 VAL n 
1 138 SER n 
# 
_entity_src_gen.entity_id                          1 
_entity_src_gen.pdbx_src_id                        1 
_entity_src_gen.pdbx_alt_source_flag               sample 
_entity_src_gen.pdbx_seq_type                      'Biological sequence' 
_entity_src_gen.pdbx_beg_seq_num                   1 
_entity_src_gen.pdbx_end_seq_num                   138 
_entity_src_gen.gene_src_common_name               Human 
_entity_src_gen.gene_src_genus                     ? 
_entity_src_gen.pdbx_gene_src_gene                 'BAZ2B, KIAA1476' 
_entity_src_gen.gene_src_species                   ? 
_entity_src_gen.gene_src_strain                    ? 
_entity_src_gen.gene_src_tissue                    ? 
_entity_src_gen.gene_src_tissue_fraction           ? 
_entity_src_gen.gene_src_details                   ? 
_entity_src_gen.pdbx_gene_src_fragment             ? 
_entity_src_gen.pdbx_gene_src_scientific_name      'Homo sapiens' 
_entity_src_gen.pdbx_gene_src_ncbi_taxonomy_id     9606 
_entity_src_gen.pdbx_gene_src_variant              ? 
_entity_src_gen.pdbx_gene_src_cell_line            ? 
_entity_src_gen.pdbx_gene_src_atcc                 ? 
_entity_src_gen.pdbx_gene_src_organ                ? 
_entity_src_gen.pdbx_gene_src_organelle            ? 
_entity_src_gen.pdbx_gene_src_cell                 ? 
_entity_src_gen.pdbx_gene_src_cellular_location    ? 
_entity_src_gen.host_org_common_name               ? 
_entity_src_gen.pdbx_host_org_scientific_name      'escherichia coli' 
_entity_src_gen.pdbx_host_org_ncbi_taxonomy_id     562 
_entity_src_gen.host_org_genus                     ? 
_entity_src_gen.pdbx_host_org_gene                 ? 
_entity_src_gen.pdbx_host_org_organ                ? 
_entity_src_gen.host_org_species                   ? 
_entity_src_gen.pdbx_host_org_tissue               ? 
_entity_src_gen.pdbx_host_org_tissue_fraction      ? 
_entity_src_gen.pdbx_host_org_strain               ? 
_entity_src_gen.pdbx_host_org_variant              ? 
_entity_src_gen.pdbx_host_org_cell_line            ? 
_entity_src_gen.pdbx_host_org_atcc                 ? 
_entity_src_gen.pdbx_host_org_culture_collection   ? 
_entity_src_gen.pdbx_host_org_cell                 ? 
_entity_src_gen.pdbx_host_org_organelle            ? 
_entity_src_gen.pdbx_host_org_cellular_location    ? 
_entity_src_gen.pdbx_host_org_vector_type          ? 
_entity_src_gen.pdbx_host_org_vector               ? 
_entity_src_gen.host_org_details                   ? 
_entity_src_gen.expression_system_id               ? 
_entity_src_gen.plasmid_name                       ? 
_entity_src_gen.plasmid_details                    ? 
_entity_src_gen.pdbx_description                   ? 
# 
loop_
_chem_comp.id 
_chem_comp.type 
_chem_comp.mon_nstd_flag 
_chem_comp.name 
_chem_comp.pdbx_synonyms 
_chem_comp.formula 
_chem_comp.formula_weight 
8H4 non-polymer         . '1~{H}-indazol-5-amine' ?                 'C7 H7 N3'       133.151 
ALA 'L-peptide linking' y ALANINE                 ?                 'C3 H7 N O2'     89.093  
ARG 'L-peptide linking' y ARGININE                ?                 'C6 H15 N4 O2 1' 175.209 
ASN 'L-peptide linking' y ASPARAGINE              ?                 'C4 H8 N2 O3'    132.118 
ASP 'L-peptide linking' y 'ASPARTIC ACID'         ?                 'C4 H7 N O4'     133.103 
CYS 'L-peptide linking' y CYSTEINE                ?                 'C3 H7 N O2 S'   121.158 
EDO non-polymer         . 1,2-ETHANEDIOL          'ETHYLENE GLYCOL' 'C2 H6 O2'       62.068  
GLN 'L-peptide linking' y GLUTAMINE               ?                 'C5 H10 N2 O3'   146.144 
GLU 'L-peptide linking' y 'GLUTAMIC ACID'         ?                 'C5 H9 N O4'     147.129 
GLY 'peptide linking'   y GLYCINE                 ?                 'C2 H5 N O2'     75.067  
HIS 'L-peptide linking' y HISTIDINE               ?                 'C6 H10 N3 O2 1' 156.162 
HOH non-polymer         . WATER                   ?                 'H2 O'           18.015  
ILE 'L-peptide linking' y ISOLEUCINE              ?                 'C6 H13 N O2'    131.173 
LEU 'L-peptide linking' y LEUCINE                 ?                 'C6 H13 N O2'    131.173 
LYS 'L-peptide linking' y LYSINE                  ?                 'C6 H15 N2 O2 1' 147.195 
MET 'L-peptide linking' y METHIONINE              ?                 'C5 H11 N O2 S'  149.211 
PHE 'L-peptide linking' y PHENYLALANINE           ?                 'C9 H11 N O2'    165.189 
PRO 'L-peptide linking' y PROLINE                 ?                 'C5 H9 N O2'     115.130 
SER 'L-peptide linking' y SERINE                  ?                 'C3 H7 N O3'     105.093 
THR 'L-peptide linking' y THREONINE               ?                 'C4 H9 N O3'     119.119 
TRP 'L-peptide linking' y TRYPTOPHAN              ?                 'C11 H12 N2 O2'  204.225 
TYR 'L-peptide linking' y TYROSINE                ?                 'C9 H11 N O3'    181.189 
VAL 'L-peptide linking' y VALINE                  ?                 'C5 H11 N O2'    117.146 
# 
loop_
_pdbx_poly_seq_scheme.asym_id 
_pdbx_poly_seq_scheme.entity_id 
_pdbx_poly_seq_scheme.seq_id 
_pdbx_poly_seq_scheme.mon_id 
_pdbx_poly_seq_scheme.ndb_seq_num 
_pdbx_poly_seq_scheme.pdb_seq_num 
_pdbx_poly_seq_scheme.auth_seq_num 
_pdbx_poly_seq_scheme.pdb_mon_id 
_pdbx_poly_seq_scheme.auth_mon_id 
_pdbx_poly_seq_scheme.pdb_strand_id 
_pdbx_poly_seq_scheme.pdb_ins_code 
_pdbx_poly_seq_scheme.hetero 
A 1 1   MET 1   1835 ?    ?   ?   A . n 
A 1 2   HIS 2   1836 ?    ?   ?   A . n 
A 1 3   HIS 3   1837 ?    ?   ?   A . n 
A 1 4   HIS 4   1838 ?    ?   ?   A . n 
A 1 5   HIS 5   1839 ?    ?   ?   A . n 
A 1 6   HIS 6   1840 ?    ?   ?   A . n 
A 1 7   HIS 7   1841 ?    ?   ?   A . n 
A 1 8   SER 8   1842 ?    ?   ?   A . n 
A 1 9   SER 9   1843 ?    ?   ?   A . n 
A 1 10  GLY 10  1844 ?    ?   ?   A . n 
A 1 11  VAL 11  1845 ?    ?   ?   A . n 
A 1 12  ASP 12  1846 ?    ?   ?   A . n 
A 1 13  LEU 13  1847 ?    ?   ?   A . n 
A 1 14  GLY 14  1848 ?    ?   ?   A . n 
A 1 15  THR 15  1849 ?    ?   ?   A . n 
A 1 16  GLU 16  1850 ?    ?   ?   A . n 
A 1 17  ASN 17  1851 ?    ?   ?   A . n 
A 1 18  LEU 18  1852 ?    ?   ?   A . n 
A 1 19  TYR 19  1853 ?    ?   ?   A . n 
A 1 20  PHE 20  1854 ?    ?   ?   A . n 
A 1 21  GLN 21  1855 ?    ?   ?   A . n 
A 1 22  SER 22  1856 1856 SER SER A . n 
A 1 23  MET 23  1857 1857 MET MET A . n 
A 1 24  SER 24  1858 1858 SER SER A . n 
A 1 25  VAL 25  1859 1859 VAL VAL A . n 
A 1 26  LYS 26  1860 1860 LYS LYS A . n 
A 1 27  LYS 27  1861 1861 LYS LYS A . n 
A 1 28  PRO 28  1862 1862 PRO PRO A . n 
A 1 29  LYS 29  1863 1863 LYS LYS A . n 
A 1 30  ARG 30  1864 1864 ARG ARG A . n 
A 1 31  ASP 31  1865 1865 ASP ASP A . n 
A 1 32  ASP 32  1866 1866 ASP ASP A . n 
A 1 33  SER 33  1867 1867 SER SER A . n 
A 1 34  LYS 34  1868 1868 LYS LYS A . n 
A 1 35  ASP 35  1869 1869 ASP ASP A . n 
A 1 36  LEU 36  1870 1870 LEU LEU A . n 
A 1 37  ALA 37  1871 1871 ALA ALA A . n 
A 1 38  LEU 38  1872 1872 LEU LEU A . n 
A 1 39  CYS 39  1873 1873 CYS CYS A . n 
A 1 40  SER 40  1874 1874 SER SER A . n 
A 1 41  MET 41  1875 1875 MET MET A . n 
A 1 42  ILE 42  1876 1876 ILE ILE A . n 
A 1 43  LEU 43  1877 1877 LEU LEU A . n 
A 1 44  THR 44  1878 1878 THR THR A . n 
A 1 45  GLU 45  1879 1879 GLU GLU A . n 
A 1 46  MET 46  1880 1880 MET MET A . n 
A 1 47  GLU 47  1881 1881 GLU GLU A . n 
A 1 48  THR 48  1882 1882 THR THR A . n 
A 1 49  HIS 49  1883 1883 HIS HIS A . n 
A 1 50  GLU 50  1884 1884 GLU GLU A . n 
A 1 51  ASP 51  1885 1885 ASP ASP A . n 
A 1 52  ALA 52  1886 1886 ALA ALA A . n 
A 1 53  TRP 53  1887 1887 TRP TRP A . n 
A 1 54  PRO 54  1888 1888 PRO PRO A . n 
A 1 55  PHE 55  1889 1889 PHE PHE A . n 
A 1 56  LEU 56  1890 1890 LEU LEU A . n 
A 1 57  LEU 57  1891 1891 LEU LEU A . n 
A 1 58  PRO 58  1892 1892 PRO PRO A . n 
A 1 59  VAL 59  1893 1893 VAL VAL A . n 
A 1 60  ASN 60  1894 1894 ASN ASN A . n 
A 1 61  LEU 61  1895 1895 LEU LEU A . n 
A 1 62  LYS 62  1896 1896 LYS LYS A . n 
A 1 63  LEU 63  1897 1897 LEU LEU A . n 
A 1 64  VAL 64  1898 1898 VAL VAL A . n 
A 1 65  PRO 65  1899 1899 PRO PRO A . n 
A 1 66  GLY 66  1900 1900 GLY GLY A . n 
A 1 67  TYR 67  1901 1901 TYR TYR A . n 
A 1 68  LYS 68  1902 1902 LYS LYS A . n 
A 1 69  LYS 69  1903 1903 LYS LYS A . n 
A 1 70  VAL 70  1904 1904 VAL VAL A . n 
A 1 71  ILE 71  1905 1905 ILE ILE A . n 
A 1 72  LYS 72  1906 1906 LYS LYS A . n 
A 1 73  LYS 73  1907 1907 LYS LYS A . n 
A 1 74  PRO 74  1908 1908 PRO PRO A . n 
A 1 75  MET 75  1909 1909 MET MET A . n 
A 1 76  ASP 76  1910 1910 ASP ASP A . n 
A 1 77  PHE 77  1911 1911 PHE PHE A . n 
A 1 78  SER 78  1912 1912 SER SER A . n 
A 1 79  THR 79  1913 1913 THR THR A . n 
A 1 80  ILE 80  1914 1914 ILE ILE A . n 
A 1 81  ARG 81  1915 1915 ARG ARG A . n 
A 1 82  GLU 82  1916 1916 GLU GLU A . n 
A 1 83  LYS 83  1917 1917 LYS LYS A . n 
A 1 84  LEU 84  1918 1918 LEU LEU A . n 
A 1 85  SER 85  1919 1919 SER SER A . n 
A 1 86  SER 86  1920 1920 SER SER A . n 
A 1 87  GLY 87  1921 1921 GLY GLY A . n 
A 1 88  GLN 88  1922 1922 GLN GLN A . n 
A 1 89  TYR 89  1923 1923 TYR TYR A . n 
A 1 90  PRO 90  1924 1924 PRO PRO A . n 
A 1 91  ASN 91  1925 1925 ASN ASN A . n 
A 1 92  LEU 92  1926 1926 LEU LEU A . n 
A 1 93  GLU 93  1927 1927 GLU GLU A . n 
A 1 94  THR 94  1928 1928 THR THR A . n 
A 1 95  PHE 95  1929 1929 PHE PHE A . n 
A 1 96  ALA 96  1930 1930 ALA ALA A . n 
A 1 97  LEU 97  1931 1931 LEU LEU A . n 
A 1 98  ASP 98  1932 1932 ASP ASP A . n 
A 1 99  VAL 99  1933 1933 VAL VAL A . n 
A 1 100 ARG 100 1934 1934 ARG ARG A . n 
A 1 101 LEU 101 1935 1935 LEU LEU A . n 
A 1 102 VAL 102 1936 1936 VAL VAL A . n 
A 1 103 PHE 103 1937 1937 PHE PHE A . n 
A 1 104 ASP 104 1938 1938 ASP ASP A . n 
A 1 105 ASN 105 1939 1939 ASN ASN A . n 
A 1 106 CYS 106 1940 1940 CYS CYS A . n 
A 1 107 GLU 107 1941 1941 GLU GLU A . n 
A 1 108 THR 108 1942 1942 THR THR A . n 
A 1 109 PHE 109 1943 1943 PHE PHE A . n 
A 1 110 ASN 110 1944 1944 ASN ASN A . n 
A 1 111 GLU 111 1945 1945 GLU GLU A . n 
A 1 112 ASP 112 1946 1946 ASP ASP A . n 
A 1 113 ASP 113 1947 1947 ASP ASP A . n 
A 1 114 SER 114 1948 1948 SER SER A . n 
A 1 115 ASP 115 1949 1949 ASP ASP A . n 
A 1 116 ILE 116 1950 1950 ILE ILE A . n 
A 1 117 GLY 117 1951 1951 GLY GLY A . n 
A 1 118 ARG 118 1952 1952 ARG ARG A . n 
A 1 119 ALA 119 1953 1953 ALA ALA A . n 
A 1 120 GLY 120 1954 1954 GLY GLY A . n 
A 1 121 HIS 121 1955 1955 HIS HIS A . n 
A 1 122 ASN 122 1956 1956 ASN ASN A . n 
A 1 123 MET 123 1957 1957 MET MET A . n 
A 1 124 ARG 124 1958 1958 ARG ARG A . n 
A 1 125 LYS 125 1959 1959 LYS LYS A . n 
A 1 126 TYR 126 1960 1960 TYR TYR A . n 
A 1 127 PHE 127 1961 1961 PHE PHE A . n 
A 1 128 GLU 128 1962 1962 GLU GLU A . n 
A 1 129 LYS 129 1963 1963 LYS LYS A . n 
A 1 130 LYS 130 1964 1964 LYS LYS A . n 
A 1 131 TRP 131 1965 1965 TRP TRP A . n 
A 1 132 THR 132 1966 1966 THR THR A . n 
A 1 133 ASP 133 1967 1967 ASP ASP A . n 
A 1 134 THR 134 1968 1968 THR THR A . n 
A 1 135 PHE 135 1969 1969 PHE PHE A . n 
A 1 136 LYS 136 1970 1970 LYS LYS A . n 
A 1 137 VAL 137 1971 ?    ?   ?   A . n 
A 1 138 SER 138 1972 ?    ?   ?   A . n 
# 
loop_
_pdbx_nonpoly_scheme.asym_id 
_pdbx_nonpoly_scheme.entity_id 
_pdbx_nonpoly_scheme.mon_id 
_pdbx_nonpoly_scheme.ndb_seq_num 
_pdbx_nonpoly_scheme.pdb_seq_num 
_pdbx_nonpoly_scheme.auth_seq_num 
_pdbx_nonpoly_scheme.pdb_mon_id 
_pdbx_nonpoly_scheme.auth_mon_id 
_pdbx_nonpoly_scheme.pdb_strand_id 
_pdbx_nonpoly_scheme.pdb_ins_code 
B 2 EDO 1   2001 1   EDO EDO A . 
C 2 EDO 1   2002 2   EDO EDO A . 
D 2 EDO 1   2003 3   EDO EDO A . 
E 3 8H4 1   2004 1   8H4 LIG A . 
F 4 HOH 1   2101 84  HOH HOH A . 
F 4 HOH 2   2102 38  HOH HOH A . 
F 4 HOH 3   2103 72  HOH HOH A . 
F 4 HOH 4   2104 100 HOH HOH A . 
F 4 HOH 5   2105 21  HOH HOH A . 
F 4 HOH 6   2106 114 HOH HOH A . 
F 4 HOH 7   2107 22  HOH HOH A . 
F 4 HOH 8   2108 169 HOH HOH A . 
F 4 HOH 9   2109 36  HOH HOH A . 
F 4 HOH 10  2110 19  HOH HOH A . 
F 4 HOH 11  2111 74  HOH HOH A . 
F 4 HOH 12  2112 92  HOH HOH A . 
F 4 HOH 13  2113 44  HOH HOH A . 
F 4 HOH 14  2114 40  HOH HOH A . 
F 4 HOH 15  2115 14  HOH HOH A . 
F 4 HOH 16  2116 146 HOH HOH A . 
F 4 HOH 17  2117 37  HOH HOH A . 
F 4 HOH 18  2118 20  HOH HOH A . 
F 4 HOH 19  2119 107 HOH HOH A . 
F 4 HOH 20  2120 39  HOH HOH A . 
F 4 HOH 21  2121 32  HOH HOH A . 
F 4 HOH 22  2122 34  HOH HOH A . 
F 4 HOH 23  2123 47  HOH HOH A . 
F 4 HOH 24  2124 61  HOH HOH A . 
F 4 HOH 25  2125 208 HOH HOH A . 
F 4 HOH 26  2126 26  HOH HOH A . 
F 4 HOH 27  2127 70  HOH HOH A . 
F 4 HOH 28  2128 2   HOH HOH A . 
F 4 HOH 29  2129 88  HOH HOH A . 
F 4 HOH 30  2130 46  HOH HOH A . 
F 4 HOH 31  2131 93  HOH HOH A . 
F 4 HOH 32  2132 68  HOH HOH A . 
F 4 HOH 33  2133 139 HOH HOH A . 
F 4 HOH 34  2134 73  HOH HOH A . 
F 4 HOH 35  2135 52  HOH HOH A . 
F 4 HOH 36  2136 163 HOH HOH A . 
F 4 HOH 37  2137 7   HOH HOH A . 
F 4 HOH 38  2138 6   HOH HOH A . 
F 4 HOH 39  2139 10  HOH HOH A . 
F 4 HOH 40  2140 23  HOH HOH A . 
F 4 HOH 41  2141 45  HOH HOH A . 
F 4 HOH 42  2142 152 HOH HOH A . 
F 4 HOH 43  2143 35  HOH HOH A . 
F 4 HOH 44  2144 75  HOH HOH A . 
F 4 HOH 45  2145 91  HOH HOH A . 
F 4 HOH 46  2146 62  HOH HOH A . 
F 4 HOH 47  2147 41  HOH HOH A . 
F 4 HOH 48  2148 9   HOH HOH A . 
F 4 HOH 49  2149 145 HOH HOH A . 
F 4 HOH 50  2150 48  HOH HOH A . 
F 4 HOH 51  2151 90  HOH HOH A . 
F 4 HOH 52  2152 5   HOH HOH A . 
F 4 HOH 53  2153 182 HOH HOH A . 
F 4 HOH 54  2154 51  HOH HOH A . 
F 4 HOH 55  2155 4   HOH HOH A . 
F 4 HOH 56  2156 16  HOH HOH A . 
F 4 HOH 57  2157 193 HOH HOH A . 
F 4 HOH 58  2158 76  HOH HOH A . 
F 4 HOH 59  2159 80  HOH HOH A . 
F 4 HOH 60  2160 189 HOH HOH A . 
F 4 HOH 61  2161 25  HOH HOH A . 
F 4 HOH 62  2162 190 HOH HOH A . 
F 4 HOH 63  2163 206 HOH HOH A . 
F 4 HOH 64  2164 81  HOH HOH A . 
F 4 HOH 65  2165 30  HOH HOH A . 
F 4 HOH 66  2166 28  HOH HOH A . 
F 4 HOH 67  2167 144 HOH HOH A . 
F 4 HOH 68  2168 137 HOH HOH A . 
F 4 HOH 69  2169 54  HOH HOH A . 
F 4 HOH 70  2170 149 HOH HOH A . 
F 4 HOH 71  2171 174 HOH HOH A . 
F 4 HOH 72  2172 17  HOH HOH A . 
F 4 HOH 73  2173 27  HOH HOH A . 
F 4 HOH 74  2174 15  HOH HOH A . 
F 4 HOH 75  2175 148 HOH HOH A . 
F 4 HOH 76  2176 1   HOH HOH A . 
F 4 HOH 77  2177 117 HOH HOH A . 
F 4 HOH 78  2178 196 HOH HOH A . 
F 4 HOH 79  2179 209 HOH HOH A . 
F 4 HOH 80  2180 120 HOH HOH A . 
F 4 HOH 81  2181 18  HOH HOH A . 
F 4 HOH 82  2182 63  HOH HOH A . 
F 4 HOH 83  2183 105 HOH HOH A . 
F 4 HOH 84  2184 56  HOH HOH A . 
F 4 HOH 85  2185 12  HOH HOH A . 
F 4 HOH 86  2186 57  HOH HOH A . 
F 4 HOH 87  2187 166 HOH HOH A . 
F 4 HOH 88  2188 53  HOH HOH A . 
F 4 HOH 89  2189 158 HOH HOH A . 
F 4 HOH 90  2190 207 HOH HOH A . 
F 4 HOH 91  2191 191 HOH HOH A . 
F 4 HOH 92  2192 24  HOH HOH A . 
F 4 HOH 93  2193 50  HOH HOH A . 
F 4 HOH 94  2194 64  HOH HOH A . 
F 4 HOH 95  2195 106 HOH HOH A . 
F 4 HOH 96  2196 77  HOH HOH A . 
F 4 HOH 97  2197 164 HOH HOH A . 
F 4 HOH 98  2198 171 HOH HOH A . 
F 4 HOH 99  2199 173 HOH HOH A . 
F 4 HOH 100 2200 170 HOH HOH A . 
F 4 HOH 101 2201 33  HOH HOH A . 
F 4 HOH 102 2202 65  HOH HOH A . 
F 4 HOH 103 2203 85  HOH HOH A . 
F 4 HOH 104 2204 172 HOH HOH A . 
F 4 HOH 105 2205 66  HOH HOH A . 
F 4 HOH 106 2206 8   HOH HOH A . 
F 4 HOH 107 2207 11  HOH HOH A . 
F 4 HOH 108 2208 29  HOH HOH A . 
F 4 HOH 109 2209 156 HOH HOH A . 
F 4 HOH 110 2210 154 HOH HOH A . 
F 4 HOH 111 2211 59  HOH HOH A . 
F 4 HOH 112 2212 126 HOH HOH A . 
F 4 HOH 113 2213 101 HOH HOH A . 
F 4 HOH 114 2214 95  HOH HOH A . 
F 4 HOH 115 2215 3   HOH HOH A . 
F 4 HOH 116 2216 98  HOH HOH A . 
F 4 HOH 117 2217 205 HOH HOH A . 
F 4 HOH 118 2218 103 HOH HOH A . 
F 4 HOH 119 2219 147 HOH HOH A . 
F 4 HOH 120 2220 83  HOH HOH A . 
F 4 HOH 121 2221 201 HOH HOH A . 
F 4 HOH 122 2222 181 HOH HOH A . 
F 4 HOH 123 2223 138 HOH HOH A . 
F 4 HOH 124 2224 113 HOH HOH A . 
F 4 HOH 125 2225 178 HOH HOH A . 
F 4 HOH 126 2226 160 HOH HOH A . 
F 4 HOH 127 2227 124 HOH HOH A . 
F 4 HOH 128 2228 162 HOH HOH A . 
F 4 HOH 129 2229 99  HOH HOH A . 
F 4 HOH 130 2230 153 HOH HOH A . 
F 4 HOH 131 2231 82  HOH HOH A . 
F 4 HOH 132 2232 69  HOH HOH A . 
F 4 HOH 133 2233 157 HOH HOH A . 
F 4 HOH 134 2234 132 HOH HOH A . 
F 4 HOH 135 2235 129 HOH HOH A . 
F 4 HOH 136 2236 188 HOH HOH A . 
F 4 HOH 137 2237 168 HOH HOH A . 
F 4 HOH 138 2238 143 HOH HOH A . 
F 4 HOH 139 2239 130 HOH HOH A . 
F 4 HOH 140 2240 194 HOH HOH A . 
F 4 HOH 141 2241 185 HOH HOH A . 
F 4 HOH 142 2242 97  HOH HOH A . 
F 4 HOH 143 2243 108 HOH HOH A . 
F 4 HOH 144 2244 141 HOH HOH A . 
F 4 HOH 145 2245 135 HOH HOH A . 
F 4 HOH 146 2246 123 HOH HOH A . 
F 4 HOH 147 2247 187 HOH HOH A . 
F 4 HOH 148 2248 161 HOH HOH A . 
F 4 HOH 149 2249 119 HOH HOH A . 
F 4 HOH 150 2250 176 HOH HOH A . 
F 4 HOH 151 2251 31  HOH HOH A . 
F 4 HOH 152 2252 43  HOH HOH A . 
F 4 HOH 153 2253 102 HOH HOH A . 
F 4 HOH 154 2254 192 HOH HOH A . 
F 4 HOH 155 2255 96  HOH HOH A . 
F 4 HOH 156 2256 60  HOH HOH A . 
F 4 HOH 157 2257 49  HOH HOH A . 
F 4 HOH 158 2258 198 HOH HOH A . 
F 4 HOH 159 2259 199 HOH HOH A . 
F 4 HOH 160 2260 112 HOH HOH A . 
F 4 HOH 161 2261 183 HOH HOH A . 
F 4 HOH 162 2262 151 HOH HOH A . 
F 4 HOH 163 2263 195 HOH HOH A . 
F 4 HOH 164 2264 71  HOH HOH A . 
F 4 HOH 165 2265 150 HOH HOH A . 
F 4 HOH 166 2266 134 HOH HOH A . 
F 4 HOH 167 2267 184 HOH HOH A . 
F 4 HOH 168 2268 86  HOH HOH A . 
F 4 HOH 169 2269 79  HOH HOH A . 
F 4 HOH 170 2270 58  HOH HOH A . 
F 4 HOH 171 2271 202 HOH HOH A . 
F 4 HOH 172 2272 128 HOH HOH A . 
F 4 HOH 173 2273 110 HOH HOH A . 
F 4 HOH 174 2274 94  HOH HOH A . 
F 4 HOH 175 2275 89  HOH HOH A . 
F 4 HOH 176 2276 136 HOH HOH A . 
F 4 HOH 177 2277 104 HOH HOH A . 
F 4 HOH 178 2278 55  HOH HOH A . 
F 4 HOH 179 2279 42  HOH HOH A . 
F 4 HOH 180 2280 155 HOH HOH A . 
F 4 HOH 181 2281 115 HOH HOH A . 
F 4 HOH 182 2282 118 HOH HOH A . 
F 4 HOH 183 2283 78  HOH HOH A . 
F 4 HOH 184 2284 87  HOH HOH A . 
F 4 HOH 185 2285 111 HOH HOH A . 
F 4 HOH 186 2286 127 HOH HOH A . 
F 4 HOH 187 2287 109 HOH HOH A . 
F 4 HOH 188 2288 180 HOH HOH A . 
F 4 HOH 189 2289 159 HOH HOH A . 
F 4 HOH 190 2290 121 HOH HOH A . 
F 4 HOH 191 2291 197 HOH HOH A . 
F 4 HOH 192 2292 186 HOH HOH A . 
F 4 HOH 193 2293 165 HOH HOH A . 
F 4 HOH 194 2294 179 HOH HOH A . 
F 4 HOH 195 2295 67  HOH HOH A . 
F 4 HOH 196 2296 204 HOH HOH A . 
F 4 HOH 197 2297 140 HOH HOH A . 
F 4 HOH 198 2298 131 HOH HOH A . 
F 4 HOH 199 2299 177 HOH HOH A . 
F 4 HOH 200 2300 175 HOH HOH A . 
F 4 HOH 201 2301 142 HOH HOH A . 
F 4 HOH 202 2302 122 HOH HOH A . 
F 4 HOH 203 2303 203 HOH HOH A . 
F 4 HOH 204 2304 133 HOH HOH A . 
F 4 HOH 205 2305 125 HOH HOH A . 
# 
loop_
_pdbx_unobs_or_zero_occ_atoms.id 
_pdbx_unobs_or_zero_occ_atoms.PDB_model_num 
_pdbx_unobs_or_zero_occ_atoms.polymer_flag 
_pdbx_unobs_or_zero_occ_atoms.occupancy_flag 
_pdbx_unobs_or_zero_occ_atoms.auth_asym_id 
_pdbx_unobs_or_zero_occ_atoms.auth_comp_id 
_pdbx_unobs_or_zero_occ_atoms.auth_seq_id 
_pdbx_unobs_or_zero_occ_atoms.PDB_ins_code 
_pdbx_unobs_or_zero_occ_atoms.auth_atom_id 
_pdbx_unobs_or_zero_occ_atoms.label_alt_id 
_pdbx_unobs_or_zero_occ_atoms.label_asym_id 
_pdbx_unobs_or_zero_occ_atoms.label_comp_id 
_pdbx_unobs_or_zero_occ_atoms.label_seq_id 
_pdbx_unobs_or_zero_occ_atoms.label_atom_id 
1  1 Y 1 A LYS 1860 ? CG ? A LYS 26  CG 
2  1 Y 1 A LYS 1860 ? CD ? A LYS 26  CD 
3  1 Y 1 A LYS 1860 ? CE ? A LYS 26  CE 
4  1 Y 1 A LYS 1860 ? NZ ? A LYS 26  NZ 
5  1 Y 1 A LYS 1863 ? CG ? A LYS 29  CG 
6  1 Y 1 A LYS 1863 ? CD ? A LYS 29  CD 
7  1 Y 1 A LYS 1863 ? CE ? A LYS 29  CE 
8  1 Y 1 A LYS 1863 ? NZ ? A LYS 29  NZ 
9  1 Y 1 A LYS 1868 ? CE ? A LYS 34  CE 
10 1 Y 1 A LYS 1868 ? NZ ? A LYS 34  NZ 
11 1 Y 1 A LYS 1970 ? CG ? A LYS 136 CG 
12 1 Y 1 A LYS 1970 ? CD ? A LYS 136 CD 
13 1 Y 1 A LYS 1970 ? CE ? A LYS 136 CE 
14 1 Y 1 A LYS 1970 ? NZ ? A LYS 136 NZ 
# 
loop_
_software.pdbx_ordinal 
_software.name 
_software.version 
_software.date 
_software.type 
_software.contact_author 
_software.contact_author_email 
_software.classification 
_software.location 
_software.language 
_software.citation_id 
1 PHENIX      1.9_1682 ?               package 'Paul D. Adams' PDAdams@lbl.gov          refinement        
http://www.phenix-online.org/                       C++ ? 
2 Aimless     0.1.29   21/08/12        program 'Phil Evans'    ?                        'data scaling'    
http://www.mrc-lmb.cam.ac.uk/harry/pre/aimless.html ?   ? 
3 PDB_EXTRACT 3.23     'SEP. 23, 2016' package PDB             deposit@deposit.rcsb.org 'data extraction' 
http://sw-tools.pdb.org/apps/PDB_EXTRACT/           C++ ? 
4 XDS         .        ?               program ?               ?                        'data reduction'  ? ?   ? 
5 REFMAC      .        ?               program ?               ?                        phasing           ? ?   ? 
# 
_cell.entry_id           5PB7 
_cell.length_a           81.403 
_cell.length_b           96.831 
_cell.length_c           57.784 
_cell.angle_alpha        90.000 
_cell.angle_beta         90.000 
_cell.angle_gamma        90.000 
_cell.Z_PDB              8 
_cell.pdbx_unique_axis   ? 
# 
_symmetry.entry_id                         5PB7 
_symmetry.space_group_name_H-M             'C 2 2 21' 
_symmetry.pdbx_full_space_group_name_H-M   ? 
_symmetry.cell_setting                     ? 
_symmetry.Int_Tables_number                20 
# 
_exptl.crystals_number   1 
_exptl.entry_id          5PB7 
_exptl.method            'X-RAY DIFFRACTION' 
# 
_exptl_crystal.id                    1 
_exptl_crystal.pdbx_mosaicity        0.160 
_exptl_crystal.pdbx_mosaicity_esd    ? 
_exptl_crystal.density_Matthews      3.54 
_exptl_crystal.density_diffrn        ? 
_exptl_crystal.density_meas          ? 
_exptl_crystal.density_meas_temp     ? 
_exptl_crystal.density_percent_sol   65.24 
_exptl_crystal.size_max              ? 
_exptl_crystal.size_mid              ? 
_exptl_crystal.size_min              ? 
_exptl_crystal.size_rad              ? 
_exptl_crystal.description           ? 
# 
_exptl_crystal_grow.crystal_id      1 
_exptl_crystal_grow.method          'VAPOR DIFFUSION, SITTING DROP' 
_exptl_crystal_grow.pH              7 
_exptl_crystal_grow.temp            277 
_exptl_crystal_grow.pdbx_details    '30% PEG600 -- 0.1M MES pH 6.0' 
_exptl_crystal_grow.temp_details    ? 
_exptl_crystal_grow.pdbx_pH_range   ? 
# 
_diffrn.id                     1 
_diffrn.ambient_temp           100 
_diffrn.crystal_id             1 
_diffrn.ambient_temp_details   ? 
# 
_diffrn_detector.detector               PIXEL 
_diffrn_detector.type                   'DECTRIS PILATUS 2M' 
_diffrn_detector.pdbx_collection_date   2013-03-10 
_diffrn_detector.diffrn_id              1 
_diffrn_detector.details                ? 
# 
_diffrn_radiation.diffrn_id                        1 
_diffrn_radiation.wavelength_id                    1 
_diffrn_radiation.pdbx_diffrn_protocol             'SINGLE WAVELENGTH' 
_diffrn_radiation.pdbx_monochromatic_or_laue_m_l   ? 
_diffrn_radiation.monochromator                    ? 
_diffrn_radiation.pdbx_scattering_type             x-ray 
# 
_diffrn_radiation_wavelength.id           1 
_diffrn_radiation_wavelength.wavelength   0.9200 
_diffrn_radiation_wavelength.wt           1.0 
# 
_diffrn_source.diffrn_id                   1 
_diffrn_source.source                      SYNCHROTRON 
_diffrn_source.type                        'DIAMOND BEAMLINE I04-1' 
_diffrn_source.pdbx_wavelength_list        0.9200 
_diffrn_source.pdbx_synchrotron_site       Diamond 
_diffrn_source.pdbx_synchrotron_beamline   I04-1 
_diffrn_source.pdbx_wavelength             ? 
# 
_reflns.entry_id                     5PB7 
_reflns.pdbx_diffrn_id               1 
_reflns.pdbx_ordinal                 1 
_reflns.observed_criterion_sigma_I   ? 
_reflns.observed_criterion_sigma_F   ? 
_reflns.d_resolution_low             28.890 
_reflns.d_resolution_high            1.650 
_reflns.number_obs                   25139 
_reflns.number_all                   ? 
_reflns.percent_possible_obs         91.100 
_reflns.pdbx_Rmerge_I_obs            0.070 
_reflns.pdbx_Rsym_value              ? 
_reflns.pdbx_netI_over_sigmaI        14.000 
_reflns.B_iso_Wilson_estimate        27.890 
_reflns.pdbx_redundancy              6.900 
_reflns.pdbx_Rrim_I_all              0.076 
_reflns.pdbx_Rpim_I_all              0.029 
_reflns.pdbx_CC_half                 0.999 
_reflns.pdbx_netI_over_av_sigmaI     ? 
_reflns.pdbx_number_measured_all     173049 
_reflns.pdbx_scaling_rejects         0 
_reflns.pdbx_chi_squared             ? 
_reflns.Rmerge_F_all                 ? 
_reflns.Rmerge_F_obs                 ? 
_reflns.observed_criterion_F_max     ? 
_reflns.observed_criterion_F_min     ? 
_reflns.observed_criterion_I_max     ? 
_reflns.observed_criterion_I_min     ? 
_reflns.pdbx_d_res_high_opt          ? 
_reflns.pdbx_d_res_low_opt           ? 
_reflns.details                      ? 
# 
loop_
_reflns_shell.pdbx_diffrn_id 
_reflns_shell.pdbx_ordinal 
_reflns_shell.d_res_high 
_reflns_shell.d_res_low 
_reflns_shell.number_measured_obs 
_reflns_shell.number_measured_all 
_reflns_shell.number_unique_obs 
_reflns_shell.pdbx_rejects 
_reflns_shell.Rmerge_I_obs 
_reflns_shell.meanI_over_sigI_obs 
_reflns_shell.pdbx_Rsym_value 
_reflns_shell.pdbx_chi_squared 
_reflns_shell.pdbx_redundancy 
_reflns_shell.percent_possible_obs 
_reflns_shell.pdbx_netI_over_sigmaI_obs 
_reflns_shell.number_possible 
_reflns_shell.number_unique_all 
_reflns_shell.Rmerge_F_all 
_reflns_shell.Rmerge_F_obs 
_reflns_shell.Rmerge_I_all 
_reflns_shell.meanI_over_sigI_all 
_reflns_shell.percent_possible_all 
_reflns_shell.pdbx_Rrim_I_all 
_reflns_shell.pdbx_Rpim_I_all 
_reflns_shell.pdbx_CC_half 
1 1 1.650 1.680  ? 4184 ? ? 0.996 ? ? ? 5.000 ? 1.400  ? 839 ? ? ? ? 60.700 1.104 0.462 0.736 
1 2 8.900 28.890 ? 1262 ? ? 0.034 ? ? ? 6.200 ? 37.700 ? 204 ? ? ? ? 96.900 0.037 0.014 0.999 
# 
_refine.entry_id                                 5PB7 
_refine.pdbx_refine_id                           'X-RAY DIFFRACTION' 
_refine.ls_d_res_high                            1.6550 
_refine.ls_d_res_low                             28.890 
_refine.pdbx_ls_sigma_F                          1.340 
_refine.pdbx_data_cutoff_high_absF               ? 
_refine.pdbx_data_cutoff_low_absF                ? 
_refine.ls_percent_reflns_obs                    90.8500 
_refine.ls_number_reflns_obs                     25100 
_refine.ls_number_reflns_all                     ? 
_refine.pdbx_ls_cross_valid_method               THROUGHOUT 
_refine.ls_matrix_type                           ? 
_refine.pdbx_R_Free_selection_details            ? 
_refine.details                                  ? 
_refine.ls_R_factor_all                          ? 
_refine.ls_R_factor_obs                          0.1785 
_refine.ls_R_factor_R_work                       0.1772 
_refine.ls_wR_factor_R_work                      ? 
_refine.ls_R_factor_R_free                       0.2031 
_refine.ls_wR_factor_R_free                      ? 
_refine.ls_percent_reflns_R_free                 5.0100 
_refine.ls_number_reflns_R_free                  1257 
_refine.ls_number_reflns_R_work                  23843 
_refine.ls_R_factor_R_free_error                 ? 
_refine.B_iso_mean                               34.0056 
_refine.solvent_model_param_bsol                 ? 
_refine.solvent_model_param_ksol                 ? 
_refine.pdbx_isotropic_thermal_model             ? 
_refine.aniso_B[1][1]                            ? 
_refine.aniso_B[2][2]                            ? 
_refine.aniso_B[3][3]                            ? 
_refine.aniso_B[1][2]                            ? 
_refine.aniso_B[1][3]                            ? 
_refine.aniso_B[2][3]                            ? 
_refine.correlation_coeff_Fo_to_Fc               ? 
_refine.correlation_coeff_Fo_to_Fc_free          ? 
_refine.overall_SU_R_Cruickshank_DPI             ? 
_refine.pdbx_overall_SU_R_free_Cruickshank_DPI   ? 
_refine.pdbx_overall_SU_R_Blow_DPI               ? 
_refine.pdbx_overall_SU_R_free_Blow_DPI          ? 
_refine.overall_SU_R_free                        ? 
_refine.pdbx_overall_ESU_R                       ? 
_refine.pdbx_overall_ESU_R_Free                  ? 
_refine.overall_SU_ML                            0.2400 
_refine.overall_SU_B                             ? 
_refine.solvent_model_details                    'FLAT BULK SOLVENT MODEL' 
_refine.pdbx_solvent_vdw_probe_radii             1.1100 
_refine.pdbx_solvent_ion_probe_radii             ? 
_refine.pdbx_solvent_shrinkage_radii             0.9000 
_refine.ls_number_parameters                     ? 
_refine.ls_number_restraints                     ? 
_refine.pdbx_starting_model                      3G0L 
_refine.pdbx_method_to_determine_struct          'FOURIER SYNTHESIS' 
_refine.pdbx_stereochemistry_target_values       ML 
_refine.pdbx_stereochem_target_val_spec_case     ? 
_refine.overall_FOM_work_R_set                   ? 
_refine.B_iso_max                                86.110 
_refine.B_iso_min                                17.060 
_refine.pdbx_overall_phase_error                 24.1100 
_refine.occupancy_max                            ? 
_refine.occupancy_min                            ? 
_refine.pdbx_diffrn_id                           1 
_refine.pdbx_TLS_residual_ADP_flag               ? 
_refine.pdbx_ls_sigma_I                          ? 
_refine.pdbx_data_cutoff_high_rms_absF           ? 
_refine.ls_R_factor_R_free_error_details         ? 
# 
_refine_hist.cycle_id                         final 
_refine_hist.pdbx_refine_id                   'X-RAY DIFFRACTION' 
_refine_hist.d_res_high                       1.6550 
_refine_hist.d_res_low                        28.890 
_refine_hist.pdbx_number_atoms_ligand         45 
_refine_hist.number_atoms_solvent             207 
_refine_hist.number_atoms_total               1178 
_refine_hist.pdbx_number_residues_total       115 
_refine_hist.pdbx_B_iso_mean_ligand           45.58 
_refine_hist.pdbx_B_iso_mean_solvent          47.81 
_refine_hist.pdbx_number_atoms_protein        926 
_refine_hist.pdbx_number_atoms_nucleic_acid   0 
# 
loop_
_refine_ls_restr.pdbx_refine_id 
_refine_ls_restr.type 
_refine_ls_restr.number 
_refine_ls_restr.dev_ideal 
_refine_ls_restr.dev_ideal_target 
_refine_ls_restr.weight 
_refine_ls_restr.pdbx_restraint_function 
'X-RAY DIFFRACTION' f_bond_d           1050 0.007  ? ? ? 
'X-RAY DIFFRACTION' f_angle_d          1419 1.000  ? ? ? 
'X-RAY DIFFRACTION' f_chiral_restr     151  0.040  ? ? ? 
'X-RAY DIFFRACTION' f_plane_restr      184  0.004  ? ? ? 
'X-RAY DIFFRACTION' f_dihedral_angle_d 426  13.162 ? ? ? 
# 
loop_
_refine_ls_shell.d_res_high 
_refine_ls_shell.d_res_low 
_refine_ls_shell.pdbx_total_number_of_bins_used 
_refine_ls_shell.percent_reflns_obs 
_refine_ls_shell.number_reflns_R_work 
_refine_ls_shell.R_factor_all 
_refine_ls_shell.R_factor_R_work 
_refine_ls_shell.R_factor_R_free 
_refine_ls_shell.percent_reflns_R_free 
_refine_ls_shell.number_reflns_R_free 
_refine_ls_shell.R_factor_R_free_error 
_refine_ls_shell.number_reflns_all 
_refine_ls_shell.number_reflns_obs 
_refine_ls_shell.pdbx_refine_id 
1.6547 1.7209  9 79.0000 2271 . 0.3417 0.3928 . 123 . 2394 . 'X-RAY DIFFRACTION' 
1.7209 1.7992  9 94.0000 2694 . 0.2812 0.3122 . 141 . 2835 . 'X-RAY DIFFRACTION' 
1.7992 1.8941  9 93.0000 2659 . 0.2432 0.2755 . 162 . 2821 . 'X-RAY DIFFRACTION' 
1.8941 2.0127  9 93.0000 2702 . 0.2074 0.2328 . 127 . 2829 . 'X-RAY DIFFRACTION' 
2.0127 2.1681  9 92.0000 2642 . 0.1845 0.2442 . 140 . 2782 . 'X-RAY DIFFRACTION' 
2.1681 2.3861  9 85.0000 2474 . 0.1772 0.2150 . 129 . 2603 . 'X-RAY DIFFRACTION' 
2.3861 2.7312  9 96.0000 2819 . 0.1720 0.1901 . 125 . 2944 . 'X-RAY DIFFRACTION' 
2.7312 3.4401  9 94.0000 2758 . 0.1720 0.1955 . 164 . 2922 . 'X-RAY DIFFRACTION' 
3.4401 28.8964 9 92.0000 2824 . 0.1528 0.1717 . 146 . 2970 . 'X-RAY DIFFRACTION' 
# 
_struct.entry_id                  5PB7 
_struct.title                     'PanDDA analysis group deposition -- Crystal Structure of BAZ2B in complex with N09440a' 
_struct.pdbx_model_details        ? 
_struct.pdbx_CASP_flag            ? 
_struct.pdbx_model_type_details   ? 
# 
_struct_keywords.entry_id        5PB7 
_struct_keywords.text            'PanDDA, SGC - Diamond I04-1 fragment screening, bromodomain, epigenetics, DNA BINDING PROTEIN' 
_struct_keywords.pdbx_keywords   'DNA BINDING PROTEIN' 
# 
loop_
_struct_asym.id 
_struct_asym.pdbx_blank_PDB_chainid_flag 
_struct_asym.pdbx_modified 
_struct_asym.entity_id 
_struct_asym.details 
A N N 1 ? 
B N N 2 ? 
C N N 2 ? 
D N N 2 ? 
E N N 3 ? 
F N N 4 ? 
# 
_struct_ref.id                         1 
_struct_ref.db_name                    UNP 
_struct_ref.db_code                    BAZ2B_HUMAN 
_struct_ref.pdbx_db_accession          Q9UIF8 
_struct_ref.pdbx_db_isoform            Q9UIF8-2 
_struct_ref.entity_id                  1 
_struct_ref.pdbx_seq_one_letter_code   
;SVKKPKRDDSKDLALCSMILTEMETHEDAWPFLLPVNLKLVPGYKKVIKKPMDFSTIREKLSSGQYPNLETFALDVRLVF
DNCETFNEDDSDIGRAGHNMRKYFEKKWTDTFKVS
;
_struct_ref.pdbx_align_begin           1954 
# 
_struct_ref_seq.align_id                      1 
_struct_ref_seq.ref_id                        1 
_struct_ref_seq.pdbx_PDB_id_code              5PB7 
_struct_ref_seq.pdbx_strand_id                A 
_struct_ref_seq.seq_align_beg                 24 
_struct_ref_seq.pdbx_seq_align_beg_ins_code   ? 
_struct_ref_seq.seq_align_end                 138 
_struct_ref_seq.pdbx_seq_align_end_ins_code   ? 
_struct_ref_seq.pdbx_db_accession             Q9UIF8 
_struct_ref_seq.db_align_beg                  1954 
_struct_ref_seq.pdbx_db_align_beg_ins_code    ? 
_struct_ref_seq.db_align_end                  2068 
_struct_ref_seq.pdbx_db_align_end_ins_code    ? 
_struct_ref_seq.pdbx_auth_seq_align_beg       1858 
_struct_ref_seq.pdbx_auth_seq_align_end       1972 
# 
loop_
_struct_ref_seq_dif.align_id 
_struct_ref_seq_dif.pdbx_pdb_id_code 
_struct_ref_seq_dif.mon_id 
_struct_ref_seq_dif.pdbx_pdb_strand_id 
_struct_ref_seq_dif.seq_num 
_struct_ref_seq_dif.pdbx_pdb_ins_code 
_struct_ref_seq_dif.pdbx_seq_db_name 
_struct_ref_seq_dif.pdbx_seq_db_accession_code 
_struct_ref_seq_dif.db_mon_id 
_struct_ref_seq_dif.pdbx_seq_db_seq_num 
_struct_ref_seq_dif.details 
_struct_ref_seq_dif.pdbx_auth_seq_num 
_struct_ref_seq_dif.pdbx_ordinal 
1 5PB7 MET A 1  ? UNP Q9UIF8 ? ? 'expression tag' 1835 1  
1 5PB7 HIS A 2  ? UNP Q9UIF8 ? ? 'expression tag' 1836 2  
1 5PB7 HIS A 3  ? UNP Q9UIF8 ? ? 'expression tag' 1837 3  
1 5PB7 HIS A 4  ? UNP Q9UIF8 ? ? 'expression tag' 1838 4  
1 5PB7 HIS A 5  ? UNP Q9UIF8 ? ? 'expression tag' 1839 5  
1 5PB7 HIS A 6  ? UNP Q9UIF8 ? ? 'expression tag' 1840 6  
1 5PB7 HIS A 7  ? UNP Q9UIF8 ? ? 'expression tag' 1841 7  
1 5PB7 SER A 8  ? UNP Q9UIF8 ? ? 'expression tag' 1842 8  
1 5PB7 SER A 9  ? UNP Q9UIF8 ? ? 'expression tag' 1843 9  
1 5PB7 GLY A 10 ? UNP Q9UIF8 ? ? 'expression tag' 1844 10 
1 5PB7 VAL A 11 ? UNP Q9UIF8 ? ? 'expression tag' 1845 11 
1 5PB7 ASP A 12 ? UNP Q9UIF8 ? ? 'expression tag' 1846 12 
1 5PB7 LEU A 13 ? UNP Q9UIF8 ? ? 'expression tag' 1847 13 
1 5PB7 GLY A 14 ? UNP Q9UIF8 ? ? 'expression tag' 1848 14 
1 5PB7 THR A 15 ? UNP Q9UIF8 ? ? 'expression tag' 1849 15 
1 5PB7 GLU A 16 ? UNP Q9UIF8 ? ? 'expression tag' 1850 16 
1 5PB7 ASN A 17 ? UNP Q9UIF8 ? ? 'expression tag' 1851 17 
1 5PB7 LEU A 18 ? UNP Q9UIF8 ? ? 'expression tag' 1852 18 
1 5PB7 TYR A 19 ? UNP Q9UIF8 ? ? 'expression tag' 1853 19 
1 5PB7 PHE A 20 ? UNP Q9UIF8 ? ? 'expression tag' 1854 20 
1 5PB7 GLN A 21 ? UNP Q9UIF8 ? ? 'expression tag' 1855 21 
1 5PB7 SER A 22 ? UNP Q9UIF8 ? ? 'expression tag' 1856 22 
1 5PB7 MET A 23 ? UNP Q9UIF8 ? ? 'expression tag' 1857 23 
# 
_pdbx_struct_assembly.id                   1 
_pdbx_struct_assembly.details              author_defined_assembly 
_pdbx_struct_assembly.method_details       ? 
_pdbx_struct_assembly.oligomeric_details   monomeric 
_pdbx_struct_assembly.oligomeric_count     1 
# 
_pdbx_struct_assembly_gen.assembly_id       1 
_pdbx_struct_assembly_gen.oper_expression   1 
_pdbx_struct_assembly_gen.asym_id_list      A,B,C,D,E,F 
# 
_pdbx_struct_oper_list.id                   1 
_pdbx_struct_oper_list.type                 'identity operation' 
_pdbx_struct_oper_list.name                 1_555 
_pdbx_struct_oper_list.symmetry_operation   x,y,z 
_pdbx_struct_oper_list.matrix[1][1]         1.0000000000 
_pdbx_struct_oper_list.matrix[1][2]         0.0000000000 
_pdbx_struct_oper_list.matrix[1][3]         0.0000000000 
_pdbx_struct_oper_list.vector[1]            0.0000000000 
_pdbx_struct_oper_list.matrix[2][1]         0.0000000000 
_pdbx_struct_oper_list.matrix[2][2]         1.0000000000 
_pdbx_struct_oper_list.matrix[2][3]         0.0000000000 
_pdbx_struct_oper_list.vector[2]            0.0000000000 
_pdbx_struct_oper_list.matrix[3][1]         0.0000000000 
_pdbx_struct_oper_list.matrix[3][2]         0.0000000000 
_pdbx_struct_oper_list.matrix[3][3]         1.0000000000 
_pdbx_struct_oper_list.vector[3]            0.0000000000 
# 
loop_
_struct_conf.conf_type_id 
_struct_conf.id 
_struct_conf.pdbx_PDB_helix_id 
_struct_conf.beg_label_comp_id 
_struct_conf.beg_label_asym_id 
_struct_conf.beg_label_seq_id 
_struct_conf.pdbx_beg_PDB_ins_code 
_struct_conf.end_label_comp_id 
_struct_conf.end_label_asym_id 
_struct_conf.end_label_seq_id 
_struct_conf.pdbx_end_PDB_ins_code 
_struct_conf.beg_auth_comp_id 
_struct_conf.beg_auth_asym_id 
_struct_conf.beg_auth_seq_id 
_struct_conf.end_auth_comp_id 
_struct_conf.end_auth_asym_id 
_struct_conf.end_auth_seq_id 
_struct_conf.pdbx_PDB_helix_class 
_struct_conf.details 
_struct_conf.pdbx_PDB_helix_length 
HELX_P HELX_P1 AA1 LYS A 34  ? THR A 48  ? LYS A 1868 THR A 1882 1 ? 15 
HELX_P HELX_P2 AA2 HIS A 49  ? LEU A 56  ? HIS A 1883 LEU A 1890 5 ? 8  
HELX_P HELX_P3 AA3 GLY A 66  ? ILE A 71  ? GLY A 1900 ILE A 1905 1 ? 6  
HELX_P HELX_P4 AA4 ASP A 76  ? SER A 86  ? ASP A 1910 SER A 1920 1 ? 11 
HELX_P HELX_P5 AA5 ASN A 91  ? ASN A 110 ? ASN A 1925 ASN A 1944 1 ? 20 
HELX_P HELX_P6 AA6 SER A 114 ? LYS A 136 ? SER A 1948 LYS A 1970 1 ? 23 
# 
_struct_conf_type.id          HELX_P 
_struct_conf_type.criteria    ? 
_struct_conf_type.reference   ? 
# 
loop_
_struct_site.id 
_struct_site.pdbx_evidence_code 
_struct_site.pdbx_auth_asym_id 
_struct_site.pdbx_auth_comp_id 
_struct_site.pdbx_auth_seq_id 
_struct_site.pdbx_auth_ins_code 
_struct_site.pdbx_num_residues 
_struct_site.details 
AC1 Software A EDO 2001 ? 8 'binding site for residue EDO A 2001' 
AC2 Software A EDO 2002 ? 8 'binding site for residue EDO A 2002' 
AC3 Software A EDO 2003 ? 2 'binding site for residue EDO A 2003' 
AC4 Software A 8H4 2004 ? 9 'binding site for residue 8H4 A 2004' 
# 
loop_
_struct_site_gen.id 
_struct_site_gen.site_id 
_struct_site_gen.pdbx_num_res 
_struct_site_gen.label_comp_id 
_struct_site_gen.label_asym_id 
_struct_site_gen.label_seq_id 
_struct_site_gen.pdbx_auth_ins_code 
_struct_site_gen.auth_comp_id 
_struct_site_gen.auth_asym_id 
_struct_site_gen.auth_seq_id 
_struct_site_gen.label_atom_id 
_struct_site_gen.label_alt_id 
_struct_site_gen.symmetry 
_struct_site_gen.details 
1  AC1 8 TYR A 67  ? TYR A 1901 . ? 1_555 ? 
2  AC1 8 CYS A 106 ? CYS A 1940 . ? 1_555 ? 
3  AC1 8 PHE A 109 ? PHE A 1943 . ? 1_555 ? 
4  AC1 8 ASN A 110 ? ASN A 1944 . ? 1_555 ? 
5  AC1 8 ILE A 116 ? ILE A 1950 . ? 1_555 ? 
6  AC1 8 8H4 E .   ? 8H4 A 2004 . ? 1_555 ? 
7  AC1 8 HOH F .   ? HOH A 2102 . ? 1_555 ? 
8  AC1 8 HOH F .   ? HOH A 2110 . ? 1_555 ? 
9  AC2 8 8H4 E .   ? 8H4 A 2004 . ? 1_555 ? 
10 AC2 8 HOH F .   ? HOH A 2107 . ? 1_555 ? 
11 AC2 8 HOH F .   ? HOH A 2213 . ? 1_555 ? 
12 AC2 8 HOH F .   ? HOH A 2245 . ? 1_555 ? 
13 AC2 8 HOH F .   ? HOH A 2266 . ? 1_555 ? 
14 AC2 8 HOH F .   ? HOH A 2281 . ? 1_555 ? 
15 AC2 8 HOH F .   ? HOH A 2286 . ? 1_555 ? 
16 AC2 8 HOH F .   ? HOH A 2301 . ? 1_555 ? 
17 AC3 2 GLU A 45  ? GLU A 1879 . ? 1_555 ? 
18 AC3 2 THR A 134 ? THR A 1968 . ? 1_555 ? 
19 AC4 9 PRO A 65  ? PRO A 1899 . ? 4_566 ? 
20 AC4 9 ASN A 110 ? ASN A 1944 . ? 1_555 ? 
21 AC4 9 ILE A 116 ? ILE A 1950 . ? 1_555 ? 
22 AC4 9 EDO B .   ? EDO A 2001 . ? 1_555 ? 
23 AC4 9 EDO C .   ? EDO A 2002 . ? 1_555 ? 
24 AC4 9 HOH F .   ? HOH A 2235 . ? 1_555 ? 
25 AC4 9 HOH F .   ? HOH A 2281 . ? 1_555 ? 
26 AC4 9 HOH F .   ? HOH A 2286 . ? 1_555 ? 
27 AC4 9 HOH F .   ? HOH A 2290 . ? 1_555 ? 
# 
loop_
_pdbx_validate_close_contact.id 
_pdbx_validate_close_contact.PDB_model_num 
_pdbx_validate_close_contact.auth_atom_id_1 
_pdbx_validate_close_contact.auth_asym_id_1 
_pdbx_validate_close_contact.auth_comp_id_1 
_pdbx_validate_close_contact.auth_seq_id_1 
_pdbx_validate_close_contact.PDB_ins_code_1 
_pdbx_validate_close_contact.label_alt_id_1 
_pdbx_validate_close_contact.auth_atom_id_2 
_pdbx_validate_close_contact.auth_asym_id_2 
_pdbx_validate_close_contact.auth_comp_id_2 
_pdbx_validate_close_contact.auth_seq_id_2 
_pdbx_validate_close_contact.PDB_ins_code_2 
_pdbx_validate_close_contact.label_alt_id_2 
_pdbx_validate_close_contact.dist 
1 1 O A HOH 2230 ? ? O A HOH 2262 ? ? 2.14 
2 1 O A HOH 2231 ? ? O A HOH 2280 ? ? 2.16 
3 1 O A HOH 2184 ? ? O A HOH 2208 ? ? 2.18 
4 1 O A HOH 2293 ? ? O A HOH 2297 ? ? 2.19 
5 1 O A HOH 2107 ? ? O A HOH 2218 ? ? 2.19 
# 
_pdbx_validate_torsion.id              1 
_pdbx_validate_torsion.PDB_model_num   1 
_pdbx_validate_torsion.auth_comp_id    ASP 
_pdbx_validate_torsion.auth_asym_id    A 
_pdbx_validate_torsion.auth_seq_id     1947 
_pdbx_validate_torsion.PDB_ins_code    ? 
_pdbx_validate_torsion.label_alt_id    B 
_pdbx_validate_torsion.phi             -100.63 
_pdbx_validate_torsion.psi             64.54 
# 
_phasing.method   MR 
# 
_pdbx_entry_details.nonpolymer_details       
;<BAZ2BA-x434>
<used_for_statistical_map>yes</used_for_statistical_map>
<smiles_of_compound_added>c1cc2c(cc1N)cn[nH]2</smiles_of_compound_added>
<site1>
<label>None</label>
<coordinate>13.39 42.18 42.18</coordinate>
<smiles>c1cc2c(cc1N)cn[nH]2</smiles>
<confidence>4 - High Confidence</confidence>
<comment>None</comment>
<occupancy>0.55</occupancy>
<B_average>40.329</B_average>
<B_ratio>1.3196269744474523</B_ratio>
<RSCC>0.93700000000000006</RSCC>
<RSR>0.156</RSR>
<RSZD>1.1000000000000001</RSZD>
<RMSD>0.23792835055957454</RMSD>
</site1>
</BAZ2BA-x434>
;
_pdbx_entry_details.entry_id                 5PB7 
_pdbx_entry_details.compound_details         ? 
_pdbx_entry_details.source_details           ? 
_pdbx_entry_details.sequence_details         ? 
_pdbx_entry_details.has_ligand_of_interest   ? 
# 
loop_
_pdbx_distant_solvent_atoms.id 
_pdbx_distant_solvent_atoms.PDB_model_num 
_pdbx_distant_solvent_atoms.auth_atom_id 
_pdbx_distant_solvent_atoms.label_alt_id 
_pdbx_distant_solvent_atoms.auth_asym_id 
_pdbx_distant_solvent_atoms.auth_comp_id 
_pdbx_distant_solvent_atoms.auth_seq_id 
_pdbx_distant_solvent_atoms.PDB_ins_code 
_pdbx_distant_solvent_atoms.neighbor_macromolecule_distance 
_pdbx_distant_solvent_atoms.neighbor_ligand_distance 
1 1 O ? A HOH 2300 ? 5.94 .    
2 1 O C A HOH 2301 ? .    6.22 
3 1 O C A HOH 2302 ? .    6.35 
4 1 O ? A HOH 2303 ? 6.89 .    
5 1 O ? A HOH 2304 ? 7.20 .    
6 1 O ? A HOH 2305 ? 8.07 .    
# 
loop_
_pdbx_unobs_or_zero_occ_residues.id 
_pdbx_unobs_or_zero_occ_residues.PDB_model_num 
_pdbx_unobs_or_zero_occ_residues.polymer_flag 
_pdbx_unobs_or_zero_occ_residues.occupancy_flag 
_pdbx_unobs_or_zero_occ_residues.auth_asym_id 
_pdbx_unobs_or_zero_occ_residues.auth_comp_id 
_pdbx_unobs_or_zero_occ_residues.auth_seq_id 
_pdbx_unobs_or_zero_occ_residues.PDB_ins_code 
_pdbx_unobs_or_zero_occ_residues.label_asym_id 
_pdbx_unobs_or_zero_occ_residues.label_comp_id 
_pdbx_unobs_or_zero_occ_residues.label_seq_id 
1  1 Y 1 A MET 1835 ? A MET 1   
2  1 Y 1 A HIS 1836 ? A HIS 2   
3  1 Y 1 A HIS 1837 ? A HIS 3   
4  1 Y 1 A HIS 1838 ? A HIS 4   
5  1 Y 1 A HIS 1839 ? A HIS 5   
6  1 Y 1 A HIS 1840 ? A HIS 6   
7  1 Y 1 A HIS 1841 ? A HIS 7   
8  1 Y 1 A SER 1842 ? A SER 8   
9  1 Y 1 A SER 1843 ? A SER 9   
10 1 Y 1 A GLY 1844 ? A GLY 10  
11 1 Y 1 A VAL 1845 ? A VAL 11  
12 1 Y 1 A ASP 1846 ? A ASP 12  
13 1 Y 1 A LEU 1847 ? A LEU 13  
14 1 Y 1 A GLY 1848 ? A GLY 14  
15 1 Y 1 A THR 1849 ? A THR 15  
16 1 Y 1 A GLU 1850 ? A GLU 16  
17 1 Y 1 A ASN 1851 ? A ASN 17  
18 1 Y 1 A LEU 1852 ? A LEU 18  
19 1 Y 1 A TYR 1853 ? A TYR 19  
20 1 Y 1 A PHE 1854 ? A PHE 20  
21 1 Y 1 A GLN 1855 ? A GLN 21  
22 1 Y 1 A VAL 1971 ? A VAL 137 
23 1 Y 1 A SER 1972 ? A SER 138 
# 
loop_
_chem_comp_atom.comp_id 
_chem_comp_atom.atom_id 
_chem_comp_atom.type_symbol 
_chem_comp_atom.pdbx_aromatic_flag 
_chem_comp_atom.pdbx_stereo_config 
_chem_comp_atom.pdbx_ordinal 
8H4 N1   N N N 1   
8H4 N3   N Y N 2   
8H4 C4   C Y N 3   
8H4 C5   C Y N 4   
8H4 C6   C Y N 5   
8H4 C7   C Y N 6   
8H4 C1   C Y N 7   
8H4 C2   C Y N 8   
8H4 C3   C Y N 9   
8H4 N2   N Y N 10  
8H4 H4   H N N 11  
8H4 H5   H N N 12  
8H4 H7   H N N 13  
8H4 H3   H N N 14  
8H4 H6   H N N 15  
8H4 H1   H N N 16  
8H4 H2   H N N 17  
ALA N    N N N 18  
ALA CA   C N S 19  
ALA C    C N N 20  
ALA O    O N N 21  
ALA CB   C N N 22  
ALA OXT  O N N 23  
ALA H    H N N 24  
ALA H2   H N N 25  
ALA HA   H N N 26  
ALA HB1  H N N 27  
ALA HB2  H N N 28  
ALA HB3  H N N 29  
ALA HXT  H N N 30  
ARG N    N N N 31  
ARG CA   C N S 32  
ARG C    C N N 33  
ARG O    O N N 34  
ARG CB   C N N 35  
ARG CG   C N N 36  
ARG CD   C N N 37  
ARG NE   N N N 38  
ARG CZ   C N N 39  
ARG NH1  N N N 40  
ARG NH2  N N N 41  
ARG OXT  O N N 42  
ARG H    H N N 43  
ARG H2   H N N 44  
ARG HA   H N N 45  
ARG HB2  H N N 46  
ARG HB3  H N N 47  
ARG HG2  H N N 48  
ARG HG3  H N N 49  
ARG HD2  H N N 50  
ARG HD3  H N N 51  
ARG HE   H N N 52  
ARG HH11 H N N 53  
ARG HH12 H N N 54  
ARG HH21 H N N 55  
ARG HH22 H N N 56  
ARG HXT  H N N 57  
ASN N    N N N 58  
ASN CA   C N S 59  
ASN C    C N N 60  
ASN O    O N N 61  
ASN CB   C N N 62  
ASN CG   C N N 63  
ASN OD1  O N N 64  
ASN ND2  N N N 65  
ASN OXT  O N N 66  
ASN H    H N N 67  
ASN H2   H N N 68  
ASN HA   H N N 69  
ASN HB2  H N N 70  
ASN HB3  H N N 71  
ASN HD21 H N N 72  
ASN HD22 H N N 73  
ASN HXT  H N N 74  
ASP N    N N N 75  
ASP CA   C N S 76  
ASP C    C N N 77  
ASP O    O N N 78  
ASP CB   C N N 79  
ASP CG   C N N 80  
ASP OD1  O N N 81  
ASP OD2  O N N 82  
ASP OXT  O N N 83  
ASP H    H N N 84  
ASP H2   H N N 85  
ASP HA   H N N 86  
ASP HB2  H N N 87  
ASP HB3  H N N 88  
ASP HD2  H N N 89  
ASP HXT  H N N 90  
CYS N    N N N 91  
CYS CA   C N R 92  
CYS C    C N N 93  
CYS O    O N N 94  
CYS CB   C N N 95  
CYS SG   S N N 96  
CYS OXT  O N N 97  
CYS H    H N N 98  
CYS H2   H N N 99  
CYS HA   H N N 100 
CYS HB2  H N N 101 
CYS HB3  H N N 102 
CYS HG   H N N 103 
CYS HXT  H N N 104 
EDO C1   C N N 105 
EDO O1   O N N 106 
EDO C2   C N N 107 
EDO O2   O N N 108 
EDO H11  H N N 109 
EDO H12  H N N 110 
EDO HO1  H N N 111 
EDO H21  H N N 112 
EDO H22  H N N 113 
EDO HO2  H N N 114 
GLN N    N N N 115 
GLN CA   C N S 116 
GLN C    C N N 117 
GLN O    O N N 118 
GLN CB   C N N 119 
GLN CG   C N N 120 
GLN CD   C N N 121 
GLN OE1  O N N 122 
GLN NE2  N N N 123 
GLN OXT  O N N 124 
GLN H    H N N 125 
GLN H2   H N N 126 
GLN HA   H N N 127 
GLN HB2  H N N 128 
GLN HB3  H N N 129 
GLN HG2  H N N 130 
GLN HG3  H N N 131 
GLN HE21 H N N 132 
GLN HE22 H N N 133 
GLN HXT  H N N 134 
GLU N    N N N 135 
GLU CA   C N S 136 
GLU C    C N N 137 
GLU O    O N N 138 
GLU CB   C N N 139 
GLU CG   C N N 140 
GLU CD   C N N 141 
GLU OE1  O N N 142 
GLU OE2  O N N 143 
GLU OXT  O N N 144 
GLU H    H N N 145 
GLU H2   H N N 146 
GLU HA   H N N 147 
GLU HB2  H N N 148 
GLU HB3  H N N 149 
GLU HG2  H N N 150 
GLU HG3  H N N 151 
GLU HE2  H N N 152 
GLU HXT  H N N 153 
GLY N    N N N 154 
GLY CA   C N N 155 
GLY C    C N N 156 
GLY O    O N N 157 
GLY OXT  O N N 158 
GLY H    H N N 159 
GLY H2   H N N 160 
GLY HA2  H N N 161 
GLY HA3  H N N 162 
GLY HXT  H N N 163 
HIS N    N N N 164 
HIS CA   C N S 165 
HIS C    C N N 166 
HIS O    O N N 167 
HIS CB   C N N 168 
HIS CG   C Y N 169 
HIS ND1  N Y N 170 
HIS CD2  C Y N 171 
HIS CE1  C Y N 172 
HIS NE2  N Y N 173 
HIS OXT  O N N 174 
HIS H    H N N 175 
HIS H2   H N N 176 
HIS HA   H N N 177 
HIS HB2  H N N 178 
HIS HB3  H N N 179 
HIS HD1  H N N 180 
HIS HD2  H N N 181 
HIS HE1  H N N 182 
HIS HE2  H N N 183 
HIS HXT  H N N 184 
HOH O    O N N 185 
HOH H1   H N N 186 
HOH H2   H N N 187 
ILE N    N N N 188 
ILE CA   C N S 189 
ILE C    C N N 190 
ILE O    O N N 191 
ILE CB   C N S 192 
ILE CG1  C N N 193 
ILE CG2  C N N 194 
ILE CD1  C N N 195 
ILE OXT  O N N 196 
ILE H    H N N 197 
ILE H2   H N N 198 
ILE HA   H N N 199 
ILE HB   H N N 200 
ILE HG12 H N N 201 
ILE HG13 H N N 202 
ILE HG21 H N N 203 
ILE HG22 H N N 204 
ILE HG23 H N N 205 
ILE HD11 H N N 206 
ILE HD12 H N N 207 
ILE HD13 H N N 208 
ILE HXT  H N N 209 
LEU N    N N N 210 
LEU CA   C N S 211 
LEU C    C N N 212 
LEU O    O N N 213 
LEU CB   C N N 214 
LEU CG   C N N 215 
LEU CD1  C N N 216 
LEU CD2  C N N 217 
LEU OXT  O N N 218 
LEU H    H N N 219 
LEU H2   H N N 220 
LEU HA   H N N 221 
LEU HB2  H N N 222 
LEU HB3  H N N 223 
LEU HG   H N N 224 
LEU HD11 H N N 225 
LEU HD12 H N N 226 
LEU HD13 H N N 227 
LEU HD21 H N N 228 
LEU HD22 H N N 229 
LEU HD23 H N N 230 
LEU HXT  H N N 231 
LYS N    N N N 232 
LYS CA   C N S 233 
LYS C    C N N 234 
LYS O    O N N 235 
LYS CB   C N N 236 
LYS CG   C N N 237 
LYS CD   C N N 238 
LYS CE   C N N 239 
LYS NZ   N N N 240 
LYS OXT  O N N 241 
LYS H    H N N 242 
LYS H2   H N N 243 
LYS HA   H N N 244 
LYS HB2  H N N 245 
LYS HB3  H N N 246 
LYS HG2  H N N 247 
LYS HG3  H N N 248 
LYS HD2  H N N 249 
LYS HD3  H N N 250 
LYS HE2  H N N 251 
LYS HE3  H N N 252 
LYS HZ1  H N N 253 
LYS HZ2  H N N 254 
LYS HZ3  H N N 255 
LYS HXT  H N N 256 
MET N    N N N 257 
MET CA   C N S 258 
MET C    C N N 259 
MET O    O N N 260 
MET CB   C N N 261 
MET CG   C N N 262 
MET SD   S N N 263 
MET CE   C N N 264 
MET OXT  O N N 265 
MET H    H N N 266 
MET H2   H N N 267 
MET HA   H N N 268 
MET HB2  H N N 269 
MET HB3  H N N 270 
MET HG2  H N N 271 
MET HG3  H N N 272 
MET HE1  H N N 273 
MET HE2  H N N 274 
MET HE3  H N N 275 
MET HXT  H N N 276 
PHE N    N N N 277 
PHE CA   C N S 278 
PHE C    C N N 279 
PHE O    O N N 280 
PHE CB   C N N 281 
PHE CG   C Y N 282 
PHE CD1  C Y N 283 
PHE CD2  C Y N 284 
PHE CE1  C Y N 285 
PHE CE2  C Y N 286 
PHE CZ   C Y N 287 
PHE OXT  O N N 288 
PHE H    H N N 289 
PHE H2   H N N 290 
PHE HA   H N N 291 
PHE HB2  H N N 292 
PHE HB3  H N N 293 
PHE HD1  H N N 294 
PHE HD2  H N N 295 
PHE HE1  H N N 296 
PHE HE2  H N N 297 
PHE HZ   H N N 298 
PHE HXT  H N N 299 
PRO N    N N N 300 
PRO CA   C N S 301 
PRO C    C N N 302 
PRO O    O N N 303 
PRO CB   C N N 304 
PRO CG   C N N 305 
PRO CD   C N N 306 
PRO OXT  O N N 307 
PRO H    H N N 308 
PRO HA   H N N 309 
PRO HB2  H N N 310 
PRO HB3  H N N 311 
PRO HG2  H N N 312 
PRO HG3  H N N 313 
PRO HD2  H N N 314 
PRO HD3  H N N 315 
PRO HXT  H N N 316 
SER N    N N N 317 
SER CA   C N S 318 
SER C    C N N 319 
SER O    O N N 320 
SER CB   C N N 321 
SER OG   O N N 322 
SER OXT  O N N 323 
SER H    H N N 324 
SER H2   H N N 325 
SER HA   H N N 326 
SER HB2  H N N 327 
SER HB3  H N N 328 
SER HG   H N N 329 
SER HXT  H N N 330 
THR N    N N N 331 
THR CA   C N S 332 
THR C    C N N 333 
THR O    O N N 334 
THR CB   C N R 335 
THR OG1  O N N 336 
THR CG2  C N N 337 
THR OXT  O N N 338 
THR H    H N N 339 
THR H2   H N N 340 
THR HA   H N N 341 
THR HB   H N N 342 
THR HG1  H N N 343 
THR HG21 H N N 344 
THR HG22 H N N 345 
THR HG23 H N N 346 
THR HXT  H N N 347 
TRP N    N N N 348 
TRP CA   C N S 349 
TRP C    C N N 350 
TRP O    O N N 351 
TRP CB   C N N 352 
TRP CG   C Y N 353 
TRP CD1  C Y N 354 
TRP CD2  C Y N 355 
TRP NE1  N Y N 356 
TRP CE2  C Y N 357 
TRP CE3  C Y N 358 
TRP CZ2  C Y N 359 
TRP CZ3  C Y N 360 
TRP CH2  C Y N 361 
TRP OXT  O N N 362 
TRP H    H N N 363 
TRP H2   H N N 364 
TRP HA   H N N 365 
TRP HB2  H N N 366 
TRP HB3  H N N 367 
TRP HD1  H N N 368 
TRP HE1  H N N 369 
TRP HE3  H N N 370 
TRP HZ2  H N N 371 
TRP HZ3  H N N 372 
TRP HH2  H N N 373 
TRP HXT  H N N 374 
TYR N    N N N 375 
TYR CA   C N S 376 
TYR C    C N N 377 
TYR O    O N N 378 
TYR CB   C N N 379 
TYR CG   C Y N 380 
TYR CD1  C Y N 381 
TYR CD2  C Y N 382 
TYR CE1  C Y N 383 
TYR CE2  C Y N 384 
TYR CZ   C Y N 385 
TYR OH   O N N 386 
TYR OXT  O N N 387 
TYR H    H N N 388 
TYR H2   H N N 389 
TYR HA   H N N 390 
TYR HB2  H N N 391 
TYR HB3  H N N 392 
TYR HD1  H N N 393 
TYR HD2  H N N 394 
TYR HE1  H N N 395 
TYR HE2  H N N 396 
TYR HH   H N N 397 
TYR HXT  H N N 398 
VAL N    N N N 399 
VAL CA   C N S 400 
VAL C    C N N 401 
VAL O    O N N 402 
VAL CB   C N N 403 
VAL CG1  C N N 404 
VAL CG2  C N N 405 
VAL OXT  O N N 406 
VAL H    H N N 407 
VAL H2   H N N 408 
VAL HA   H N N 409 
VAL HB   H N N 410 
VAL HG11 H N N 411 
VAL HG12 H N N 412 
VAL HG13 H N N 413 
VAL HG21 H N N 414 
VAL HG22 H N N 415 
VAL HG23 H N N 416 
VAL HXT  H N N 417 
# 
loop_
_chem_comp_bond.comp_id 
_chem_comp_bond.atom_id_1 
_chem_comp_bond.atom_id_2 
_chem_comp_bond.value_order 
_chem_comp_bond.pdbx_aromatic_flag 
_chem_comp_bond.pdbx_stereo_config 
_chem_comp_bond.pdbx_ordinal 
8H4 C7  N2   doub Y N 1   
8H4 C7  C4   sing Y N 2   
8H4 C5  C4   doub Y N 3   
8H4 C5  C6   sing Y N 4   
8H4 N2  N3   sing Y N 5   
8H4 C4  C3   sing Y N 6   
8H4 N1  C6   sing N N 7   
8H4 C6  C1   doub Y N 8   
8H4 N3  C3   sing Y N 9   
8H4 C3  C2   doub Y N 10  
8H4 C1  C2   sing Y N 11  
8H4 N1  H4   sing N N 12  
8H4 N1  H5   sing N N 13  
8H4 N3  H7   sing N N 14  
8H4 C5  H3   sing N N 15  
8H4 C7  H6   sing N N 16  
8H4 C1  H1   sing N N 17  
8H4 C2  H2   sing N N 18  
ALA N   CA   sing N N 19  
ALA N   H    sing N N 20  
ALA N   H2   sing N N 21  
ALA CA  C    sing N N 22  
ALA CA  CB   sing N N 23  
ALA CA  HA   sing N N 24  
ALA C   O    doub N N 25  
ALA C   OXT  sing N N 26  
ALA CB  HB1  sing N N 27  
ALA CB  HB2  sing N N 28  
ALA CB  HB3  sing N N 29  
ALA OXT HXT  sing N N 30  
ARG N   CA   sing N N 31  
ARG N   H    sing N N 32  
ARG N   H2   sing N N 33  
ARG CA  C    sing N N 34  
ARG CA  CB   sing N N 35  
ARG CA  HA   sing N N 36  
ARG C   O    doub N N 37  
ARG C   OXT  sing N N 38  
ARG CB  CG   sing N N 39  
ARG CB  HB2  sing N N 40  
ARG CB  HB3  sing N N 41  
ARG CG  CD   sing N N 42  
ARG CG  HG2  sing N N 43  
ARG CG  HG3  sing N N 44  
ARG CD  NE   sing N N 45  
ARG CD  HD2  sing N N 46  
ARG CD  HD3  sing N N 47  
ARG NE  CZ   sing N N 48  
ARG NE  HE   sing N N 49  
ARG CZ  NH1  sing N N 50  
ARG CZ  NH2  doub N N 51  
ARG NH1 HH11 sing N N 52  
ARG NH1 HH12 sing N N 53  
ARG NH2 HH21 sing N N 54  
ARG NH2 HH22 sing N N 55  
ARG OXT HXT  sing N N 56  
ASN N   CA   sing N N 57  
ASN N   H    sing N N 58  
ASN N   H2   sing N N 59  
ASN CA  C    sing N N 60  
ASN CA  CB   sing N N 61  
ASN CA  HA   sing N N 62  
ASN C   O    doub N N 63  
ASN C   OXT  sing N N 64  
ASN CB  CG   sing N N 65  
ASN CB  HB2  sing N N 66  
ASN CB  HB3  sing N N 67  
ASN CG  OD1  doub N N 68  
ASN CG  ND2  sing N N 69  
ASN ND2 HD21 sing N N 70  
ASN ND2 HD22 sing N N 71  
ASN OXT HXT  sing N N 72  
ASP N   CA   sing N N 73  
ASP N   H    sing N N 74  
ASP N   H2   sing N N 75  
ASP CA  C    sing N N 76  
ASP CA  CB   sing N N 77  
ASP CA  HA   sing N N 78  
ASP C   O    doub N N 79  
ASP C   OXT  sing N N 80  
ASP CB  CG   sing N N 81  
ASP CB  HB2  sing N N 82  
ASP CB  HB3  sing N N 83  
ASP CG  OD1  doub N N 84  
ASP CG  OD2  sing N N 85  
ASP OD2 HD2  sing N N 86  
ASP OXT HXT  sing N N 87  
CYS N   CA   sing N N 88  
CYS N   H    sing N N 89  
CYS N   H2   sing N N 90  
CYS CA  C    sing N N 91  
CYS CA  CB   sing N N 92  
CYS CA  HA   sing N N 93  
CYS C   O    doub N N 94  
CYS C   OXT  sing N N 95  
CYS CB  SG   sing N N 96  
CYS CB  HB2  sing N N 97  
CYS CB  HB3  sing N N 98  
CYS SG  HG   sing N N 99  
CYS OXT HXT  sing N N 100 
EDO C1  O1   sing N N 101 
EDO C1  C2   sing N N 102 
EDO C1  H11  sing N N 103 
EDO C1  H12  sing N N 104 
EDO O1  HO1  sing N N 105 
EDO C2  O2   sing N N 106 
EDO C2  H21  sing N N 107 
EDO C2  H22  sing N N 108 
EDO O2  HO2  sing N N 109 
GLN N   CA   sing N N 110 
GLN N   H    sing N N 111 
GLN N   H2   sing N N 112 
GLN CA  C    sing N N 113 
GLN CA  CB   sing N N 114 
GLN CA  HA   sing N N 115 
GLN C   O    doub N N 116 
GLN C   OXT  sing N N 117 
GLN CB  CG   sing N N 118 
GLN CB  HB2  sing N N 119 
GLN CB  HB3  sing N N 120 
GLN CG  CD   sing N N 121 
GLN CG  HG2  sing N N 122 
GLN CG  HG3  sing N N 123 
GLN CD  OE1  doub N N 124 
GLN CD  NE2  sing N N 125 
GLN NE2 HE21 sing N N 126 
GLN NE2 HE22 sing N N 127 
GLN OXT HXT  sing N N 128 
GLU N   CA   sing N N 129 
GLU N   H    sing N N 130 
GLU N   H2   sing N N 131 
GLU CA  C    sing N N 132 
GLU CA  CB   sing N N 133 
GLU CA  HA   sing N N 134 
GLU C   O    doub N N 135 
GLU C   OXT  sing N N 136 
GLU CB  CG   sing N N 137 
GLU CB  HB2  sing N N 138 
GLU CB  HB3  sing N N 139 
GLU CG  CD   sing N N 140 
GLU CG  HG2  sing N N 141 
GLU CG  HG3  sing N N 142 
GLU CD  OE1  doub N N 143 
GLU CD  OE2  sing N N 144 
GLU OE2 HE2  sing N N 145 
GLU OXT HXT  sing N N 146 
GLY N   CA   sing N N 147 
GLY N   H    sing N N 148 
GLY N   H2   sing N N 149 
GLY CA  C    sing N N 150 
GLY CA  HA2  sing N N 151 
GLY CA  HA3  sing N N 152 
GLY C   O    doub N N 153 
GLY C   OXT  sing N N 154 
GLY OXT HXT  sing N N 155 
HIS N   CA   sing N N 156 
HIS N   H    sing N N 157 
HIS N   H2   sing N N 158 
HIS CA  C    sing N N 159 
HIS CA  CB   sing N N 160 
HIS CA  HA   sing N N 161 
HIS C   O    doub N N 162 
HIS C   OXT  sing N N 163 
HIS CB  CG   sing N N 164 
HIS CB  HB2  sing N N 165 
HIS CB  HB3  sing N N 166 
HIS CG  ND1  sing Y N 167 
HIS CG  CD2  doub Y N 168 
HIS ND1 CE1  doub Y N 169 
HIS ND1 HD1  sing N N 170 
HIS CD2 NE2  sing Y N 171 
HIS CD2 HD2  sing N N 172 
HIS CE1 NE2  sing Y N 173 
HIS CE1 HE1  sing N N 174 
HIS NE2 HE2  sing N N 175 
HIS OXT HXT  sing N N 176 
HOH O   H1   sing N N 177 
HOH O   H2   sing N N 178 
ILE N   CA   sing N N 179 
ILE N   H    sing N N 180 
ILE N   H2   sing N N 181 
ILE CA  C    sing N N 182 
ILE CA  CB   sing N N 183 
ILE CA  HA   sing N N 184 
ILE C   O    doub N N 185 
ILE C   OXT  sing N N 186 
ILE CB  CG1  sing N N 187 
ILE CB  CG2  sing N N 188 
ILE CB  HB   sing N N 189 
ILE CG1 CD1  sing N N 190 
ILE CG1 HG12 sing N N 191 
ILE CG1 HG13 sing N N 192 
ILE CG2 HG21 sing N N 193 
ILE CG2 HG22 sing N N 194 
ILE CG2 HG23 sing N N 195 
ILE CD1 HD11 sing N N 196 
ILE CD1 HD12 sing N N 197 
ILE CD1 HD13 sing N N 198 
ILE OXT HXT  sing N N 199 
LEU N   CA   sing N N 200 
LEU N   H    sing N N 201 
LEU N   H2   sing N N 202 
LEU CA  C    sing N N 203 
LEU CA  CB   sing N N 204 
LEU CA  HA   sing N N 205 
LEU C   O    doub N N 206 
LEU C   OXT  sing N N 207 
LEU CB  CG   sing N N 208 
LEU CB  HB2  sing N N 209 
LEU CB  HB3  sing N N 210 
LEU CG  CD1  sing N N 211 
LEU CG  CD2  sing N N 212 
LEU CG  HG   sing N N 213 
LEU CD1 HD11 sing N N 214 
LEU CD1 HD12 sing N N 215 
LEU CD1 HD13 sing N N 216 
LEU CD2 HD21 sing N N 217 
LEU CD2 HD22 sing N N 218 
LEU CD2 HD23 sing N N 219 
LEU OXT HXT  sing N N 220 
LYS N   CA   sing N N 221 
LYS N   H    sing N N 222 
LYS N   H2   sing N N 223 
LYS CA  C    sing N N 224 
LYS CA  CB   sing N N 225 
LYS CA  HA   sing N N 226 
LYS C   O    doub N N 227 
LYS C   OXT  sing N N 228 
LYS CB  CG   sing N N 229 
LYS CB  HB2  sing N N 230 
LYS CB  HB3  sing N N 231 
LYS CG  CD   sing N N 232 
LYS CG  HG2  sing N N 233 
LYS CG  HG3  sing N N 234 
LYS CD  CE   sing N N 235 
LYS CD  HD2  sing N N 236 
LYS CD  HD3  sing N N 237 
LYS CE  NZ   sing N N 238 
LYS CE  HE2  sing N N 239 
LYS CE  HE3  sing N N 240 
LYS NZ  HZ1  sing N N 241 
LYS NZ  HZ2  sing N N 242 
LYS NZ  HZ3  sing N N 243 
LYS OXT HXT  sing N N 244 
MET N   CA   sing N N 245 
MET N   H    sing N N 246 
MET N   H2   sing N N 247 
MET CA  C    sing N N 248 
MET CA  CB   sing N N 249 
MET CA  HA   sing N N 250 
MET C   O    doub N N 251 
MET C   OXT  sing N N 252 
MET CB  CG   sing N N 253 
MET CB  HB2  sing N N 254 
MET CB  HB3  sing N N 255 
MET CG  SD   sing N N 256 
MET CG  HG2  sing N N 257 
MET CG  HG3  sing N N 258 
MET SD  CE   sing N N 259 
MET CE  HE1  sing N N 260 
MET CE  HE2  sing N N 261 
MET CE  HE3  sing N N 262 
MET OXT HXT  sing N N 263 
PHE N   CA   sing N N 264 
PHE N   H    sing N N 265 
PHE N   H2   sing N N 266 
PHE CA  C    sing N N 267 
PHE CA  CB   sing N N 268 
PHE CA  HA   sing N N 269 
PHE C   O    doub N N 270 
PHE C   OXT  sing N N 271 
PHE CB  CG   sing N N 272 
PHE CB  HB2  sing N N 273 
PHE CB  HB3  sing N N 274 
PHE CG  CD1  doub Y N 275 
PHE CG  CD2  sing Y N 276 
PHE CD1 CE1  sing Y N 277 
PHE CD1 HD1  sing N N 278 
PHE CD2 CE2  doub Y N 279 
PHE CD2 HD2  sing N N 280 
PHE CE1 CZ   doub Y N 281 
PHE CE1 HE1  sing N N 282 
PHE CE2 CZ   sing Y N 283 
PHE CE2 HE2  sing N N 284 
PHE CZ  HZ   sing N N 285 
PHE OXT HXT  sing N N 286 
PRO N   CA   sing N N 287 
PRO N   CD   sing N N 288 
PRO N   H    sing N N 289 
PRO CA  C    sing N N 290 
PRO CA  CB   sing N N 291 
PRO CA  HA   sing N N 292 
PRO C   O    doub N N 293 
PRO C   OXT  sing N N 294 
PRO CB  CG   sing N N 295 
PRO CB  HB2  sing N N 296 
PRO CB  HB3  sing N N 297 
PRO CG  CD   sing N N 298 
PRO CG  HG2  sing N N 299 
PRO CG  HG3  sing N N 300 
PRO CD  HD2  sing N N 301 
PRO CD  HD3  sing N N 302 
PRO OXT HXT  sing N N 303 
SER N   CA   sing N N 304 
SER N   H    sing N N 305 
SER N   H2   sing N N 306 
SER CA  C    sing N N 307 
SER CA  CB   sing N N 308 
SER CA  HA   sing N N 309 
SER C   O    doub N N 310 
SER C   OXT  sing N N 311 
SER CB  OG   sing N N 312 
SER CB  HB2  sing N N 313 
SER CB  HB3  sing N N 314 
SER OG  HG   sing N N 315 
SER OXT HXT  sing N N 316 
THR N   CA   sing N N 317 
THR N   H    sing N N 318 
THR N   H2   sing N N 319 
THR CA  C    sing N N 320 
THR CA  CB   sing N N 321 
THR CA  HA   sing N N 322 
THR C   O    doub N N 323 
THR C   OXT  sing N N 324 
THR CB  OG1  sing N N 325 
THR CB  CG2  sing N N 326 
THR CB  HB   sing N N 327 
THR OG1 HG1  sing N N 328 
THR CG2 HG21 sing N N 329 
THR CG2 HG22 sing N N 330 
THR CG2 HG23 sing N N 331 
THR OXT HXT  sing N N 332 
TRP N   CA   sing N N 333 
TRP N   H    sing N N 334 
TRP N   H2   sing N N 335 
TRP CA  C    sing N N 336 
TRP CA  CB   sing N N 337 
TRP CA  HA   sing N N 338 
TRP C   O    doub N N 339 
TRP C   OXT  sing N N 340 
TRP CB  CG   sing N N 341 
TRP CB  HB2  sing N N 342 
TRP CB  HB3  sing N N 343 
TRP CG  CD1  doub Y N 344 
TRP CG  CD2  sing Y N 345 
TRP CD1 NE1  sing Y N 346 
TRP CD1 HD1  sing N N 347 
TRP CD2 CE2  doub Y N 348 
TRP CD2 CE3  sing Y N 349 
TRP NE1 CE2  sing Y N 350 
TRP NE1 HE1  sing N N 351 
TRP CE2 CZ2  sing Y N 352 
TRP CE3 CZ3  doub Y N 353 
TRP CE3 HE3  sing N N 354 
TRP CZ2 CH2  doub Y N 355 
TRP CZ2 HZ2  sing N N 356 
TRP CZ3 CH2  sing Y N 357 
TRP CZ3 HZ3  sing N N 358 
TRP CH2 HH2  sing N N 359 
TRP OXT HXT  sing N N 360 
TYR N   CA   sing N N 361 
TYR N   H    sing N N 362 
TYR N   H2   sing N N 363 
TYR CA  C    sing N N 364 
TYR CA  CB   sing N N 365 
TYR CA  HA   sing N N 366 
TYR C   O    doub N N 367 
TYR C   OXT  sing N N 368 
TYR CB  CG   sing N N 369 
TYR CB  HB2  sing N N 370 
TYR CB  HB3  sing N N 371 
TYR CG  CD1  doub Y N 372 
TYR CG  CD2  sing Y N 373 
TYR CD1 CE1  sing Y N 374 
TYR CD1 HD1  sing N N 375 
TYR CD2 CE2  doub Y N 376 
TYR CD2 HD2  sing N N 377 
TYR CE1 CZ   doub Y N 378 
TYR CE1 HE1  sing N N 379 
TYR CE2 CZ   sing Y N 380 
TYR CE2 HE2  sing N N 381 
TYR CZ  OH   sing N N 382 
TYR OH  HH   sing N N 383 
TYR OXT HXT  sing N N 384 
VAL N   CA   sing N N 385 
VAL N   H    sing N N 386 
VAL N   H2   sing N N 387 
VAL CA  C    sing N N 388 
VAL CA  CB   sing N N 389 
VAL CA  HA   sing N N 390 
VAL C   O    doub N N 391 
VAL C   OXT  sing N N 392 
VAL CB  CG1  sing N N 393 
VAL CB  CG2  sing N N 394 
VAL CB  HB   sing N N 395 
VAL CG1 HG11 sing N N 396 
VAL CG1 HG12 sing N N 397 
VAL CG1 HG13 sing N N 398 
VAL CG2 HG21 sing N N 399 
VAL CG2 HG22 sing N N 400 
VAL CG2 HG23 sing N N 401 
VAL OXT HXT  sing N N 402 
# 
_pdbx_deposit_group.group_id            G_1002018 
_pdbx_deposit_group.group_description   
;bromodomain of human BAZ2B screened against the ZENOBIA Fragment Library by X-ray Crystallography at the XChem
facility of Diamond Light Source beamline I04-1. Check out the PanDDA event maps at
https://zenodo.org/record/290199/files/0_index.html
;
_pdbx_deposit_group.group_title         'PanDDA analysis group deposition of models with modelled events (e.g. bound ligands)' 
_pdbx_deposit_group.group_type          'changed state' 
# 
_atom_sites.entry_id                    5PB7 
_atom_sites.fract_transf_matrix[1][1]   0.00485368 
_atom_sites.fract_transf_matrix[1][2]   -0.01074550 
_atom_sites.fract_transf_matrix[1][3]   0.00344924 
_atom_sites.fract_transf_matrix[2][1]   0.00655104 
_atom_sites.fract_transf_matrix[2][2]   0.00039973 
_atom_sites.fract_transf_matrix[2][3]   -0.00797315 
_atom_sites.fract_transf_matrix[3][1]   0.01149894 
_atom_sites.fract_transf_matrix[3][2]   0.00836130 
_atom_sites.fract_transf_matrix[3][3]   0.00986715 
_atom_sites.fract_transf_vector[1]      0.288082 
_atom_sites.fract_transf_vector[2]      0.290398 
_atom_sites.fract_transf_vector[3]      0.470328 
# 
loop_
_atom_type.symbol 
C 
H 
N 
O 
S 
# 
loop_
_atom_site.group_PDB 
_atom_site.id 
_atom_site.type_symbol 
_atom_site.label_atom_id 
_atom_site.label_alt_id 
_atom_site.label_comp_id 
_atom_site.label_asym_id 
_atom_site.label_entity_id 
_atom_site.label_seq_id 
_atom_site.pdbx_PDB_ins_code 
_atom_site.Cartn_x 
_atom_site.Cartn_y 
_atom_site.Cartn_z 
_atom_site.occupancy 
_atom_site.B_iso_or_equiv 
_atom_site.pdbx_formal_charge 
_atom_site.auth_seq_id 
_atom_site.auth_comp_id 
_atom_site.auth_asym_id 
_atom_site.auth_atom_id 
_atom_site.pdbx_PDB_model_num 
ATOM   1    N N   . SER A 1 22  ? -1.574  -29.776 8.804   1.00 30.58 ? 1856 SER A N   1 
ATOM   2    C CA  . SER A 1 22  ? -1.782  -30.730 7.720   1.00 35.13 ? 1856 SER A CA  1 
ATOM   3    C C   . SER A 1 22  ? -3.205  -31.261 7.787   1.00 37.21 ? 1856 SER A C   1 
ATOM   4    O O   . SER A 1 22  ? -4.015  -30.755 8.557   1.00 34.41 ? 1856 SER A O   1 
ATOM   5    C CB  . SER A 1 22  ? -0.773  -31.876 7.808   1.00 24.42 ? 1856 SER A CB  1 
ATOM   6    O OG  . SER A 1 22  ? -1.021  -32.657 8.964   1.00 28.26 ? 1856 SER A OG  1 
ATOM   7    N N   . MET A 1 23  ? -3.506  -32.290 6.998   1.00 33.84 ? 1857 MET A N   1 
ATOM   8    C CA  . MET A 1 23  ? -4.879  -32.768 6.872   1.00 33.13 ? 1857 MET A CA  1 
ATOM   9    C C   . MET A 1 23  ? -5.491  -33.107 8.231   1.00 33.16 ? 1857 MET A C   1 
ATOM   10   O O   . MET A 1 23  ? -4.983  -33.956 8.961   1.00 28.19 ? 1857 MET A O   1 
ATOM   11   C CB  . MET A 1 23  ? -4.939  -33.990 5.940   1.00 28.12 ? 1857 MET A CB  1 
ATOM   12   C CG  . MET A 1 23  ? -6.345  -34.347 5.520   1.00 29.34 ? 1857 MET A CG  1 
ATOM   13   S SD  . MET A 1 23  ? -6.465  -35.945 4.665   1.00 30.06 ? 1857 MET A SD  1 
ATOM   14   C CE  . MET A 1 23  ? -5.058  -35.897 3.551   1.00 30.04 ? 1857 MET A CE  1 
ATOM   15   N N   . SER A 1 24  ? -6.574  -32.412 8.574   1.00 30.03 ? 1858 SER A N   1 
ATOM   16   C CA  . SER A 1 24  ? -7.300  -32.644 9.827   1.00 27.15 ? 1858 SER A CA  1 
ATOM   17   C C   . SER A 1 24  ? -6.489  -32.246 11.066  1.00 34.10 ? 1858 SER A C   1 
ATOM   18   O O   . SER A 1 24  ? -6.820  -32.644 12.187  1.00 41.53 ? 1858 SER A O   1 
ATOM   19   C CB  . SER A 1 24  ? -7.722  -34.109 9.950   1.00 31.26 ? 1858 SER A CB  1 
ATOM   20   O OG  . SER A 1 24  ? -8.599  -34.485 8.902   1.00 31.31 ? 1858 SER A OG  1 
ATOM   21   N N   . VAL A 1 25  ? -5.423  -31.481 10.860  1.00 30.02 ? 1859 VAL A N   1 
ATOM   22   C CA  . VAL A 1 25  ? -4.604  -31.004 11.974  1.00 34.45 ? 1859 VAL A CA  1 
ATOM   23   C C   . VAL A 1 25  ? -4.560  -29.492 11.900  1.00 36.14 ? 1859 VAL A C   1 
ATOM   24   O O   . VAL A 1 25  ? -3.735  -28.919 11.185  1.00 33.56 ? 1859 VAL A O   1 
ATOM   25   C CB  . VAL A 1 25  ? -3.170  -31.575 11.946  1.00 37.38 ? 1859 VAL A CB  1 
ATOM   26   C CG1 . VAL A 1 25  ? -2.316  -30.943 13.055  1.00 34.82 ? 1859 VAL A CG1 1 
ATOM   27   C CG2 . VAL A 1 25  ? -3.200  -33.079 12.095  1.00 30.47 ? 1859 VAL A CG2 1 
ATOM   28   N N   . LYS A 1 26  ? -5.473  -28.857 12.636  1.00 39.87 ? 1860 LYS A N   1 
ATOM   29   C CA  . LYS A 1 26  ? -5.714  -27.423 12.508  1.00 40.84 ? 1860 LYS A CA  1 
ATOM   30   C C   . LYS A 1 26  ? -4.925  -26.583 13.501  1.00 34.10 ? 1860 LYS A C   1 
ATOM   31   O O   . LYS A 1 26  ? -4.994  -26.809 14.700  1.00 34.69 ? 1860 LYS A O   1 
ATOM   32   C CB  . LYS A 1 26  ? -7.209  -27.127 12.681  1.00 43.57 ? 1860 LYS A CB  1 
ATOM   33   N N   . LYS A 1 27  ? -4.186  -25.612 12.985  1.00 39.31 ? 1861 LYS A N   1 
ATOM   34   C CA  . LYS A 1 27  ? -3.558  -24.603 13.816  1.00 41.05 ? 1861 LYS A CA  1 
ATOM   35   C C   . LYS A 1 27  ? -4.623  -23.595 14.254  1.00 43.99 ? 1861 LYS A C   1 
ATOM   36   O O   . LYS A 1 27  ? -5.550  -23.308 13.501  1.00 45.31 ? 1861 LYS A O   1 
ATOM   37   C CB  . LYS A 1 27  ? -2.427  -23.908 13.045  1.00 47.54 ? 1861 LYS A CB  1 
ATOM   38   C CG  . LYS A 1 27  ? -1.591  -22.947 13.880  1.00 47.92 ? 1861 LYS A CG  1 
ATOM   39   C CD  . LYS A 1 27  ? -0.972  -21.840 13.031  1.00 59.15 ? 1861 LYS A CD  1 
ATOM   40   C CE  . LYS A 1 27  ? 0.547   -21.960 12.939  1.00 53.74 ? 1861 LYS A CE  1 
ATOM   41   N NZ  . LYS A 1 27  ? 0.985   -22.409 11.587  1.00 57.18 ? 1861 LYS A NZ  1 
ATOM   42   N N   A PRO A 1 28  ? -4.499  -23.081 15.481  0.58 44.80 ? 1862 PRO A N   1 
ATOM   43   N N   B PRO A 1 28  ? -4.506  -23.066 15.483  0.42 44.80 ? 1862 PRO A N   1 
ATOM   44   C CA  A PRO A 1 28  ? -5.305  -21.913 15.838  0.58 46.44 ? 1862 PRO A CA  1 
ATOM   45   C CA  B PRO A 1 28  ? -5.490  -22.141 16.071  0.42 45.63 ? 1862 PRO A CA  1 
ATOM   46   C C   A PRO A 1 28  ? -4.927  -20.750 14.924  0.58 44.97 ? 1862 PRO A C   1 
ATOM   47   C C   B PRO A 1 28  ? -5.893  -20.990 15.141  0.42 46.30 ? 1862 PRO A C   1 
ATOM   48   O O   A PRO A 1 28  ? -3.744  -20.559 14.638  0.58 43.58 ? 1862 PRO A O   1 
ATOM   49   O O   B PRO A 1 28  ? -5.035  -20.421 14.464  0.42 43.80 ? 1862 PRO A O   1 
ATOM   50   C CB  A PRO A 1 28  ? -4.915  -21.644 17.295  0.58 48.92 ? 1862 PRO A CB  1 
ATOM   51   C CB  B PRO A 1 28  ? -4.762  -21.605 17.305  0.42 48.80 ? 1862 PRO A CB  1 
ATOM   52   C CG  A PRO A 1 28  ? -4.390  -22.970 17.797  0.58 43.82 ? 1862 PRO A CG  1 
ATOM   53   C CG  B PRO A 1 28  ? -3.844  -22.717 17.696  0.42 44.19 ? 1862 PRO A CG  1 
ATOM   54   C CD  A PRO A 1 28  ? -3.704  -23.582 16.616  0.58 46.74 ? 1862 PRO A CD  1 
ATOM   55   C CD  B PRO A 1 28  ? -3.389  -23.343 16.406  0.42 45.99 ? 1862 PRO A CD  1 
ATOM   56   N N   A LYS A 1 29  ? -5.919  -20.008 14.447  0.58 45.44 ? 1863 LYS A N   1 
ATOM   57   N N   B LYS A 1 29  ? -7.181  -20.651 15.121  0.42 42.93 ? 1863 LYS A N   1 
ATOM   58   C CA  A LYS A 1 29  ? -5.662  -18.877 13.561  0.58 42.92 ? 1863 LYS A CA  1 
ATOM   59   C CA  B LYS A 1 29  ? -7.712  -19.676 14.169  0.42 47.71 ? 1863 LYS A CA  1 
ATOM   60   C C   A LYS A 1 29  ? -6.252  -17.600 14.142  0.58 45.04 ? 1863 LYS A C   1 
ATOM   61   C C   B LYS A 1 29  ? -7.668  -18.236 14.679  0.42 44.09 ? 1863 LYS A C   1 
ATOM   62   O O   A LYS A 1 29  ? -7.197  -17.642 14.934  0.58 42.09 ? 1863 LYS A O   1 
ATOM   63   O O   B LYS A 1 29  ? -8.437  -17.861 15.563  0.42 45.53 ? 1863 LYS A O   1 
ATOM   64   C CB  A LYS A 1 29  ? -6.234  -19.138 12.164  0.58 45.61 ? 1863 LYS A CB  1 
ATOM   65   C CB  B LYS A 1 29  ? -9.154  -20.035 13.796  0.42 45.82 ? 1863 LYS A CB  1 
ATOM   66   N N   A ARG A 1 30  ? -5.696  -16.464 13.740  0.58 46.30 ? 1864 ARG A N   1 
ATOM   67   N N   B ARG A 1 30  ? -6.765  -17.439 14.112  0.42 45.48 ? 1864 ARG A N   1 
ATOM   68   C CA  A ARG A 1 30  ? -6.157  -15.175 14.237  0.58 45.32 ? 1864 ARG A CA  1 
ATOM   69   C CA  B ARG A 1 30  ? -6.707  -16.006 14.390  0.42 47.54 ? 1864 ARG A CA  1 
ATOM   70   C C   A ARG A 1 30  ? -7.545  -14.811 13.710  0.58 44.16 ? 1864 ARG A C   1 
ATOM   71   C C   B ARG A 1 30  ? -7.996  -15.330 13.940  0.42 47.42 ? 1864 ARG A C   1 
ATOM   72   O O   A ARG A 1 30  ? -7.874  -15.083 12.556  0.58 42.36 ? 1864 ARG A O   1 
ATOM   73   O O   B ARG A 1 30  ? -8.655  -15.795 13.007  0.42 43.20 ? 1864 ARG A O   1 
ATOM   74   C CB  A ARG A 1 30  ? -5.151  -14.081 13.870  0.58 46.49 ? 1864 ARG A CB  1 
ATOM   75   C CB  B ARG A 1 30  ? -5.508  -15.362 13.692  0.42 46.73 ? 1864 ARG A CB  1 
ATOM   76   C CG  A ARG A 1 30  ? -4.690  -14.113 12.417  0.58 42.98 ? 1864 ARG A CG  1 
ATOM   77   C CG  B ARG A 1 30  ? -5.527  -13.840 13.720  0.42 46.56 ? 1864 ARG A CG  1 
ATOM   78   C CD  A ARG A 1 30  ? -3.783  -12.936 12.108  0.58 45.49 ? 1864 ARG A CD  1 
ATOM   79   C CD  B ARG A 1 30  ? -4.538  -13.240 12.732  0.42 44.29 ? 1864 ARG A CD  1 
ATOM   80   N NE  A ARG A 1 30  ? -4.429  -11.674 12.449  0.58 44.16 ? 1864 ARG A NE  1 
ATOM   81   N NE  B ARG A 1 30  ? -4.681  -11.788 12.647  0.42 44.27 ? 1864 ARG A NE  1 
ATOM   82   C CZ  A ARG A 1 30  ? -5.285  -11.036 11.654  0.58 41.74 ? 1864 ARG A CZ  1 
ATOM   83   C CZ  B ARG A 1 30  ? -5.431  -11.160 11.745  0.42 41.90 ? 1864 ARG A CZ  1 
ATOM   84   N NH1 A ARG A 1 30  ? -5.590  -11.541 10.464  0.58 35.69 ? 1864 ARG A NH1 1 
ATOM   85   N NH1 B ARG A 1 30  ? -6.107  -11.854 10.837  0.42 37.99 ? 1864 ARG A NH1 1 
ATOM   86   N NH2 A ARG A 1 30  ? -5.835  -9.895  12.049  0.58 36.17 ? 1864 ARG A NH2 1 
ATOM   87   N NH2 B ARG A 1 30  ? -5.504  -9.835  11.749  0.42 36.88 ? 1864 ARG A NH2 1 
ATOM   88   N N   . ASP A 1 31  ? -8.359  -14.231 14.593  1.00 46.31 ? 1865 ASP A N   1 
ATOM   89   C CA  . ASP A 1 31  ? -9.614  -13.573 14.243  1.00 47.45 ? 1865 ASP A CA  1 
ATOM   90   C C   . ASP A 1 31  ? -9.377  -12.557 13.127  1.00 40.96 ? 1865 ASP A C   1 
ATOM   91   O O   . ASP A 1 31  ? -8.688  -11.558 13.336  1.00 40.68 ? 1865 ASP A O   1 
ATOM   92   C CB  . ASP A 1 31  ? -10.216 -12.886 15.477  1.00 46.56 ? 1865 ASP A CB  1 
ATOM   93   C CG  . ASP A 1 31  ? -11.605 -12.319 15.221  1.00 52.49 ? 1865 ASP A CG  1 
ATOM   94   O OD1 . ASP A 1 31  ? -12.071 -12.349 14.064  1.00 48.44 ? 1865 ASP A OD1 1 
ATOM   95   O OD2 . ASP A 1 31  ? -12.234 -11.831 16.186  1.00 57.95 ? 1865 ASP A OD2 1 
ATOM   96   N N   . ASP A 1 32  ? -9.943  -12.812 11.948  1.00 40.18 ? 1866 ASP A N   1 
ATOM   97   C CA  . ASP A 1 32  ? -9.716  -11.935 10.797  1.00 40.08 ? 1866 ASP A CA  1 
ATOM   98   C C   . ASP A 1 32  ? -10.960 -11.124 10.414  1.00 39.22 ? 1866 ASP A C   1 
ATOM   99   O O   . ASP A 1 32  ? -10.990 -10.471 9.366   1.00 35.92 ? 1866 ASP A O   1 
ATOM   100  C CB  . ASP A 1 32  ? -9.243  -12.761 9.594   1.00 36.53 ? 1866 ASP A CB  1 
ATOM   101  C CG  . ASP A 1 32  ? -10.283 -13.767 9.131   1.00 40.47 ? 1866 ASP A CG  1 
ATOM   102  O OD1 . ASP A 1 32  ? -11.221 -14.059 9.902   1.00 43.59 ? 1866 ASP A OD1 1 
ATOM   103  O OD2 . ASP A 1 32  ? -10.163 -14.273 7.997   1.00 43.81 ? 1866 ASP A OD2 1 
ATOM   104  N N   . SER A 1 33  ? -11.980 -11.158 11.263  1.00 32.30 ? 1867 SER A N   1 
ATOM   105  C CA  . SER A 1 33  ? -13.269 -10.559 10.923  1.00 40.89 ? 1867 SER A CA  1 
ATOM   106  C C   . SER A 1 33  ? -13.207 -9.031  10.825  1.00 34.67 ? 1867 SER A C   1 
ATOM   107  O O   . SER A 1 33  ? -14.064 -8.409  10.195  1.00 39.42 ? 1867 SER A O   1 
ATOM   108  C CB  . SER A 1 33  ? -14.331 -10.964 11.947  1.00 41.45 ? 1867 SER A CB  1 
ATOM   109  O OG  . SER A 1 33  ? -14.013 -10.460 13.234  1.00 44.75 ? 1867 SER A OG  1 
ATOM   110  N N   . LYS A 1 34  ? -12.199 -8.433  11.451  1.00 33.98 ? 1868 LYS A N   1 
ATOM   111  C CA  . LYS A 1 34  ? -12.076 -6.981  11.444  1.00 31.84 ? 1868 LYS A CA  1 
ATOM   112  C C   . LYS A 1 34  ? -11.033 -6.500  10.438  1.00 32.77 ? 1868 LYS A C   1 
ATOM   113  O O   . LYS A 1 34  ? -10.798 -5.303  10.326  1.00 28.83 ? 1868 LYS A O   1 
ATOM   114  C CB  . LYS A 1 34  ? -11.714 -6.463  12.840  1.00 35.65 ? 1868 LYS A CB  1 
ATOM   115  C CG  . LYS A 1 34  ? -12.780 -6.728  13.899  1.00 45.93 ? 1868 LYS A CG  1 
ATOM   116  C CD  . LYS A 1 34  ? -12.310 -6.268  15.273  1.00 53.25 ? 1868 LYS A CD  1 
ATOM   117  N N   . ASP A 1 35  ? -10.395 -7.427  9.729   1.00 27.88 ? 1869 ASP A N   1 
ATOM   118  C CA  . ASP A 1 35  ? -9.276  -7.061  8.841   1.00 28.04 ? 1869 ASP A CA  1 
ATOM   119  C C   . ASP A 1 35  ? -9.681  -6.057  7.752   1.00 28.82 ? 1869 ASP A C   1 
ATOM   120  O O   . ASP A 1 35  ? -8.981  -5.064  7.516   1.00 27.45 ? 1869 ASP A O   1 
ATOM   121  C CB  . ASP A 1 35  ? -8.679  -8.314  8.183   1.00 27.54 ? 1869 ASP A CB  1 
ATOM   122  C CG  . ASP A 1 35  ? -7.859  -9.144  9.153   1.00 31.21 ? 1869 ASP A CG  1 
ATOM   123  O OD1 . ASP A 1 35  ? -7.793  -8.766  10.345  1.00 29.15 ? 1869 ASP A OD1 1 
ATOM   124  O OD2 . ASP A 1 35  ? -7.294  -10.175 8.726   1.00 32.50 ? 1869 ASP A OD2 1 
ATOM   125  N N   . LEU A 1 36  ? -10.799 -6.328  7.085   1.00 26.99 ? 1870 LEU A N   1 
ATOM   126  C CA  . LEU A 1 36  ? -11.313 -5.428  6.044   1.00 31.25 ? 1870 LEU A CA  1 
ATOM   127  C C   . LEU A 1 36  ? -11.503 -3.993  6.543   1.00 32.03 ? 1870 LEU A C   1 
ATOM   128  O O   . LEU A 1 36  ? -10.983 -3.048  5.946   1.00 29.66 ? 1870 LEU A O   1 
ATOM   129  C CB  . LEU A 1 36  ? -12.636 -5.954  5.485   1.00 30.31 ? 1870 LEU A CB  1 
ATOM   130  C CG  . LEU A 1 36  ? -13.245 -5.154  4.327   1.00 37.61 ? 1870 LEU A CG  1 
ATOM   131  C CD1 . LEU A 1 36  ? -12.285 -5.087  3.152   1.00 31.51 ? 1870 LEU A CD1 1 
ATOM   132  C CD2 . LEU A 1 36  ? -14.567 -5.780  3.895   1.00 34.07 ? 1870 LEU A CD2 1 
ATOM   133  N N   . ALA A 1 37  ? -12.237 -3.831  7.641   1.00 28.77 ? 1871 ALA A N   1 
ATOM   134  C CA  . ALA A 1 37  ? -12.465 -2.517  8.236   1.00 28.38 ? 1871 ALA A CA  1 
ATOM   135  C C   . ALA A 1 37  ? -11.161 -1.812  8.614   1.00 31.20 ? 1871 ALA A C   1 
ATOM   136  O O   . ALA A 1 37  ? -10.992 -0.610  8.370   1.00 32.23 ? 1871 ALA A O   1 
ATOM   137  C CB  . ALA A 1 37  ? -13.361 -2.649  9.465   1.00 29.07 ? 1871 ALA A CB  1 
ATOM   138  N N   . LEU A 1 38  ? -10.241 -2.555  9.218   1.00 26.53 ? 1872 LEU A N   1 
ATOM   139  C CA  . LEU A 1 38  ? -8.973  -1.980  9.651   1.00 29.82 ? 1872 LEU A CA  1 
ATOM   140  C C   . LEU A 1 38  ? -8.077  -1.561  8.474   1.00 29.26 ? 1872 LEU A C   1 
ATOM   141  O O   . LEU A 1 38  ? -7.446  -0.505  8.527   1.00 25.20 ? 1872 LEU A O   1 
ATOM   142  C CB  . LEU A 1 38  ? -8.239  -2.968  10.560  1.00 28.93 ? 1872 LEU A CB  1 
ATOM   143  C CG  . LEU A 1 38  ? -8.924  -3.146  11.922  1.00 29.91 ? 1872 LEU A CG  1 
ATOM   144  C CD1 . LEU A 1 38  ? -8.325  -4.320  12.702  1.00 30.57 ? 1872 LEU A CD1 1 
ATOM   145  C CD2 . LEU A 1 38  ? -8.797  -1.857  12.719  1.00 32.80 ? 1872 LEU A CD2 1 
ATOM   146  N N   . CYS A 1 39  ? -8.003  -2.387  7.434   1.00 24.55 ? 1873 CYS A N   1 
ATOM   147  C CA  . CYS A 1 39  ? -7.263  -1.996  6.225   1.00 23.76 ? 1873 CYS A CA  1 
ATOM   148  C C   . CYS A 1 39  ? -7.879  -0.745  5.584   1.00 26.50 ? 1873 CYS A C   1 
ATOM   149  O O   . CYS A 1 39  ? -7.160  0.139   5.108   1.00 25.99 ? 1873 CYS A O   1 
ATOM   150  C CB  . CYS A 1 39  ? -7.228  -3.136  5.206   1.00 21.75 ? 1873 CYS A CB  1 
ATOM   151  S SG  . CYS A 1 39  ? -6.115  -4.491  5.677   1.00 25.25 ? 1873 CYS A SG  1 
ATOM   152  N N   . SER A 1 40  ? -9.210  -0.668  5.583   1.00 24.24 ? 1874 SER A N   1 
ATOM   153  C CA  . SER A 1 40  ? -9.895  0.507   5.052   1.00 26.83 ? 1874 SER A CA  1 
ATOM   154  C C   . SER A 1 40  ? -9.512  1.768   5.836   1.00 27.09 ? 1874 SER A C   1 
ATOM   155  O O   . SER A 1 40  ? -9.244  2.810   5.241   1.00 29.93 ? 1874 SER A O   1 
ATOM   156  C CB  . SER A 1 40  ? -11.419 0.309   5.077   1.00 30.30 ? 1874 SER A CB  1 
ATOM   157  O OG  . SER A 1 40  ? -12.086 1.469   4.589   1.00 30.48 ? 1874 SER A OG  1 
ATOM   158  N N   . MET A 1 41  ? -9.477  1.672   7.164   1.00 26.54 ? 1875 MET A N   1 
ATOM   159  C CA  . MET A 1 41  ? -9.079  2.810   8.000   1.00 22.79 ? 1875 MET A CA  1 
ATOM   160  C C   . MET A 1 41  ? -7.628  3.210   7.748   1.00 24.89 ? 1875 MET A C   1 
ATOM   161  O O   . MET A 1 41  ? -7.313  4.390   7.629   1.00 28.46 ? 1875 MET A O   1 
ATOM   162  C CB  . MET A 1 41  ? -9.291  2.494   9.487   1.00 26.85 ? 1875 MET A CB  1 
ATOM   163  C CG  . MET A 1 41  ? -10.759 2.292   9.852   1.00 38.15 ? 1875 MET A CG  1 
ATOM   164  S SD  . MET A 1 41  ? -10.969 1.766   11.574  1.00 47.18 ? 1875 MET A SD  1 
ATOM   165  C CE  . MET A 1 41  ? -10.006 3.021   12.419  1.00 47.00 ? 1875 MET A CE  1 
ATOM   166  N N   . ILE A 1 42  ? -6.740  2.225   7.643   1.00 23.44 ? 1876 ILE A N   1 
ATOM   167  C CA  . ILE A 1 42  ? -5.345  2.538   7.363   1.00 25.82 ? 1876 ILE A CA  1 
ATOM   168  C C   . ILE A 1 42  ? -5.234  3.253   6.002   1.00 23.18 ? 1876 ILE A C   1 
ATOM   169  O O   . ILE A 1 42  ? -4.505  4.237   5.870   1.00 23.51 ? 1876 ILE A O   1 
ATOM   170  C CB  . ILE A 1 42  ? -4.469  1.275   7.379   1.00 26.36 ? 1876 ILE A CB  1 
ATOM   171  C CG1 . ILE A 1 42  ? -4.469  0.650   8.781   1.00 24.03 ? 1876 ILE A CG1 1 
ATOM   172  C CG2 . ILE A 1 42  ? -3.046  1.612   6.973   1.00 22.70 ? 1876 ILE A CG2 1 
ATOM   173  C CD1 . ILE A 1 42  ? -3.586  -0.600  8.886   1.00 29.41 ? 1876 ILE A CD1 1 
ATOM   174  N N   . LEU A 1 43  ? -5.974  2.764   5.014   1.00 23.62 ? 1877 LEU A N   1 
ATOM   175  C CA  . LEU A 1 43  ? -5.892  3.320   3.664   1.00 20.99 ? 1877 LEU A CA  1 
ATOM   176  C C   . LEU A 1 43  ? -6.431  4.751   3.687   1.00 21.83 ? 1877 LEU A C   1 
ATOM   177  O O   . LEU A 1 43  ? -5.895  5.629   3.028   1.00 24.51 ? 1877 LEU A O   1 
ATOM   178  C CB  . LEU A 1 43  ? -6.668  2.465   2.665   1.00 22.97 ? 1877 LEU A CB  1 
ATOM   179  C CG  . LEU A 1 43  ? -6.638  2.921   1.199   1.00 22.70 ? 1877 LEU A CG  1 
ATOM   180  C CD1 . LEU A 1 43  ? -5.208  3.004   0.685   1.00 22.89 ? 1877 LEU A CD1 1 
ATOM   181  C CD2 . LEU A 1 43  ? -7.468  1.955   0.334   1.00 25.93 ? 1877 LEU A CD2 1 
ATOM   182  N N   . THR A 1 44  ? -7.479  4.977   4.477   1.00 24.39 ? 1878 THR A N   1 
ATOM   183  C CA  . THR A 1 44  ? -8.008  6.337   4.647   1.00 24.77 ? 1878 THR A CA  1 
ATOM   184  C C   . THR A 1 44  ? -6.959  7.274   5.218   1.00 25.79 ? 1878 THR A C   1 
ATOM   185  O O   . THR A 1 44  ? -6.761  8.399   4.724   1.00 26.63 ? 1878 THR A O   1 
ATOM   186  C CB  . THR A 1 44  ? -9.244  6.350   5.553   1.00 29.91 ? 1878 THR A CB  1 
ATOM   187  O OG1 . THR A 1 44  ? -10.311 5.691   4.877   1.00 26.14 ? 1878 THR A OG1 1 
ATOM   188  C CG2 . THR A 1 44  ? -9.662  7.792   5.876   1.00 28.85 ? 1878 THR A CG2 1 
ATOM   189  N N   . GLU A 1 45  ? -6.263  6.817   6.252   1.00 23.73 ? 1879 GLU A N   1 
ATOM   190  C CA  . GLU A 1 45  ? -5.202  7.615   6.842   1.00 24.53 ? 1879 GLU A CA  1 
ATOM   191  C C   . GLU A 1 45  ? -4.097  7.900   5.829   1.00 24.07 ? 1879 GLU A C   1 
ATOM   192  O O   . GLU A 1 45  ? -3.517  8.980   5.837   1.00 26.78 ? 1879 GLU A O   1 
ATOM   193  C CB  . GLU A 1 45  ? -4.652  6.918   8.088   1.00 28.71 ? 1879 GLU A CB  1 
ATOM   194  C CG  . GLU A 1 45  ? -5.739  6.774   9.154   1.00 32.21 ? 1879 GLU A CG  1 
ATOM   195  C CD  . GLU A 1 45  ? -5.347  5.876   10.319  1.00 47.58 ? 1879 GLU A CD  1 
ATOM   196  O OE1 . GLU A 1 45  ? -4.297  5.203   10.243  1.00 47.37 ? 1879 GLU A OE1 1 
ATOM   197  O OE2 . GLU A 1 45  ? -6.110  5.838   11.307  1.00 56.66 ? 1879 GLU A OE2 1 
ATOM   198  N N   . MET A 1 46  ? -3.806  6.944   4.946   1.00 22.82 ? 1880 MET A N   1 
ATOM   199  C CA  A MET A 1 46  ? -2.796  7.211   3.930   0.60 21.71 ? 1880 MET A CA  1 
ATOM   200  C CA  B MET A 1 46  ? -2.832  7.146   3.873   0.40 21.76 ? 1880 MET A CA  1 
ATOM   201  C C   . MET A 1 46  ? -3.336  8.188   2.888   1.00 22.78 ? 1880 MET A C   1 
ATOM   202  O O   . MET A 1 46  ? -2.613  9.104   2.482   1.00 23.41 ? 1880 MET A O   1 
ATOM   203  C CB  A MET A 1 46  ? -2.322  5.916   3.271   0.60 26.31 ? 1880 MET A CB  1 
ATOM   204  C CB  B MET A 1 46  ? -2.570  5.836   3.127   0.40 25.81 ? 1880 MET A CB  1 
ATOM   205  C CG  A MET A 1 46  ? -1.450  5.072   4.198   0.60 21.27 ? 1880 MET A CG  1 
ATOM   206  C CG  B MET A 1 46  ? -2.122  4.693   4.014   0.40 24.49 ? 1880 MET A CG  1 
ATOM   207  S SD  A MET A 1 46  ? -0.584  3.743   3.351   0.60 21.54 ? 1880 MET A SD  1 
ATOM   208  S SD  B MET A 1 46  ? -0.460  4.971   4.635   0.40 21.25 ? 1880 MET A SD  1 
ATOM   209  C CE  A MET A 1 46  ? -1.952  2.757   2.778   0.60 17.06 ? 1880 MET A CE  1 
ATOM   210  C CE  B MET A 1 46  ? 0.509   4.714   3.150   0.40 24.74 ? 1880 MET A CE  1 
ATOM   211  N N   . GLU A 1 47  ? -4.587  8.000   2.484   1.00 21.15 ? 1881 GLU A N   1 
ATOM   212  C CA  . GLU A 1 47  ? -5.222  8.863   1.474   1.00 24.95 ? 1881 GLU A CA  1 
ATOM   213  C C   . GLU A 1 47  ? -5.236  10.332  1.894   1.00 29.82 ? 1881 GLU A C   1 
ATOM   214  O O   . GLU A 1 47  ? -5.189  11.234  1.052   1.00 25.12 ? 1881 GLU A O   1 
ATOM   215  C CB  . GLU A 1 47  ? -6.655  8.387   1.192   1.00 24.14 ? 1881 GLU A CB  1 
ATOM   216  C CG  . GLU A 1 47  ? -6.749  7.159   0.283   1.00 22.86 ? 1881 GLU A CG  1 
ATOM   217  C CD  . GLU A 1 47  ? -8.110  6.466   0.335   1.00 30.17 ? 1881 GLU A CD  1 
ATOM   218  O OE1 . GLU A 1 47  ? -8.877  6.698   1.294   1.00 29.33 ? 1881 GLU A OE1 1 
ATOM   219  O OE2 . GLU A 1 47  ? -8.409  5.661   -0.573  1.00 29.61 ? 1881 GLU A OE2 1 
ATOM   220  N N   . THR A 1 48  ? -5.282  10.578  3.197   1.00 27.06 ? 1882 THR A N   1 
ATOM   221  C CA  . THR A 1 48  ? -5.437  11.954  3.676   1.00 28.35 ? 1882 THR A CA  1 
ATOM   222  C C   . THR A 1 48  ? -4.133  12.553  4.222   1.00 31.47 ? 1882 THR A C   1 
ATOM   223  O O   . THR A 1 48  ? -4.099  13.698  4.668   1.00 32.88 ? 1882 THR A O   1 
ATOM   224  C CB  . THR A 1 48  ? -6.540  12.031  4.747   1.00 33.36 ? 1882 THR A CB  1 
ATOM   225  O OG1 . THR A 1 48  ? -6.244  11.132  5.824   1.00 30.78 ? 1882 THR A OG1 1 
ATOM   226  C CG2 . THR A 1 48  ? -7.879  11.654  4.149   1.00 34.79 ? 1882 THR A CG2 1 
ATOM   227  N N   . HIS A 1 49  ? -3.050  11.794  4.151   1.00 22.80 ? 1883 HIS A N   1 
ATOM   228  C CA  . HIS A 1 49  ? -1.728  12.288  4.516   1.00 24.09 ? 1883 HIS A CA  1 
ATOM   229  C C   . HIS A 1 49  ? -1.302  13.378  3.531   1.00 25.15 ? 1883 HIS A C   1 
ATOM   230  O O   . HIS A 1 49  ? -1.541  13.241  2.334   1.00 26.50 ? 1883 HIS A O   1 
ATOM   231  C CB  . HIS A 1 49  ? -0.734  11.130  4.495   1.00 24.43 ? 1883 HIS A CB  1 
ATOM   232  C CG  . HIS A 1 49  ? 0.593   11.428  5.125   1.00 26.42 ? 1883 HIS A CG  1 
ATOM   233  N ND1 . HIS A 1 49  ? 1.445   12.409  4.659   1.00 26.42 ? 1883 HIS A ND1 1 
ATOM   234  C CD2 . HIS A 1 49  ? 1.241   10.824  6.149   1.00 26.55 ? 1883 HIS A CD2 1 
ATOM   235  C CE1 . HIS A 1 49  ? 2.549   12.411  5.383   1.00 28.71 ? 1883 HIS A CE1 1 
ATOM   236  N NE2 . HIS A 1 49  ? 2.456   11.453  6.290   1.00 28.91 ? 1883 HIS A NE2 1 
ATOM   237  N N   . GLU A 1 50  ? -0.663  14.445  4.001   1.00 29.62 ? 1884 GLU A N   1 
ATOM   238  C CA  A GLU A 1 50  ? -0.337  15.527  3.079   0.52 28.31 ? 1884 GLU A CA  1 
ATOM   239  C CA  B GLU A 1 50  ? -0.260  15.544  3.130   0.48 28.32 ? 1884 GLU A CA  1 
ATOM   240  C C   . GLU A 1 50  ? 0.703   15.107  2.028   1.00 28.73 ? 1884 GLU A C   1 
ATOM   241  O O   . GLU A 1 50  ? 0.751   15.700  0.947   1.00 32.30 ? 1884 GLU A O   1 
ATOM   242  C CB  A GLU A 1 50  ? 0.127   16.786  3.840   0.52 34.63 ? 1884 GLU A CB  1 
ATOM   243  C CB  B GLU A 1 50  ? 0.381   16.664  3.958   0.48 34.29 ? 1884 GLU A CB  1 
ATOM   244  C CG  A GLU A 1 50  ? 1.423   16.673  4.622   0.52 32.45 ? 1884 GLU A CG  1 
ATOM   245  C CG  B GLU A 1 50  ? 1.058   17.735  3.125   0.48 35.29 ? 1884 GLU A CG  1 
ATOM   246  C CD  A GLU A 1 50  ? 1.883   18.024  5.182   0.52 37.75 ? 1884 GLU A CD  1 
ATOM   247  C CD  B GLU A 1 50  ? 1.710   18.810  3.975   0.48 39.69 ? 1884 GLU A CD  1 
ATOM   248  O OE1 A GLU A 1 50  ? 2.652   18.722  4.492   0.52 38.90 ? 1884 GLU A OE1 1 
ATOM   249  O OE1 B GLU A 1 50  ? 2.775   19.319  3.568   0.48 39.84 ? 1884 GLU A OE1 1 
ATOM   250  O OE2 A GLU A 1 50  ? 1.472   18.391  6.304   0.52 39.27 ? 1884 GLU A OE2 1 
ATOM   251  O OE2 B GLU A 1 50  ? 1.158   19.141  5.049   0.48 41.07 ? 1884 GLU A OE2 1 
ATOM   252  N N   . ASP A 1 51  ? 1.494   14.071  2.302   1.00 24.84 ? 1885 ASP A N   1 
ATOM   253  C CA  . ASP A 1 51  ? 2.503   13.629  1.336   1.00 22.30 ? 1885 ASP A CA  1 
ATOM   254  C C   . ASP A 1 51  ? 1.965   12.533  0.408   1.00 23.57 ? 1885 ASP A C   1 
ATOM   255  O O   . ASP A 1 51  ? 2.733   11.896  -0.306  1.00 25.60 ? 1885 ASP A O   1 
ATOM   256  C CB  . ASP A 1 51  ? 3.770   13.122  2.042   1.00 24.33 ? 1885 ASP A CB  1 
ATOM   257  C CG  . ASP A 1 51  ? 4.555   14.241  2.738   1.00 31.69 ? 1885 ASP A CG  1 
ATOM   258  O OD1 . ASP A 1 51  ? 4.311   15.430  2.436   1.00 28.03 ? 1885 ASP A OD1 1 
ATOM   259  O OD2 . ASP A 1 51  ? 5.434   13.922  3.570   1.00 25.57 ? 1885 ASP A OD2 1 
ATOM   260  N N   . ALA A 1 52  ? 0.653   12.331  0.402   1.00 22.58 ? 1886 ALA A N   1 
ATOM   261  C CA  . ALA A 1 52  ? 0.068   11.255  -0.412  1.00 22.57 ? 1886 ALA A CA  1 
ATOM   262  C C   . ALA A 1 52  ? -0.072  11.631  -1.885  1.00 24.99 ? 1886 ALA A C   1 
ATOM   263  O O   . ALA A 1 52  ? -0.379  10.783  -2.720  1.00 21.95 ? 1886 ALA A O   1 
ATOM   264  C CB  . ALA A 1 52  ? -1.293  10.858  0.132   1.00 24.57 ? 1886 ALA A CB  1 
ATOM   265  N N   . TRP A 1 53  ? 0.128   12.904  -2.208  1.00 25.92 ? 1887 TRP A N   1 
ATOM   266  C CA  . TRP A 1 53  ? -0.278  13.394  -3.527  1.00 26.88 ? 1887 TRP A CA  1 
ATOM   267  C C   . TRP A 1 53  ? 0.356   12.692  -4.737  1.00 22.17 ? 1887 TRP A C   1 
ATOM   268  O O   . TRP A 1 53  ? -0.296  12.610  -5.796  1.00 23.98 ? 1887 TRP A O   1 
ATOM   269  C CB  . TRP A 1 53  ? -0.032  14.913  -3.625  1.00 24.30 ? 1887 TRP A CB  1 
ATOM   270  C CG  . TRP A 1 53  ? 1.364   15.334  -3.350  1.00 26.98 ? 1887 TRP A CG  1 
ATOM   271  C CD1 . TRP A 1 53  ? 1.885   15.719  -2.142  1.00 28.66 ? 1887 TRP A CD1 1 
ATOM   272  C CD2 . TRP A 1 53  ? 2.426   15.436  -4.298  1.00 25.35 ? 1887 TRP A CD2 1 
ATOM   273  N NE1 . TRP A 1 53  ? 3.215   16.031  -2.283  1.00 29.52 ? 1887 TRP A NE1 1 
ATOM   274  C CE2 . TRP A 1 53  ? 3.570   15.877  -3.600  1.00 27.25 ? 1887 TRP A CE2 1 
ATOM   275  C CE3 . TRP A 1 53  ? 2.526   15.195  -5.675  1.00 27.33 ? 1887 TRP A CE3 1 
ATOM   276  C CZ2 . TRP A 1 53  ? 4.797   16.080  -4.229  1.00 31.63 ? 1887 TRP A CZ2 1 
ATOM   277  C CZ3 . TRP A 1 53  ? 3.745   15.395  -6.297  1.00 27.46 ? 1887 TRP A CZ3 1 
ATOM   278  C CH2 . TRP A 1 53  ? 4.864   15.835  -5.577  1.00 29.27 ? 1887 TRP A CH2 1 
ATOM   279  N N   . PRO A 1 54  ? 1.597   12.169  -4.617  1.00 22.79 ? 1888 PRO A N   1 
ATOM   280  C CA  . PRO A 1 54  ? 2.137   11.464  -5.788  1.00 23.51 ? 1888 PRO A CA  1 
ATOM   281  C C   . PRO A 1 54  ? 1.496   10.103  -6.024  1.00 21.93 ? 1888 PRO A C   1 
ATOM   282  O O   . PRO A 1 54  ? 1.757   9.507   -7.079  1.00 21.90 ? 1888 PRO A O   1 
ATOM   283  C CB  . PRO A 1 54  ? 3.629   11.263  -5.445  1.00 22.28 ? 1888 PRO A CB  1 
ATOM   284  C CG  . PRO A 1 54  ? 3.902   12.159  -4.250  1.00 21.23 ? 1888 PRO A CG  1 
ATOM   285  C CD  . PRO A 1 54  ? 2.583   12.226  -3.519  1.00 22.01 ? 1888 PRO A CD  1 
ATOM   286  N N   . PHE A 1 55  ? 0.684   9.636   -5.073  1.00 21.07 ? 1889 PHE A N   1 
ATOM   287  C CA  . PHE A 1 55  ? 0.232   8.233   -5.043  1.00 22.23 ? 1889 PHE A CA  1 
ATOM   288  C C   . PHE A 1 55  ? -1.275  8.065   -5.139  1.00 23.84 ? 1889 PHE A C   1 
ATOM   289  O O   . PHE A 1 55  ? -1.775  6.950   -5.107  1.00 21.84 ? 1889 PHE A O   1 
ATOM   290  C CB  . PHE A 1 55  ? 0.737   7.565   -3.754  1.00 21.46 ? 1889 PHE A CB  1 
ATOM   291  C CG  . PHE A 1 55  ? 2.192   7.835   -3.490  1.00 21.42 ? 1889 PHE A CG  1 
ATOM   292  C CD1 . PHE A 1 55  ? 3.167   7.377   -4.384  1.00 20.90 ? 1889 PHE A CD1 1 
ATOM   293  C CD2 . PHE A 1 55  ? 2.591   8.580   -2.387  1.00 22.80 ? 1889 PHE A CD2 1 
ATOM   294  C CE1 . PHE A 1 55  ? 4.516   7.652   -4.174  1.00 19.56 ? 1889 PHE A CE1 1 
ATOM   295  C CE2 . PHE A 1 55  ? 3.940   8.859   -2.171  1.00 23.25 ? 1889 PHE A CE2 1 
ATOM   296  C CZ  . PHE A 1 55  ? 4.903   8.394   -3.060  1.00 22.50 ? 1889 PHE A CZ  1 
ATOM   297  N N   . LEU A 1 56  ? -1.998  9.174   -5.241  1.00 21.81 ? 1890 LEU A N   1 
ATOM   298  C CA  . LEU A 1 56  ? -3.454  9.121   -5.148  1.00 22.62 ? 1890 LEU A CA  1 
ATOM   299  C C   . LEU A 1 56  ? -4.103  8.523   -6.385  1.00 26.99 ? 1890 LEU A C   1 
ATOM   300  O O   . LEU A 1 56  ? -5.127  7.850   -6.287  1.00 27.10 ? 1890 LEU A O   1 
ATOM   301  C CB  . LEU A 1 56  ? -4.024  10.515  -4.902  1.00 22.09 ? 1890 LEU A CB  1 
ATOM   302  C CG  . LEU A 1 56  ? -3.651  11.114  -3.553  1.00 26.82 ? 1890 LEU A CG  1 
ATOM   303  C CD1 . LEU A 1 56  ? -4.195  12.528  -3.466  1.00 29.21 ? 1890 LEU A CD1 1 
ATOM   304  C CD2 . LEU A 1 56  ? -4.184  10.235  -2.412  1.00 28.91 ? 1890 LEU A CD2 1 
ATOM   305  N N   . LEU A 1 57  ? -3.505  8.771   -7.544  1.00 23.69 ? 1891 LEU A N   1 
ATOM   306  C CA  . LEU A 1 57  ? -4.030  8.274   -8.812  1.00 23.12 ? 1891 LEU A CA  1 
ATOM   307  C C   . LEU A 1 57  ? -2.943  7.545   -9.588  1.00 22.86 ? 1891 LEU A C   1 
ATOM   308  O O   . LEU A 1 57  ? -1.765  7.744   -9.334  1.00 23.77 ? 1891 LEU A O   1 
ATOM   309  C CB  . LEU A 1 57  ? -4.574  9.436   -9.653  1.00 25.95 ? 1891 LEU A CB  1 
ATOM   310  C CG  . LEU A 1 57  ? -5.705  10.257  -9.042  1.00 29.98 ? 1891 LEU A CG  1 
ATOM   311  C CD1 . LEU A 1 57  ? -5.961  11.511  -9.876  1.00 33.38 ? 1891 LEU A CD1 1 
ATOM   312  C CD2 . LEU A 1 57  ? -6.977  9.431   -8.911  1.00 30.37 ? 1891 LEU A CD2 1 
ATOM   313  N N   . PRO A 1 58  ? -3.334  6.725   -10.571 1.00 21.22 ? 1892 PRO A N   1 
ATOM   314  C CA  . PRO A 1 58  ? -2.326  6.073   -11.415 1.00 21.16 ? 1892 PRO A CA  1 
ATOM   315  C C   . PRO A 1 58  ? -1.447  7.080   -12.132 1.00 27.76 ? 1892 PRO A C   1 
ATOM   316  O O   . PRO A 1 58  ? -1.945  8.113   -12.561 1.00 26.38 ? 1892 PRO A O   1 
ATOM   317  C CB  . PRO A 1 58  ? -3.159  5.288   -12.440 1.00 24.39 ? 1892 PRO A CB  1 
ATOM   318  C CG  . PRO A 1 58  ? -4.526  5.235   -11.894 1.00 27.88 ? 1892 PRO A CG  1 
ATOM   319  C CD  . PRO A 1 58  ? -4.710  6.404   -10.979 1.00 23.09 ? 1892 PRO A CD  1 
ATOM   320  N N   . VAL A 1 59  ? -0.162  6.781   -12.249 1.00 25.47 ? 1893 VAL A N   1 
ATOM   321  C CA  . VAL A 1 59  ? 0.732   7.565   -13.089 1.00 24.74 ? 1893 VAL A CA  1 
ATOM   322  C C   . VAL A 1 59  ? 0.205   7.531   -14.519 1.00 30.27 ? 1893 VAL A C   1 
ATOM   323  O O   . VAL A 1 59  ? -0.166  6.476   -15.016 1.00 29.66 ? 1893 VAL A O   1 
ATOM   324  C CB  . VAL A 1 59  ? 2.179   7.015   -13.044 1.00 27.34 ? 1893 VAL A CB  1 
ATOM   325  C CG1 . VAL A 1 59  ? 3.083   7.797   -13.996 1.00 32.96 ? 1893 VAL A CG1 1 
ATOM   326  C CG2 . VAL A 1 59  ? 2.727   7.028   -11.589 1.00 25.09 ? 1893 VAL A CG2 1 
ATOM   327  N N   . ASN A 1 60  ? 0.147   8.689   -15.170 1.00 31.64 ? 1894 ASN A N   1 
ATOM   328  C CA  . ASN A 1 60  ? -0.353  8.756   -16.537 1.00 30.80 ? 1894 ASN A CA  1 
ATOM   329  C C   . ASN A 1 60  ? 0.702   8.216   -17.498 1.00 34.47 ? 1894 ASN A C   1 
ATOM   330  O O   . ASN A 1 60  ? 1.706   8.883   -17.766 1.00 37.75 ? 1894 ASN A O   1 
ATOM   331  C CB  . ASN A 1 60  ? -0.736  10.200  -16.892 1.00 36.00 ? 1894 ASN A CB  1 
ATOM   332  C CG  . ASN A 1 60  ? -1.411  10.317  -18.253 1.00 45.82 ? 1894 ASN A CG  1 
ATOM   333  O OD1 . ASN A 1 60  ? -1.059  9.615   -19.206 1.00 42.49 ? 1894 ASN A OD1 1 
ATOM   334  N ND2 . ASN A 1 60  ? -2.387  11.217  -18.348 1.00 45.36 ? 1894 ASN A ND2 1 
ATOM   335  N N   . LEU A 1 61  ? 0.487   7.002   -17.995 1.00 30.63 ? 1895 LEU A N   1 
ATOM   336  C CA  . LEU A 1 61  ? 1.517   6.323   -18.774 1.00 37.83 ? 1895 LEU A CA  1 
ATOM   337  C C   . LEU A 1 61  ? 1.734   6.964   -20.142 1.00 44.28 ? 1895 LEU A C   1 
ATOM   338  O O   . LEU A 1 61  ? 2.739   6.702   -20.803 1.00 42.95 ? 1895 LEU A O   1 
ATOM   339  C CB  . LEU A 1 61  ? 1.167   4.848   -18.944 1.00 36.38 ? 1895 LEU A CB  1 
ATOM   340  C CG  . LEU A 1 61  ? 1.046   4.056   -17.640 1.00 36.09 ? 1895 LEU A CG  1 
ATOM   341  C CD1 . LEU A 1 61  ? 0.810   2.578   -17.930 1.00 40.31 ? 1895 LEU A CD1 1 
ATOM   342  C CD2 . LEU A 1 61  ? 2.294   4.257   -16.770 1.00 33.35 ? 1895 LEU A CD2 1 
ATOM   343  N N   . LYS A 1 62  ? 0.789   7.795   -20.565 1.00 44.09 ? 1896 LYS A N   1 
ATOM   344  C CA  . LYS A 1 62  ? 0.905   8.479   -21.850 1.00 48.55 ? 1896 LYS A CA  1 
ATOM   345  C C   . LYS A 1 62  ? 1.786   9.711   -21.725 1.00 48.74 ? 1896 LYS A C   1 
ATOM   346  O O   . LYS A 1 62  ? 2.444   10.111  -22.683 1.00 53.14 ? 1896 LYS A O   1 
ATOM   347  C CB  . LYS A 1 62  ? -0.470  8.889   -22.384 1.00 45.63 ? 1896 LYS A CB  1 
ATOM   348  C CG  . LYS A 1 62  ? -1.322  7.767   -22.938 1.00 53.44 ? 1896 LYS A CG  1 
ATOM   349  C CD  . LYS A 1 62  ? -2.683  8.321   -23.350 1.00 63.52 ? 1896 LYS A CD  1 
ATOM   350  C CE  . LYS A 1 62  ? -3.672  7.223   -23.707 1.00 75.43 ? 1896 LYS A CE  1 
ATOM   351  N NZ  . LYS A 1 62  ? -3.930  7.150   -25.174 1.00 86.11 ? 1896 LYS A NZ  1 
ATOM   352  N N   . LEU A 1 63  ? 1.796   10.313  -20.539 1.00 41.91 ? 1897 LEU A N   1 
ATOM   353  C CA  . LEU A 1 63  ? 2.465   11.595  -20.354 1.00 38.90 ? 1897 LEU A CA  1 
ATOM   354  C C   . LEU A 1 63  ? 3.801   11.503  -19.628 1.00 43.51 ? 1897 LEU A C   1 
ATOM   355  O O   . LEU A 1 63  ? 4.590   12.443  -19.671 1.00 46.40 ? 1897 LEU A O   1 
ATOM   356  C CB  . LEU A 1 63  ? 1.553   12.557  -19.593 1.00 41.98 ? 1897 LEU A CB  1 
ATOM   357  C CG  . LEU A 1 63  ? 0.149   12.766  -20.166 1.00 55.82 ? 1897 LEU A CG  1 
ATOM   358  C CD1 . LEU A 1 63  ? -0.631  13.726  -19.289 1.00 52.77 ? 1897 LEU A CD1 1 
ATOM   359  C CD2 . LEU A 1 63  ? 0.203   13.267  -21.605 1.00 50.23 ? 1897 LEU A CD2 1 
ATOM   360  N N   . VAL A 1 64  ? 4.066   10.392  -18.948 1.00 35.43 ? 1898 VAL A N   1 
ATOM   361  C CA  . VAL A 1 64  ? 5.298   10.307  -18.172 1.00 30.20 ? 1898 VAL A CA  1 
ATOM   362  C C   . VAL A 1 64  ? 6.288   9.384   -18.871 1.00 39.72 ? 1898 VAL A C   1 
ATOM   363  O O   . VAL A 1 64  ? 6.088   8.168   -18.925 1.00 36.00 ? 1898 VAL A O   1 
ATOM   364  C CB  . VAL A 1 64  ? 5.038   9.822   -16.727 1.00 34.14 ? 1898 VAL A CB  1 
ATOM   365  C CG1 . VAL A 1 64  ? 6.345   9.715   -15.955 1.00 34.19 ? 1898 VAL A CG1 1 
ATOM   366  C CG2 . VAL A 1 64  ? 4.084   10.777  -16.016 1.00 34.49 ? 1898 VAL A CG2 1 
ATOM   367  N N   . PRO A 1 65  ? 7.356   9.969   -19.432 1.00 38.94 ? 1899 PRO A N   1 
ATOM   368  C CA  . PRO A 1 65  ? 8.360   9.182   -20.156 1.00 42.00 ? 1899 PRO A CA  1 
ATOM   369  C C   . PRO A 1 65  ? 8.975   8.100   -19.278 1.00 33.40 ? 1899 PRO A C   1 
ATOM   370  O O   . PRO A 1 65  ? 9.264   8.338   -18.101 1.00 36.01 ? 1899 PRO A O   1 
ATOM   371  C CB  . PRO A 1 65  ? 9.415   10.227  -20.552 1.00 44.83 ? 1899 PRO A CB  1 
ATOM   372  C CG  . PRO A 1 65  ? 8.699   11.538  -20.507 1.00 46.30 ? 1899 PRO A CG  1 
ATOM   373  C CD  . PRO A 1 65  ? 7.684   11.405  -19.405 1.00 43.08 ? 1899 PRO A CD  1 
ATOM   374  N N   . GLY A 1 66  ? 9.167   6.917   -19.843 1.00 31.00 ? 1900 GLY A N   1 
ATOM   375  C CA  . GLY A 1 66  ? 9.884   5.874   -19.144 1.00 30.83 ? 1900 GLY A CA  1 
ATOM   376  C C   . GLY A 1 66  ? 9.040   5.010   -18.224 1.00 34.04 ? 1900 GLY A C   1 
ATOM   377  O O   . GLY A 1 66  ? 9.384   3.856   -17.990 1.00 28.95 ? 1900 GLY A O   1 
ATOM   378  N N   . TYR A 1 67  ? 7.940   5.546   -17.700 1.00 31.25 ? 1901 TYR A N   1 
ATOM   379  C CA  . TYR A 1 67  ? 7.234   4.840   -16.621 1.00 30.97 ? 1901 TYR A CA  1 
ATOM   380  C C   . TYR A 1 67  ? 6.653   3.497   -17.061 1.00 28.22 ? 1901 TYR A C   1 
ATOM   381  O O   . TYR A 1 67  ? 6.762   2.496   -16.339 1.00 29.74 ? 1901 TYR A O   1 
ATOM   382  C CB  . TYR A 1 67  ? 6.117   5.714   -16.024 1.00 27.75 ? 1901 TYR A CB  1 
ATOM   383  C CG  . TYR A 1 67  ? 5.833   5.346   -14.577 1.00 25.67 ? 1901 TYR A CG  1 
ATOM   384  C CD1 . TYR A 1 67  ? 6.544   5.938   -13.550 1.00 27.04 ? 1901 TYR A CD1 1 
ATOM   385  C CD2 . TYR A 1 67  ? 4.880   4.379   -14.251 1.00 28.24 ? 1901 TYR A CD2 1 
ATOM   386  C CE1 . TYR A 1 67  ? 6.314   5.590   -12.213 1.00 30.11 ? 1901 TYR A CE1 1 
ATOM   387  C CE2 . TYR A 1 67  ? 4.634   4.029   -12.924 1.00 25.19 ? 1901 TYR A CE2 1 
ATOM   388  C CZ  . TYR A 1 67  ? 5.353   4.641   -11.910 1.00 32.21 ? 1901 TYR A CZ  1 
ATOM   389  O OH  . TYR A 1 67  ? 5.128   4.298   -10.581 1.00 28.52 ? 1901 TYR A OH  1 
ATOM   390  N N   . LYS A 1 68  ? 6.054   3.462   -18.249 1.00 32.52 ? 1902 LYS A N   1 
ATOM   391  C CA  . LYS A 1 68  ? 5.399   2.246   -18.725 1.00 37.48 ? 1902 LYS A CA  1 
ATOM   392  C C   . LYS A 1 68  ? 6.401   1.104   -18.915 1.00 33.74 ? 1902 LYS A C   1 
ATOM   393  O O   . LYS A 1 68  ? 6.125   -0.047  -18.562 1.00 33.80 ? 1902 LYS A O   1 
ATOM   394  C CB  . LYS A 1 68  ? 4.645   2.514   -20.040 1.00 34.62 ? 1902 LYS A CB  1 
ATOM   395  C CG  . LYS A 1 68  ? 3.658   1.408   -20.415 1.00 43.89 ? 1902 LYS A CG  1 
ATOM   396  C CD  . LYS A 1 68  ? 2.942   1.714   -21.727 1.00 47.56 ? 1902 LYS A CD  1 
ATOM   397  C CE  . LYS A 1 68  ? 1.738   0.802   -21.953 1.00 56.41 ? 1902 LYS A CE  1 
ATOM   398  N NZ  . LYS A 1 68  ? 2.098   -0.641  -21.952 1.00 53.77 ? 1902 LYS A NZ  1 
ATOM   399  N N   . LYS A 1 69  ? 7.570   1.424   -19.461 1.00 33.31 ? 1903 LYS A N   1 
ATOM   400  C CA  . LYS A 1 69  ? 8.570   0.389   -19.749 1.00 31.73 ? 1903 LYS A CA  1 
ATOM   401  C C   . LYS A 1 69  ? 9.299   -0.068  -18.494 1.00 32.57 ? 1903 LYS A C   1 
ATOM   402  O O   . LYS A 1 69  ? 9.593   -1.250  -18.334 1.00 35.91 ? 1903 LYS A O   1 
ATOM   403  C CB  . LYS A 1 69  ? 9.601   0.894   -20.781 1.00 31.04 ? 1903 LYS A CB  1 
ATOM   404  C CG  . LYS A 1 69  ? 10.714  -0.120  -21.073 1.00 33.11 ? 1903 LYS A CG  1 
ATOM   405  C CD  . LYS A 1 69  ? 10.129  -1.424  -21.597 1.00 34.88 ? 1903 LYS A CD  1 
ATOM   406  C CE  . LYS A 1 69  ? 11.210  -2.387  -22.064 1.00 34.53 ? 1903 LYS A CE  1 
ATOM   407  N NZ  . LYS A 1 69  ? 11.742  -2.009  -23.405 1.00 37.61 ? 1903 LYS A NZ  1 
ATOM   408  N N   . VAL A 1 70  ? 9.593   0.879   -17.609 1.00 28.58 ? 1904 VAL A N   1 
ATOM   409  C CA  . VAL A 1 70  ? 10.392  0.614   -16.423 1.00 28.74 ? 1904 VAL A CA  1 
ATOM   410  C C   . VAL A 1 70  ? 9.604   -0.064  -15.307 1.00 35.32 ? 1904 VAL A C   1 
ATOM   411  O O   . VAL A 1 70  ? 10.105  -0.998  -14.674 1.00 29.49 ? 1904 VAL A O   1 
ATOM   412  C CB  . VAL A 1 70  ? 11.003  1.926   -15.866 1.00 28.49 ? 1904 VAL A CB  1 
ATOM   413  C CG1 . VAL A 1 70  ? 11.659  1.692   -14.513 1.00 28.66 ? 1904 VAL A CG1 1 
ATOM   414  C CG2 . VAL A 1 70  ? 12.007  2.516   -16.869 1.00 30.98 ? 1904 VAL A CG2 1 
ATOM   415  N N   . ILE A 1 71  ? 8.386   0.413   -15.054 1.00 29.10 ? 1905 ILE A N   1 
ATOM   416  C CA  . ILE A 1 71  ? 7.619   -0.038  -13.884 1.00 27.56 ? 1905 ILE A CA  1 
ATOM   417  C C   . ILE A 1 71  ? 6.615   -1.109  -14.291 1.00 29.06 ? 1905 ILE A C   1 
ATOM   418  O O   . ILE A 1 71  ? 5.540   -0.809  -14.816 1.00 32.78 ? 1905 ILE A O   1 
ATOM   419  C CB  . ILE A 1 71  ? 6.874   1.136   -13.183 1.00 31.33 ? 1905 ILE A CB  1 
ATOM   420  C CG1 . ILE A 1 71  ? 7.860   2.205   -12.705 1.00 31.33 ? 1905 ILE A CG1 1 
ATOM   421  C CG2 . ILE A 1 71  ? 6.020   0.622   -12.008 1.00 27.82 ? 1905 ILE A CG2 1 
ATOM   422  C CD1 . ILE A 1 71  ? 8.903   1.709   -11.702 1.00 29.77 ? 1905 ILE A CD1 1 
ATOM   423  N N   . LYS A 1 72  ? 6.971   -2.361  -14.028 1.00 30.80 ? 1906 LYS A N   1 
ATOM   424  C CA  . LYS A 1 72  ? 6.230   -3.505  -14.565 1.00 35.97 ? 1906 LYS A CA  1 
ATOM   425  C C   . LYS A 1 72  ? 4.841   -3.696  -13.958 1.00 33.64 ? 1906 LYS A C   1 
ATOM   426  O O   . LYS A 1 72  ? 3.937   -4.203  -14.631 1.00 29.87 ? 1906 LYS A O   1 
ATOM   427  C CB  . LYS A 1 72  ? 7.050   -4.784  -14.377 1.00 38.82 ? 1906 LYS A CB  1 
ATOM   428  C CG  . LYS A 1 72  ? 8.450   -4.715  -14.999 1.00 43.55 ? 1906 LYS A CG  1 
ATOM   429  C CD  . LYS A 1 72  ? 8.411   -4.236  -16.454 1.00 42.16 ? 1906 LYS A CD  1 
ATOM   430  C CE  . LYS A 1 72  ? 9.805   -4.283  -17.088 1.00 46.79 ? 1906 LYS A CE  1 
ATOM   431  N NZ  . LYS A 1 72  ? 9.802   -3.896  -18.533 1.00 47.99 ? 1906 LYS A NZ  1 
ATOM   432  N N   . LYS A 1 73  ? 4.676   -3.295  -12.696 1.00 32.19 ? 1907 LYS A N   1 
ATOM   433  C CA  . LYS A 1 73  ? 3.387   -3.390  -12.010 1.00 27.48 ? 1907 LYS A CA  1 
ATOM   434  C C   . LYS A 1 73  ? 3.041   -2.070  -11.326 1.00 24.01 ? 1907 LYS A C   1 
ATOM   435  O O   . LYS A 1 73  ? 3.295   -1.907  -10.129 1.00 26.91 ? 1907 LYS A O   1 
ATOM   436  C CB  . LYS A 1 73  ? 3.394   -4.501  -10.954 1.00 27.05 ? 1907 LYS A CB  1 
ATOM   437  C CG  . LYS A 1 73  ? 3.853   -5.877  -11.421 1.00 43.80 ? 1907 LYS A CG  1 
ATOM   438  C CD  . LYS A 1 73  ? 4.018   -6.792  -10.205 1.00 50.61 ? 1907 LYS A CD  1 
ATOM   439  C CE  . LYS A 1 73  ? 4.006   -8.265  -10.574 1.00 66.74 ? 1907 LYS A CE  1 
ATOM   440  N NZ  . LYS A 1 73  ? 3.872   -9.118  -9.353  1.00 69.41 ? 1907 LYS A NZ  1 
ATOM   441  N N   . PRO A 1 74  ? 2.482   -1.118  -12.083 1.00 25.30 ? 1908 PRO A N   1 
ATOM   442  C CA  . PRO A 1 74  ? 2.070   0.151   -11.473 1.00 24.94 ? 1908 PRO A CA  1 
ATOM   443  C C   . PRO A 1 74  ? 1.004   -0.072  -10.399 1.00 24.39 ? 1908 PRO A C   1 
ATOM   444  O O   . PRO A 1 74  ? 0.176   -0.987  -10.515 1.00 23.05 ? 1908 PRO A O   1 
ATOM   445  C CB  . PRO A 1 74  ? 1.494   0.943   -12.648 1.00 26.19 ? 1908 PRO A CB  1 
ATOM   446  C CG  . PRO A 1 74  ? 2.066   0.289   -13.877 1.00 30.64 ? 1908 PRO A CG  1 
ATOM   447  C CD  . PRO A 1 74  ? 2.182   -1.168  -13.526 1.00 25.70 ? 1908 PRO A CD  1 
ATOM   448  N N   . MET A 1 75  ? 1.028   0.752   -9.358  1.00 21.48 ? 1909 MET A N   1 
ATOM   449  C CA  . MET A 1 75  ? 0.016   0.650   -8.317  1.00 20.69 ? 1909 MET A CA  1 
ATOM   450  C C   . MET A 1 75  ? -0.119  2.035   -7.688  1.00 20.84 ? 1909 MET A C   1 
ATOM   451  O O   . MET A 1 75  ? 0.835   2.835   -7.708  1.00 21.85 ? 1909 MET A O   1 
ATOM   452  C CB  . MET A 1 75  ? 0.406   -0.429  -7.288  1.00 20.02 ? 1909 MET A CB  1 
ATOM   453  C CG  . MET A 1 75  ? -0.665  -0.767  -6.237  1.00 19.81 ? 1909 MET A CG  1 
ATOM   454  S SD  . MET A 1 75  ? -2.331  -1.098  -6.898  1.00 23.32 ? 1909 MET A SD  1 
ATOM   455  C CE  . MET A 1 75  ? -2.024  -2.483  -8.007  1.00 23.44 ? 1909 MET A CE  1 
ATOM   456  N N   . ASP A 1 76  ? -1.306  2.327   -7.171  1.00 19.78 ? 1910 ASP A N   1 
ATOM   457  C CA  . ASP A 1 76  ? -1.599  3.623   -6.560  1.00 19.05 ? 1910 ASP A CA  1 
ATOM   458  C C   . ASP A 1 76  ? -2.751  3.480   -5.571  1.00 21.70 ? 1910 ASP A C   1 
ATOM   459  O O   . ASP A 1 76  ? -3.452  2.463   -5.583  1.00 22.00 ? 1910 ASP A O   1 
ATOM   460  C CB  . ASP A 1 76  ? -1.975  4.641   -7.630  1.00 19.46 ? 1910 ASP A CB  1 
ATOM   461  C CG  . ASP A 1 76  ? -3.324  4.336   -8.233  1.00 21.82 ? 1910 ASP A CG  1 
ATOM   462  O OD1 . ASP A 1 76  ? -3.371  3.477   -9.142  1.00 23.98 ? 1910 ASP A OD1 1 
ATOM   463  O OD2 . ASP A 1 76  ? -4.327  4.919   -7.774  1.00 27.22 ? 1910 ASP A OD2 1 
ATOM   464  N N   . PHE A 1 77  ? -2.981  4.497   -4.739  1.00 20.23 ? 1911 PHE A N   1 
ATOM   465  C CA  . PHE A 1 77  ? -3.972  4.363   -3.667  1.00 18.55 ? 1911 PHE A CA  1 
ATOM   466  C C   . PHE A 1 77  ? -5.390  4.211   -4.212  1.00 18.72 ? 1911 PHE A C   1 
ATOM   467  O O   . PHE A 1 77  ? -6.193  3.490   -3.630  1.00 21.06 ? 1911 PHE A O   1 
ATOM   468  C CB  . PHE A 1 77  ? -3.941  5.567   -2.710  1.00 21.42 ? 1911 PHE A CB  1 
ATOM   469  C CG  . PHE A 1 77  ? -2.682  5.674   -1.877  1.00 21.97 ? 1911 PHE A CG  1 
ATOM   470  C CD1 . PHE A 1 77  ? -1.793  4.622   -1.783  1.00 21.24 ? 1911 PHE A CD1 1 
ATOM   471  C CD2 . PHE A 1 77  ? -2.402  6.846   -1.178  1.00 23.11 ? 1911 PHE A CD2 1 
ATOM   472  C CE1 . PHE A 1 77  ? -0.620  4.745   -1.003  1.00 22.24 ? 1911 PHE A CE1 1 
ATOM   473  C CE2 . PHE A 1 77  ? -1.258  6.977   -0.422  1.00 23.41 ? 1911 PHE A CE2 1 
ATOM   474  C CZ  . PHE A 1 77  ? -0.362  5.914   -0.323  1.00 22.87 ? 1911 PHE A CZ  1 
ATOM   475  N N   . SER A 1 78  ? -5.721  4.889   -5.312  1.00 19.23 ? 1912 SER A N   1 
ATOM   476  C CA  . SER A 1 78  ? -7.097  4.775   -5.814  1.00 22.05 ? 1912 SER A CA  1 
ATOM   477  C C   . SER A 1 78  ? -7.389  3.365   -6.330  1.00 24.70 ? 1912 SER A C   1 
ATOM   478  O O   . SER A 1 78  ? -8.516  2.866   -6.189  1.00 23.70 ? 1912 SER A O   1 
ATOM   479  C CB  . SER A 1 78  ? -7.376  5.828   -6.905  1.00 24.92 ? 1912 SER A CB  1 
ATOM   480  O OG  . SER A 1 78  ? -6.788  5.471   -8.142  1.00 26.57 ? 1912 SER A OG  1 
ATOM   481  N N   . THR A 1 79  ? -6.372  2.708   -6.885  1.00 21.42 ? 1913 THR A N   1 
ATOM   482  C CA  . THR A 1 79  ? -6.501  1.333   -7.369  1.00 21.92 ? 1913 THR A CA  1 
ATOM   483  C C   . THR A 1 79  ? -6.607  0.350   -6.190  1.00 24.28 ? 1913 THR A C   1 
ATOM   484  O O   . THR A 1 79  ? -7.422  -0.579  -6.204  1.00 22.36 ? 1913 THR A O   1 
ATOM   485  C CB  . THR A 1 79  ? -5.313  0.962   -8.275  1.00 27.84 ? 1913 THR A CB  1 
ATOM   486  O OG1 . THR A 1 79  ? -5.319  1.811   -9.436  1.00 22.32 ? 1913 THR A OG1 1 
ATOM   487  C CG2 . THR A 1 79  ? -5.378  -0.504  -8.705  1.00 25.26 ? 1913 THR A CG2 1 
ATOM   488  N N   . ILE A 1 80  ? -5.795  0.568   -5.160  1.00 19.46 ? 1914 ILE A N   1 
ATOM   489  C CA  . ILE A 1 80  ? -5.924  -0.242  -3.941  1.00 19.97 ? 1914 ILE A CA  1 
ATOM   490  C C   . ILE A 1 80  ? -7.321  -0.096  -3.332  1.00 21.48 ? 1914 ILE A C   1 
ATOM   491  O O   . ILE A 1 80  ? -7.928  -1.084  -2.905  1.00 23.40 ? 1914 ILE A O   1 
ATOM   492  C CB  . ILE A 1 80  ? -4.849  0.150   -2.904  1.00 20.36 ? 1914 ILE A CB  1 
ATOM   493  C CG1 . ILE A 1 80  ? -3.465  -0.204  -3.461  1.00 19.89 ? 1914 ILE A CG1 1 
ATOM   494  C CG2 . ILE A 1 80  ? -5.103  -0.561  -1.554  1.00 18.75 ? 1914 ILE A CG2 1 
ATOM   495  C CD1 . ILE A 1 80  ? -2.286  0.357   -2.623  1.00 19.86 ? 1914 ILE A CD1 1 
ATOM   496  N N   . ARG A 1 81  ? -7.837  1.133   -3.282  1.00 19.91 ? 1915 ARG A N   1 
ATOM   497  C CA  . ARG A 1 81  ? -9.171  1.387   -2.708  1.00 22.48 ? 1915 ARG A CA  1 
ATOM   498  C C   . ARG A 1 81  ? -10.262 0.661   -3.501  1.00 23.96 ? 1915 ARG A C   1 
ATOM   499  O O   . ARG A 1 81  ? -11.192 0.081   -2.927  1.00 23.90 ? 1915 ARG A O   1 
ATOM   500  C CB  . ARG A 1 81  ? -9.450  2.898   -2.666  1.00 24.77 ? 1915 ARG A CB  1 
ATOM   501  C CG  . ARG A 1 81  ? -10.871 3.305   -2.292  1.00 27.73 ? 1915 ARG A CG  1 
ATOM   502  C CD  . ARG A 1 81  ? -11.213 2.922   -0.857  1.00 23.11 ? 1915 ARG A CD  1 
ATOM   503  N NE  . ARG A 1 81  ? -10.523 3.739   0.141   1.00 22.61 ? 1915 ARG A NE  1 
ATOM   504  C CZ  . ARG A 1 81  ? -10.572 3.482   1.442   1.00 29.55 ? 1915 ARG A CZ  1 
ATOM   505  N NH1 . ARG A 1 81  ? -11.271 2.436   1.876   1.00 25.33 ? 1915 ARG A NH1 1 
ATOM   506  N NH2 . ARG A 1 81  ? -9.935  4.254   2.305   1.00 29.78 ? 1915 ARG A NH2 1 
ATOM   507  N N   . GLU A 1 82  ? -10.151 0.690   -4.826  1.00 21.72 ? 1916 GLU A N   1 
ATOM   508  C CA  . GLU A 1 82  ? -11.131 -0.003  -5.673  1.00 22.68 ? 1916 GLU A CA  1 
ATOM   509  C C   . GLU A 1 82  ? -11.067 -1.519  -5.444  1.00 27.40 ? 1916 GLU A C   1 
ATOM   510  O O   . GLU A 1 82  ? -12.101 -2.191  -5.323  1.00 25.03 ? 1916 GLU A O   1 
ATOM   511  C CB  . GLU A 1 82  ? -10.888 0.330   -7.147  1.00 25.65 ? 1916 GLU A CB  1 
ATOM   512  C CG  . GLU A 1 82  ? -11.907 -0.292  -8.113  1.00 33.12 ? 1916 GLU A CG  1 
ATOM   513  C CD  . GLU A 1 82  ? -13.322 0.243   -7.921  1.00 41.00 ? 1916 GLU A CD  1 
ATOM   514  O OE1 . GLU A 1 82  ? -13.474 1.431   -7.561  1.00 36.34 ? 1916 GLU A OE1 1 
ATOM   515  O OE2 . GLU A 1 82  ? -14.288 -0.527  -8.126  1.00 41.77 ? 1916 GLU A OE2 1 
ATOM   516  N N   . LYS A 1 83  ? -9.853  -2.061  -5.377  1.00 26.05 ? 1917 LYS A N   1 
ATOM   517  C CA  . LYS A 1 83  ? -9.683  -3.494  -5.130  1.00 25.16 ? 1917 LYS A CA  1 
ATOM   518  C C   . LYS A 1 83  ? -10.213 -3.876  -3.747  1.00 24.64 ? 1917 LYS A C   1 
ATOM   519  O O   . LYS A 1 83  ? -10.880 -4.909  -3.594  1.00 27.18 ? 1917 LYS A O   1 
ATOM   520  C CB  . LYS A 1 83  ? -8.209  -3.912  -5.286  1.00 27.70 ? 1917 LYS A CB  1 
ATOM   521  C CG  . LYS A 1 83  ? -7.702  -3.824  -6.723  1.00 23.30 ? 1917 LYS A CG  1 
ATOM   522  C CD  . LYS A 1 83  ? -6.225  -4.136  -6.852  1.00 24.35 ? 1917 LYS A CD  1 
ATOM   523  C CE  . LYS A 1 83  ? -5.910  -5.590  -6.491  1.00 25.47 ? 1917 LYS A CE  1 
ATOM   524  N NZ  . LYS A 1 83  ? -4.498  -5.944  -6.870  1.00 23.91 ? 1917 LYS A NZ  1 
ATOM   525  N N   . LEU A 1 84  ? -9.948  -3.049  -2.737  1.00 22.89 ? 1918 LEU A N   1 
ATOM   526  C CA  . LEU A 1 84  ? -10.430 -3.338  -1.384  1.00 20.60 ? 1918 LEU A CA  1 
ATOM   527  C C   . LEU A 1 84  ? -11.961 -3.300  -1.346  1.00 32.38 ? 1918 LEU A C   1 
ATOM   528  O O   . LEU A 1 84  ? -12.596 -4.100  -0.676  1.00 31.25 ? 1918 LEU A O   1 
ATOM   529  C CB  . LEU A 1 84  ? -9.852  -2.348  -0.367  1.00 24.49 ? 1918 LEU A CB  1 
ATOM   530  C CG  . LEU A 1 84  ? -10.005 -2.667  1.124   1.00 25.45 ? 1918 LEU A CG  1 
ATOM   531  C CD1 . LEU A 1 84  ? -9.273  -3.950  1.511   1.00 22.18 ? 1918 LEU A CD1 1 
ATOM   532  C CD2 . LEU A 1 84  ? -9.550  -1.491  2.016   1.00 24.48 ? 1918 LEU A CD2 1 
ATOM   533  N N   . SER A 1 85  ? -12.550 -2.364  -2.075  1.00 24.26 ? 1919 SER A N   1 
ATOM   534  C CA  . SER A 1 85  ? -14.004 -2.180  -2.059  1.00 24.50 ? 1919 SER A CA  1 
ATOM   535  C C   . SER A 1 85  ? -14.753 -3.231  -2.862  1.00 26.43 ? 1919 SER A C   1 
ATOM   536  O O   . SER A 1 85  ? -15.979 -3.327  -2.767  1.00 27.75 ? 1919 SER A O   1 
ATOM   537  C CB  . SER A 1 85  ? -14.364 -0.787  -2.601  1.00 27.42 ? 1919 SER A CB  1 
ATOM   538  O OG  . SER A 1 85  ? -13.949 0.222   -1.699  1.00 31.08 ? 1919 SER A OG  1 
ATOM   539  N N   . SER A 1 86  ? -14.035 -4.010  -3.659  1.00 26.46 ? 1920 SER A N   1 
ATOM   540  C CA  . SER A 1 86  ? -14.694 -4.943  -4.560  1.00 25.47 ? 1920 SER A CA  1 
ATOM   541  C C   . SER A 1 86  ? -14.255 -6.382  -4.306  1.00 23.76 ? 1920 SER A C   1 
ATOM   542  O O   . SER A 1 86  ? -14.398 -7.231  -5.172  1.00 26.80 ? 1920 SER A O   1 
ATOM   543  C CB  . SER A 1 86  ? -14.432 -4.559  -6.025  1.00 29.93 ? 1920 SER A CB  1 
ATOM   544  O OG  . SER A 1 86  ? -13.049 -4.584  -6.339  1.00 28.11 ? 1920 SER A OG  1 
ATOM   545  N N   . GLY A 1 87  ? -13.720 -6.652  -3.115  1.00 24.42 ? 1921 GLY A N   1 
ATOM   546  C CA  . GLY A 1 87  ? -13.349 -8.014  -2.749  1.00 22.96 ? 1921 GLY A CA  1 
ATOM   547  C C   . GLY A 1 87  ? -12.179 -8.634  -3.486  1.00 27.50 ? 1921 GLY A C   1 
ATOM   548  O O   . GLY A 1 87  ? -12.087 -9.865  -3.625  1.00 26.43 ? 1921 GLY A O   1 
ATOM   549  N N   . GLN A 1 88  ? -11.240 -7.804  -3.936  1.00 23.14 ? 1922 GLN A N   1 
ATOM   550  C CA  . GLN A 1 88  ? -10.136 -8.319  -4.715  1.00 23.49 ? 1922 GLN A CA  1 
ATOM   551  C C   . GLN A 1 88  ? -8.875  -8.626  -3.886  1.00 23.62 ? 1922 GLN A C   1 
ATOM   552  O O   . GLN A 1 88  ? -7.894  -9.125  -4.438  1.00 26.81 ? 1922 GLN A O   1 
ATOM   553  C CB  . GLN A 1 88  ? -9.793  -7.347  -5.857  1.00 23.95 ? 1922 GLN A CB  1 
ATOM   554  C CG  . GLN A 1 88  ? -10.915 -7.243  -6.902  1.00 28.48 ? 1922 GLN A CG  1 
ATOM   555  C CD  . GLN A 1 88  ? -10.494 -6.444  -8.128  1.00 29.29 ? 1922 GLN A CD  1 
ATOM   556  O OE1 . GLN A 1 88  ? -9.561  -6.814  -8.829  1.00 33.45 ? 1922 GLN A OE1 1 
ATOM   557  N NE2 . GLN A 1 88  ? -11.179 -5.333  -8.374  1.00 26.20 ? 1922 GLN A NE2 1 
ATOM   558  N N   . TYR A 1 89  ? -8.906  -8.362  -2.577  1.00 23.57 ? 1923 TYR A N   1 
ATOM   559  C CA  . TYR A 1 89  ? -7.841  -8.859  -1.691  1.00 24.20 ? 1923 TYR A CA  1 
ATOM   560  C C   . TYR A 1 89  ? -8.313  -10.072 -0.899  1.00 22.24 ? 1923 TYR A C   1 
ATOM   561  O O   . TYR A 1 89  ? -9.230  -9.969  -0.091  1.00 25.60 ? 1923 TYR A O   1 
ATOM   562  C CB  . TYR A 1 89  ? -7.356  -7.775  -0.720  1.00 21.83 ? 1923 TYR A CB  1 
ATOM   563  C CG  . TYR A 1 89  ? -6.675  -6.624  -1.440  1.00 19.13 ? 1923 TYR A CG  1 
ATOM   564  C CD1 . TYR A 1 89  ? -5.498  -6.824  -2.149  1.00 23.35 ? 1923 TYR A CD1 1 
ATOM   565  C CD2 . TYR A 1 89  ? -7.230  -5.347  -1.431  1.00 19.74 ? 1923 TYR A CD2 1 
ATOM   566  C CE1 . TYR A 1 89  ? -4.879  -5.781  -2.827  1.00 23.87 ? 1923 TYR A CE1 1 
ATOM   567  C CE2 . TYR A 1 89  ? -6.618  -4.302  -2.108  1.00 21.66 ? 1923 TYR A CE2 1 
ATOM   568  C CZ  . TYR A 1 89  ? -5.450  -4.525  -2.809  1.00 22.61 ? 1923 TYR A CZ  1 
ATOM   569  O OH  . TYR A 1 89  ? -4.831  -3.491  -3.488  1.00 23.53 ? 1923 TYR A OH  1 
ATOM   570  N N   . PRO A 1 90  ? -7.663  -11.224 -1.118  1.00 24.60 ? 1924 PRO A N   1 
ATOM   571  C CA  . PRO A 1 90  ? -8.041  -12.452 -0.412  1.00 32.13 ? 1924 PRO A CA  1 
ATOM   572  C C   . PRO A 1 90  ? -7.737  -12.382 1.081   1.00 33.52 ? 1924 PRO A C   1 
ATOM   573  O O   . PRO A 1 90  ? -8.437  -13.009 1.883   1.00 30.62 ? 1924 PRO A O   1 
ATOM   574  C CB  . PRO A 1 90  ? -7.182  -13.526 -1.086  1.00 34.42 ? 1924 PRO A CB  1 
ATOM   575  C CG  . PRO A 1 90  ? -6.775  -12.936 -2.400  1.00 42.15 ? 1924 PRO A CG  1 
ATOM   576  C CD  . PRO A 1 90  ? -6.647  -11.467 -2.154  1.00 28.55 ? 1924 PRO A CD  1 
ATOM   577  N N   . ASN A 1 91  ? -6.702  -11.634 1.456   1.00 28.21 ? 1925 ASN A N   1 
ATOM   578  C CA  . ASN A 1 91  ? -6.298  -11.550 2.862   1.00 27.98 ? 1925 ASN A CA  1 
ATOM   579  C C   . ASN A 1 91  ? -5.500  -10.272 3.125   1.00 33.01 ? 1925 ASN A C   1 
ATOM   580  O O   . ASN A 1 91  ? -5.162  -9.554  2.189   1.00 26.07 ? 1925 ASN A O   1 
ATOM   581  C CB  . ASN A 1 91  ? -5.477  -12.778 3.254   1.00 30.96 ? 1925 ASN A CB  1 
ATOM   582  C CG  . ASN A 1 91  ? -4.288  -12.982 2.353   1.00 34.41 ? 1925 ASN A CG  1 
ATOM   583  O OD1 . ASN A 1 91  ? -3.434  -12.110 2.233   1.00 36.64 ? 1925 ASN A OD1 1 
ATOM   584  N ND2 . ASN A 1 91  ? -4.229  -14.131 1.703   1.00 33.09 ? 1925 ASN A ND2 1 
ATOM   585  N N   A LEU A 1 92  ? -5.227  -10.010 4.402   0.29 29.74 ? 1926 LEU A N   1 
ATOM   586  N N   B LEU A 1 92  ? -5.175  -9.977  4.379   0.71 29.75 ? 1926 LEU A N   1 
ATOM   587  C CA  A LEU A 1 92  ? -4.455  -8.842  4.832   0.29 30.51 ? 1926 LEU A CA  1 
ATOM   588  C CA  B LEU A 1 92  ? -4.540  -8.681  4.651   0.71 29.96 ? 1926 LEU A CA  1 
ATOM   589  C C   A LEU A 1 92  ? -3.187  -8.667  4.030   0.29 30.33 ? 1926 LEU A C   1 
ATOM   590  C C   B LEU A 1 92  ? -3.102  -8.617  4.117   0.71 30.46 ? 1926 LEU A C   1 
ATOM   591  O O   A LEU A 1 92  ? -2.872  -7.581  3.544   0.29 30.11 ? 1926 LEU A O   1 
ATOM   592  O O   B LEU A 1 92  ? -2.581  -7.524  3.875   0.71 29.96 ? 1926 LEU A O   1 
ATOM   593  C CB  A LEU A 1 92  ? -4.076  -8.964  6.310   0.29 32.49 ? 1926 LEU A CB  1 
ATOM   594  C CB  B LEU A 1 92  ? -4.573  -8.353  6.153   0.71 32.83 ? 1926 LEU A CB  1 
ATOM   595  C CG  A LEU A 1 92  ? -5.132  -8.654  7.362   0.29 31.02 ? 1926 LEU A CG  1 
ATOM   596  C CG  B LEU A 1 92  ? -3.625  -9.130  7.066   0.71 30.42 ? 1926 LEU A CG  1 
ATOM   597  C CD1 A LEU A 1 92  ? -4.557  -8.892  8.747   0.29 32.26 ? 1926 LEU A CD1 1 
ATOM   598  C CD1 B LEU A 1 92  ? -3.743  -8.624  8.495   0.71 29.93 ? 1926 LEU A CD1 1 
ATOM   599  C CD2 A LEU A 1 92  ? -5.581  -7.230  7.213   0.29 29.39 ? 1926 LEU A CD2 1 
ATOM   600  C CD2 B LEU A 1 92  ? -3.939  -10.612 7.011   0.71 32.64 ? 1926 LEU A CD2 1 
ATOM   601  N N   . GLU A 1 93  ? -2.454  -9.763  3.910   1.00 27.35 ? 1927 GLU A N   1 
ATOM   602  C CA  . GLU A 1 93  ? -1.107  -9.736  3.365   1.00 31.92 ? 1927 GLU A CA  1 
ATOM   603  C C   . GLU A 1 93  ? -1.067  -9.307  1.898   1.00 31.13 ? 1927 GLU A C   1 
ATOM   604  O O   . GLU A 1 93  ? -0.117  -8.644  1.480   1.00 28.25 ? 1927 GLU A O   1 
ATOM   605  C CB  . GLU A 1 93  ? -0.441  -11.097 3.538   1.00 34.66 ? 1927 GLU A CB  1 
ATOM   606  C CG  . GLU A 1 93  ? -0.274  -11.509 5.011   1.00 43.65 ? 1927 GLU A CG  1 
ATOM   607  C CD  . GLU A 1 93  ? 0.491   -10.481 5.858   1.00 53.86 ? 1927 GLU A CD  1 
ATOM   608  O OE1 . GLU A 1 93  ? 1.270   -9.674  5.293   1.00 48.58 ? 1927 GLU A OE1 1 
ATOM   609  O OE2 . GLU A 1 93  ? 0.314   -10.481 7.100   1.00 52.29 ? 1927 GLU A OE2 1 
ATOM   610  N N   . THR A 1 94  ? -2.078  -9.682  1.118   1.00 23.89 ? 1928 THR A N   1 
ATOM   611  C CA  . THR A 1 94  ? -2.114  -9.242  -0.274  1.00 25.27 ? 1928 THR A CA  1 
ATOM   612  C C   . THR A 1 94  ? -2.352  -7.734  -0.325  1.00 25.05 ? 1928 THR A C   1 
ATOM   613  O O   . THR A 1 94  ? -1.896  -7.057  -1.250  1.00 23.62 ? 1928 THR A O   1 
ATOM   614  C CB  . THR A 1 94  ? -3.203  -9.974  -1.096  1.00 30.64 ? 1928 THR A CB  1 
ATOM   615  O OG1 . THR A 1 94  ? -4.480  -9.786  -0.485  1.00 27.72 ? 1928 THR A OG1 1 
ATOM   616  C CG2 . THR A 1 94  ? -2.912  -11.461 -1.154  1.00 31.98 ? 1928 THR A CG2 1 
ATOM   617  N N   . PHE A 1 95  ? -3.063  -7.204  0.666   1.00 24.87 ? 1929 PHE A N   1 
ATOM   618  C CA  . PHE A 1 95  ? -3.305  -5.761  0.717   1.00 23.22 ? 1929 PHE A CA  1 
ATOM   619  C C   . PHE A 1 95  ? -1.977  -5.055  0.993   1.00 25.52 ? 1929 PHE A C   1 
ATOM   620  O O   . PHE A 1 95  ? -1.605  -4.118  0.287   1.00 22.23 ? 1929 PHE A O   1 
ATOM   621  C CB  . PHE A 1 95  ? -4.367  -5.431  1.769   1.00 22.81 ? 1929 PHE A CB  1 
ATOM   622  C CG  . PHE A 1 95  ? -4.443  -3.978  2.148   1.00 23.89 ? 1929 PHE A CG  1 
ATOM   623  C CD1 . PHE A 1 95  ? -5.210  -3.086  1.410   1.00 23.09 ? 1929 PHE A CD1 1 
ATOM   624  C CD2 . PHE A 1 95  ? -3.769  -3.513  3.270   1.00 19.91 ? 1929 PHE A CD2 1 
ATOM   625  C CE1 . PHE A 1 95  ? -5.292  -1.753  1.777   1.00 22.21 ? 1929 PHE A CE1 1 
ATOM   626  C CE2 . PHE A 1 95  ? -3.846  -2.180  3.658   1.00 20.57 ? 1929 PHE A CE2 1 
ATOM   627  C CZ  . PHE A 1 95  ? -4.613  -1.291  2.904   1.00 22.41 ? 1929 PHE A CZ  1 
ATOM   628  N N   . ALA A 1 96  ? -1.237  -5.534  1.990   1.00 22.36 ? 1930 ALA A N   1 
ATOM   629  C CA  . ALA A 1 96  ? 0.049   -4.914  2.309   1.00 23.02 ? 1930 ALA A CA  1 
ATOM   630  C C   . ALA A 1 96  ? 1.040   -5.010  1.136   1.00 24.25 ? 1930 ALA A C   1 
ATOM   631  O O   . ALA A 1 96  ? 1.860   -4.110  0.939   1.00 23.02 ? 1930 ALA A O   1 
ATOM   632  C CB  . ALA A 1 96  ? 0.651   -5.554  3.572   1.00 25.45 ? 1930 ALA A CB  1 
ATOM   633  N N   . LEU A 1 97  ? 0.980   -6.094  0.359   1.00 22.56 ? 1931 LEU A N   1 
ATOM   634  C CA  . LEU A 1 97  ? 1.879   -6.220  -0.799  1.00 23.84 ? 1931 LEU A CA  1 
ATOM   635  C C   . LEU A 1 97  ? 1.644   -5.109  -1.827  1.00 23.23 ? 1931 LEU A C   1 
ATOM   636  O O   . LEU A 1 97  ? 2.598   -4.571  -2.388  1.00 24.49 ? 1931 LEU A O   1 
ATOM   637  C CB  . LEU A 1 97  ? 1.728   -7.597  -1.472  1.00 25.40 ? 1931 LEU A CB  1 
ATOM   638  C CG  . LEU A 1 97  ? 2.329   -8.761  -0.680  1.00 33.84 ? 1931 LEU A CG  1 
ATOM   639  C CD1 . LEU A 1 97  ? 1.910   -10.094 -1.292  1.00 36.20 ? 1931 LEU A CD1 1 
ATOM   640  C CD2 . LEU A 1 97  ? 3.854   -8.638  -0.630  1.00 33.95 ? 1931 LEU A CD2 1 
ATOM   641  N N   . ASP A 1 98  ? 0.377   -4.765  -2.075  1.00 21.56 ? 1932 ASP A N   1 
ATOM   642  C CA  . ASP A 1 98  ? 0.058   -3.689  -3.015  1.00 21.67 ? 1932 ASP A CA  1 
ATOM   643  C C   . ASP A 1 98  ? 0.464   -2.335  -2.453  1.00 22.69 ? 1932 ASP A C   1 
ATOM   644  O O   . ASP A 1 98  ? 0.941   -1.482  -3.189  1.00 20.52 ? 1932 ASP A O   1 
ATOM   645  C CB  . ASP A 1 98  ? -1.438  -3.673  -3.360  1.00 22.52 ? 1932 ASP A CB  1 
ATOM   646  C CG  . ASP A 1 98  ? -1.758  -4.423  -4.651  1.00 23.64 ? 1932 ASP A CG  1 
ATOM   647  O OD1 . ASP A 1 98  ? -0.834  -5.013  -5.270  1.00 25.83 ? 1932 ASP A OD1 1 
ATOM   648  O OD2 . ASP A 1 98  ? -2.948  -4.437  -5.033  1.00 23.66 ? 1932 ASP A OD2 1 
ATOM   649  N N   . VAL A 1 99  ? 0.285   -2.132  -1.151  1.00 19.43 ? 1933 VAL A N   1 
ATOM   650  C CA  . VAL A 1 99  ? 0.718   -0.873  -0.556  1.00 19.79 ? 1933 VAL A CA  1 
ATOM   651  C C   . VAL A 1 99  ? 2.240   -0.718  -0.702  1.00 20.15 ? 1933 VAL A C   1 
ATOM   652  O O   . VAL A 1 99  ? 2.733   0.318   -1.133  1.00 23.34 ? 1933 VAL A O   1 
ATOM   653  C CB  . VAL A 1 99  ? 0.341   -0.767  0.943   1.00 17.98 ? 1933 VAL A CB  1 
ATOM   654  C CG1 . VAL A 1 99  ? 0.918   0.521   1.529   1.00 21.45 ? 1933 VAL A CG1 1 
ATOM   655  C CG2 . VAL A 1 99  ? -1.175  -0.792  1.109   1.00 19.84 ? 1933 VAL A CG2 1 
ATOM   656  N N   . ARG A 1 100 ? 2.981   -1.758  -0.338  1.00 21.66 ? 1934 ARG A N   1 
ATOM   657  C CA  . ARG A 1 100 ? 4.442   -1.695  -0.457  1.00 22.94 ? 1934 ARG A CA  1 
ATOM   658  C C   . ARG A 1 100 ? 4.904   -1.498  -1.902  1.00 25.23 ? 1934 ARG A C   1 
ATOM   659  O O   . ARG A 1 100 ? 5.878   -0.787  -2.156  1.00 23.48 ? 1934 ARG A O   1 
ATOM   660  C CB  . ARG A 1 100 ? 5.050   -2.956  0.150   1.00 22.51 ? 1934 ARG A CB  1 
ATOM   661  C CG  . ARG A 1 100 ? 4.890   -2.938  1.667   1.00 23.28 ? 1934 ARG A CG  1 
ATOM   662  C CD  . ARG A 1 100 ? 5.110   -4.286  2.328   1.00 26.02 ? 1934 ARG A CD  1 
ATOM   663  N NE  . ARG A 1 100 ? 4.898   -4.156  3.771   1.00 26.81 ? 1934 ARG A NE  1 
ATOM   664  C CZ  . ARG A 1 100 ? 4.540   -5.154  4.577   1.00 34.50 ? 1934 ARG A CZ  1 
ATOM   665  N NH1 . ARG A 1 100 ? 4.340   -6.366  4.081   1.00 30.39 ? 1934 ARG A NH1 1 
ATOM   666  N NH2 . ARG A 1 100 ? 4.371   -4.933  5.878   1.00 32.33 ? 1934 ARG A NH2 1 
ATOM   667  N N   . LEU A 1 101 ? 4.197   -2.119  -2.843  1.00 23.33 ? 1935 LEU A N   1 
ATOM   668  C CA  . LEU A 1 101 ? 4.456   -1.930  -4.272  1.00 20.56 ? 1935 LEU A CA  1 
ATOM   669  C C   . LEU A 1 101 ? 4.400   -0.453  -4.677  1.00 22.98 ? 1935 LEU A C   1 
ATOM   670  O O   . LEU A 1 101 ? 5.218   0.016   -5.480  1.00 22.96 ? 1935 LEU A O   1 
ATOM   671  C CB  . LEU A 1 101 ? 3.453   -2.748  -5.091  1.00 21.66 ? 1935 LEU A CB  1 
ATOM   672  C CG  . LEU A 1 101 ? 3.539   -2.665  -6.621  1.00 22.93 ? 1935 LEU A CG  1 
ATOM   673  C CD1 . LEU A 1 101 ? 4.933   -3.078  -7.137  1.00 27.03 ? 1935 LEU A CD1 1 
ATOM   674  C CD2 . LEU A 1 101 ? 2.454   -3.533  -7.255  1.00 23.47 ? 1935 LEU A CD2 1 
ATOM   675  N N   . VAL A 1 102 ? 3.441   0.292   -4.137  1.00 21.25 ? 1936 VAL A N   1 
ATOM   676  C CA  . VAL A 1 102 ? 3.411   1.731   -4.408  1.00 19.15 ? 1936 VAL A CA  1 
ATOM   677  C C   . VAL A 1 102 ? 4.777   2.366   -4.070  1.00 22.06 ? 1936 VAL A C   1 
ATOM   678  O O   . VAL A 1 102 ? 5.333   3.137   -4.860  1.00 22.60 ? 1936 VAL A O   1 
ATOM   679  C CB  . VAL A 1 102 ? 2.300   2.453   -3.598  1.00 18.27 ? 1936 VAL A CB  1 
ATOM   680  C CG1 . VAL A 1 102 ? 2.397   3.981   -3.771  1.00 20.58 ? 1936 VAL A CG1 1 
ATOM   681  C CG2 . VAL A 1 102 ? 0.910   1.974   -4.047  1.00 19.16 ? 1936 VAL A CG2 1 
ATOM   682  N N   . PHE A 1 103 ? 5.323   2.031   -2.902  1.00 19.57 ? 1937 PHE A N   1 
ATOM   683  C CA  . PHE A 1 103 ? 6.526   2.707   -2.435  1.00 21.67 ? 1937 PHE A CA  1 
ATOM   684  C C   . PHE A 1 103 ? 7.778   2.112   -3.071  1.00 23.13 ? 1937 PHE A C   1 
ATOM   685  O O   . PHE A 1 103 ? 8.766   2.826   -3.284  1.00 26.95 ? 1937 PHE A O   1 
ATOM   686  C CB  . PHE A 1 103 ? 6.579   2.661   -0.903  1.00 21.31 ? 1937 PHE A CB  1 
ATOM   687  C CG  . PHE A 1 103 ? 5.343   3.223   -0.264  1.00 20.88 ? 1937 PHE A CG  1 
ATOM   688  C CD1 . PHE A 1 103 ? 4.799   4.398   -0.747  1.00 22.62 ? 1937 PHE A CD1 1 
ATOM   689  C CD2 . PHE A 1 103 ? 4.696   2.556   0.769   1.00 24.74 ? 1937 PHE A CD2 1 
ATOM   690  C CE1 . PHE A 1 103 ? 3.641   4.923   -0.204  1.00 24.29 ? 1937 PHE A CE1 1 
ATOM   691  C CE2 . PHE A 1 103 ? 3.530   3.090   1.333   1.00 21.94 ? 1937 PHE A CE2 1 
ATOM   692  C CZ  . PHE A 1 103 ? 3.008   4.279   0.833   1.00 22.84 ? 1937 PHE A CZ  1 
ATOM   693  N N   . ASP A 1 104 ? 7.725   0.832   -3.422  1.00 22.03 ? 1938 ASP A N   1 
ATOM   694  C CA  . ASP A 1 104 ? 8.840   0.225   -4.148  1.00 26.07 ? 1938 ASP A CA  1 
ATOM   695  C C   . ASP A 1 104 ? 8.947   0.815   -5.559  1.00 27.45 ? 1938 ASP A C   1 
ATOM   696  O O   . ASP A 1 104 ? 10.046  1.100   -6.034  1.00 27.13 ? 1938 ASP A O   1 
ATOM   697  C CB  . ASP A 1 104 ? 8.691   -1.295  -4.222  1.00 24.45 ? 1938 ASP A CB  1 
ATOM   698  C CG  . ASP A 1 104 ? 8.919   -1.982  -2.883  1.00 29.17 ? 1938 ASP A CG  1 
ATOM   699  O OD1 . ASP A 1 104 ? 9.457   -1.353  -1.944  1.00 28.23 ? 1938 ASP A OD1 1 
ATOM   700  O OD2 . ASP A 1 104 ? 8.569   -3.172  -2.778  1.00 31.28 ? 1938 ASP A OD2 1 
ATOM   701  N N   . ASN A 1 105 ? 7.805   1.001   -6.224  1.00 25.99 ? 1939 ASN A N   1 
ATOM   702  C CA  . ASN A 1 105 ? 7.787   1.661   -7.532  1.00 23.44 ? 1939 ASN A CA  1 
ATOM   703  C C   . ASN A 1 105 ? 8.333   3.080   -7.438  1.00 28.45 ? 1939 ASN A C   1 
ATOM   704  O O   . ASN A 1 105 ? 9.078   3.534   -8.319  1.00 27.74 ? 1939 ASN A O   1 
ATOM   705  C CB  . ASN A 1 105 ? 6.367   1.716   -8.107  1.00 22.29 ? 1939 ASN A CB  1 
ATOM   706  C CG  . ASN A 1 105 ? 5.868   0.369   -8.593  1.00 25.65 ? 1939 ASN A CG  1 
ATOM   707  O OD1 . ASN A 1 105 ? 6.639   -0.583  -8.754  1.00 27.78 ? 1939 ASN A OD1 1 
ATOM   708  N ND2 . ASN A 1 105 ? 4.558   0.284   -8.847  1.00 23.40 ? 1939 ASN A ND2 1 
ATOM   709  N N   . CYS A 1 106 ? 7.946   3.784   -6.376  1.00 20.38 ? 1940 CYS A N   1 
ATOM   710  C CA  . CYS A 1 106 ? 8.412   5.153   -6.159  1.00 22.50 ? 1940 CYS A CA  1 
ATOM   711  C C   . CYS A 1 106 ? 9.930   5.215   -6.066  1.00 22.94 ? 1940 CYS A C   1 
ATOM   712  O O   . CYS A 1 106 ? 10.556  6.102   -6.658  1.00 27.57 ? 1940 CYS A O   1 
ATOM   713  C CB  . CYS A 1 106 ? 7.791   5.743   -4.892  1.00 21.61 ? 1940 CYS A CB  1 
ATOM   714  S SG  . CYS A 1 106 ? 8.205   7.493   -4.596  1.00 24.73 ? 1940 CYS A SG  1 
ATOM   715  N N   . GLU A 1 107 ? 10.521  4.274   -5.329  1.00 26.55 ? 1941 GLU A N   1 
ATOM   716  C CA  . GLU A 1 107 ? 11.982  4.249   -5.177  1.00 29.07 ? 1941 GLU A CA  1 
ATOM   717  C C   . GLU A 1 107 ? 12.697  3.913   -6.472  1.00 33.01 ? 1941 GLU A C   1 
ATOM   718  O O   . GLU A 1 107 ? 13.788  4.413   -6.740  1.00 33.09 ? 1941 GLU A O   1 
ATOM   719  C CB  . GLU A 1 107 ? 12.404  3.237   -4.115  1.00 28.90 ? 1941 GLU A CB  1 
ATOM   720  C CG  . GLU A 1 107 ? 12.242  3.734   -2.710  1.00 30.92 ? 1941 GLU A CG  1 
ATOM   721  C CD  . GLU A 1 107 ? 13.019  2.891   -1.714  1.00 41.36 ? 1941 GLU A CD  1 
ATOM   722  O OE1 . GLU A 1 107 ? 14.214  2.626   -1.960  1.00 48.94 ? 1941 GLU A OE1 1 
ATOM   723  O OE2 . GLU A 1 107 ? 12.433  2.490   -0.687  1.00 42.82 ? 1941 GLU A OE2 1 
ATOM   724  N N   . THR A 1 108 ? 12.091  3.039   -7.260  1.00 27.24 ? 1942 THR A N   1 
ATOM   725  C CA  . THR A 1 108 ? 12.661  2.643   -8.542  1.00 30.77 ? 1942 THR A CA  1 
ATOM   726  C C   . THR A 1 108 ? 12.804  3.826   -9.492  1.00 38.18 ? 1942 THR A C   1 
ATOM   727  O O   . THR A 1 108 ? 13.799  3.942   -10.219 1.00 33.13 ? 1942 THR A O   1 
ATOM   728  C CB  . THR A 1 108 ? 11.799  1.564   -9.212  1.00 32.20 ? 1942 THR A CB  1 
ATOM   729  O OG1 . THR A 1 108 ? 11.866  0.360   -8.437  1.00 37.19 ? 1942 THR A OG1 1 
ATOM   730  C CG2 . THR A 1 108 ? 12.298  1.283   -10.630 1.00 31.88 ? 1942 THR A CG2 1 
ATOM   731  N N   . PHE A 1 109 ? 11.812  4.712   -9.467  1.00 26.48 ? 1943 PHE A N   1 
ATOM   732  C CA  . PHE A 1 109 ? 11.688  5.751   -10.483 1.00 28.98 ? 1943 PHE A CA  1 
ATOM   733  C C   . PHE A 1 109 ? 12.119  7.139   -10.004 1.00 35.64 ? 1943 PHE A C   1 
ATOM   734  O O   . PHE A 1 109 ? 12.281  8.052   -10.813 1.00 32.24 ? 1943 PHE A O   1 
ATOM   735  C CB  . PHE A 1 109 ? 10.243  5.811   -10.982 1.00 31.04 ? 1943 PHE A CB  1 
ATOM   736  C CG  . PHE A 1 109 ? 10.090  6.425   -12.352 1.00 26.09 ? 1943 PHE A CG  1 
ATOM   737  C CD1 . PHE A 1 109 ? 10.350  5.677   -13.493 1.00 30.53 ? 1943 PHE A CD1 1 
ATOM   738  C CD2 . PHE A 1 109 ? 9.650   7.732   -12.501 1.00 27.77 ? 1943 PHE A CD2 1 
ATOM   739  C CE1 . PHE A 1 109 ? 10.188  6.228   -14.764 1.00 31.05 ? 1943 PHE A CE1 1 
ATOM   740  C CE2 . PHE A 1 109 ? 9.487   8.290   -13.769 1.00 33.98 ? 1943 PHE A CE2 1 
ATOM   741  C CZ  . PHE A 1 109 ? 9.759   7.530   -14.900 1.00 30.56 ? 1943 PHE A CZ  1 
ATOM   742  N N   . ASN A 1 110 ? 12.300  7.305   -8.698  1.00 29.99 ? 1944 ASN A N   1 
ATOM   743  C CA  . ASN A 1 110 ? 12.593  8.627   -8.154  1.00 30.30 ? 1944 ASN A CA  1 
ATOM   744  C C   . ASN A 1 110 ? 13.843  8.638   -7.285  1.00 29.95 ? 1944 ASN A C   1 
ATOM   745  O O   . ASN A 1 110 ? 14.087  7.708   -6.519  1.00 28.91 ? 1944 ASN A O   1 
ATOM   746  C CB  . ASN A 1 110 ? 11.415  9.152   -7.337  1.00 27.77 ? 1944 ASN A CB  1 
ATOM   747  C CG  . ASN A 1 110 ? 10.157  9.298   -8.163  1.00 32.12 ? 1944 ASN A CG  1 
ATOM   748  O OD1 . ASN A 1 110 ? 9.967   10.301  -8.848  1.00 29.63 ? 1944 ASN A OD1 1 
ATOM   749  N ND2 . ASN A 1 110 ? 9.290   8.290   -8.110  1.00 26.51 ? 1944 ASN A ND2 1 
ATOM   750  N N   . GLU A 1 111 ? 14.643  9.688   -7.419  1.00 34.24 ? 1945 GLU A N   1 
ATOM   751  C CA  . GLU A 1 111 ? 15.794  9.844   -6.544  1.00 35.17 ? 1945 GLU A CA  1 
ATOM   752  C C   . GLU A 1 111 ? 15.317  10.074  -5.121  1.00 28.72 ? 1945 GLU A C   1 
ATOM   753  O O   . GLU A 1 111 ? 14.301  10.742  -4.909  1.00 30.22 ? 1945 GLU A O   1 
ATOM   754  C CB  A GLU A 1 111 ? 16.665  11.013  -6.990  0.41 35.10 ? 1945 GLU A CB  1 
ATOM   755  C CB  B GLU A 1 111 ? 16.681  10.998  -7.019  0.59 35.07 ? 1945 GLU A CB  1 
ATOM   756  C CG  A GLU A 1 111 ? 17.197  10.903  -8.397  0.41 37.27 ? 1945 GLU A CG  1 
ATOM   757  C CG  B GLU A 1 111 ? 17.473  10.688  -8.287  0.59 37.04 ? 1945 GLU A CG  1 
ATOM   758  C CD  A GLU A 1 111 ? 18.240  11.959  -8.676  0.41 40.39 ? 1945 GLU A CD  1 
ATOM   759  C CD  B GLU A 1 111 ? 18.698  9.832   -8.020  0.59 38.18 ? 1945 GLU A CD  1 
ATOM   760  O OE1 A GLU A 1 111 ? 17.870  13.051  -9.153  0.41 41.11 ? 1945 GLU A OE1 1 
ATOM   761  O OE1 B GLU A 1 111 ? 19.104  9.717   -6.844  0.59 41.38 ? 1945 GLU A OE1 1 
ATOM   762  O OE2 A GLU A 1 111 ? 19.427  11.701  -8.395  0.41 41.05 ? 1945 GLU A OE2 1 
ATOM   763  O OE2 B GLU A 1 111 ? 19.255  9.272   -8.985  0.59 41.70 ? 1945 GLU A OE2 1 
ATOM   764  N N   . ASP A 1 112 ? 16.062  9.543   -4.152  1.00 34.36 ? 1946 ASP A N   1 
ATOM   765  C CA  . ASP A 1 112 ? 15.736  9.732   -2.739  1.00 33.46 ? 1946 ASP A CA  1 
ATOM   766  C C   . ASP A 1 112 ? 15.606  11.203  -2.364  1.00 33.41 ? 1946 ASP A C   1 
ATOM   767  O O   . ASP A 1 112 ? 14.760  11.573  -1.559  1.00 36.45 ? 1946 ASP A O   1 
ATOM   768  C CB  . ASP A 1 112 ? 16.790  9.074   -1.845  1.00 33.65 ? 1946 ASP A CB  1 
ATOM   769  C CG  . ASP A 1 112 ? 16.800  7.569   -1.969  1.00 42.03 ? 1946 ASP A CG  1 
ATOM   770  O OD1 . ASP A 1 112 ? 15.772  6.994   -2.390  1.00 38.57 ? 1946 ASP A OD1 1 
ATOM   771  O OD2 . ASP A 1 112 ? 17.838  6.958   -1.647  1.00 41.77 ? 1946 ASP A OD2 1 
ATOM   772  N N   A ASP A 1 113 ? 16.407  12.041  -3.017  0.53 42.48 ? 1947 ASP A N   1 
ATOM   773  N N   B ASP A 1 113 ? 16.486  12.036  -2.901  0.47 42.45 ? 1947 ASP A N   1 
ATOM   774  C CA  A ASP A 1 113 ? 16.468  13.474  -2.724  0.53 41.37 ? 1947 ASP A CA  1 
ATOM   775  C CA  B ASP A 1 113 ? 16.415  13.451  -2.583  0.47 41.34 ? 1947 ASP A CA  1 
ATOM   776  C C   A ASP A 1 113 ? 15.279  14.283  -3.275  0.53 41.27 ? 1947 ASP A C   1 
ATOM   777  C C   B ASP A 1 113 ? 15.738  14.195  -3.722  0.47 41.57 ? 1947 ASP A C   1 
ATOM   778  O O   A ASP A 1 113 ? 15.037  15.407  -2.841  0.53 40.75 ? 1947 ASP A O   1 
ATOM   779  O O   B ASP A 1 113 ? 16.335  15.011  -4.428  0.47 40.42 ? 1947 ASP A O   1 
ATOM   780  C CB  A ASP A 1 113 ? 17.784  14.043  -3.272  0.53 42.77 ? 1947 ASP A CB  1 
ATOM   781  C CB  B ASP A 1 113 ? 17.801  14.004  -2.266  0.47 44.14 ? 1947 ASP A CB  1 
ATOM   782  C CG  A ASP A 1 113 ? 18.202  15.331  -2.584  0.53 46.10 ? 1947 ASP A CG  1 
ATOM   783  C CG  B ASP A 1 113 ? 18.310  13.518  -0.919  0.47 45.28 ? 1947 ASP A CG  1 
ATOM   784  O OD1 A ASP A 1 113 ? 17.502  15.768  -1.646  0.53 44.16 ? 1947 ASP A OD1 1 
ATOM   785  O OD1 B ASP A 1 113 ? 17.705  13.889  0.109   0.47 48.05 ? 1947 ASP A OD1 1 
ATOM   786  O OD2 A ASP A 1 113 ? 19.246  15.898  -2.972  0.53 48.05 ? 1947 ASP A OD2 1 
ATOM   787  O OD2 B ASP A 1 113 ? 19.298  12.753  -0.885  0.47 50.56 ? 1947 ASP A OD2 1 
ATOM   788  N N   A SER A 1 114 ? 14.538  13.723  -4.227  0.53 36.25 ? 1948 SER A N   1 
ATOM   789  N N   B SER A 1 114 ? 14.468  13.845  -3.898  0.47 36.98 ? 1948 SER A N   1 
ATOM   790  C CA  A SER A 1 114 ? 13.430  14.451  -4.852  0.53 35.38 ? 1948 SER A CA  1 
ATOM   791  C CA  B SER A 1 114 ? 13.517  14.577  -4.715  0.47 35.23 ? 1948 SER A CA  1 
ATOM   792  C C   A SER A 1 114 ? 12.242  14.638  -3.903  0.53 36.30 ? 1948 SER A C   1 
ATOM   793  C C   B SER A 1 114 ? 12.254  14.675  -3.869  0.47 36.31 ? 1948 SER A C   1 
ATOM   794  O O   A SER A 1 114 ? 12.147  13.951  -2.887  0.53 32.47 ? 1948 SER A O   1 
ATOM   795  O O   B SER A 1 114 ? 12.116  13.949  -2.885  0.47 32.47 ? 1948 SER A O   1 
ATOM   796  C CB  A SER A 1 114 ? 12.970  13.721  -6.113  0.53 36.81 ? 1948 SER A CB  1 
ATOM   797  C CB  B SER A 1 114 ? 13.246  13.865  -6.040  0.47 36.45 ? 1948 SER A CB  1 
ATOM   798  O OG  A SER A 1 114 ? 12.585  12.390  -5.805  0.53 33.33 ? 1948 SER A OG  1 
ATOM   799  O OG  B SER A 1 114 ? 12.672  12.585  -5.815  0.47 33.87 ? 1948 SER A OG  1 
ATOM   800  N N   . ASP A 1 115 ? 11.342  15.565  -4.229  1.00 32.27 ? 1949 ASP A N   1 
ATOM   801  C CA  . ASP A 1 115 ? 10.123  15.737  -3.440  1.00 33.09 ? 1949 ASP A CA  1 
ATOM   802  C C   . ASP A 1 115 ? 9.306   14.444  -3.415  1.00 31.48 ? 1949 ASP A C   1 
ATOM   803  O O   . ASP A 1 115 ? 8.815   14.030  -2.359  1.00 29.65 ? 1949 ASP A O   1 
ATOM   804  C CB  . ASP A 1 115 ? 9.260   16.873  -3.982  1.00 29.35 ? 1949 ASP A CB  1 
ATOM   805  C CG  . ASP A 1 115 ? 9.877   18.244  -3.745  1.00 42.76 ? 1949 ASP A CG  1 
ATOM   806  O OD1 . ASP A 1 115 ? 9.925   18.697  -2.582  1.00 39.71 ? 1949 ASP A OD1 1 
ATOM   807  O OD2 . ASP A 1 115 ? 10.295  18.874  -4.732  1.00 42.32 ? 1949 ASP A OD2 1 
ATOM   808  N N   . ILE A 1 116 ? 9.175   13.805  -4.575  1.00 30.65 ? 1950 ILE A N   1 
ATOM   809  C CA  . ILE A 1 116 ? 8.416   12.553  -4.659  1.00 25.70 ? 1950 ILE A CA  1 
ATOM   810  C C   . ILE A 1 116 ? 9.131   11.414  -3.930  1.00 29.29 ? 1950 ILE A C   1 
ATOM   811  O O   . ILE A 1 116 ? 8.498   10.614  -3.231  1.00 27.79 ? 1950 ILE A O   1 
ATOM   812  C CB  . ILE A 1 116 ? 8.151   12.169  -6.130  1.00 28.87 ? 1950 ILE A CB  1 
ATOM   813  C CG1 . ILE A 1 116 ? 7.191   13.186  -6.756  1.00 32.81 ? 1950 ILE A CG1 1 
ATOM   814  C CG2 . ILE A 1 116 ? 7.574   10.747  -6.228  1.00 23.41 ? 1950 ILE A CG2 1 
ATOM   815  C CD1 . ILE A 1 116 ? 6.978   13.016  -8.255  1.00 32.23 ? 1950 ILE A CD1 1 
ATOM   816  N N   . GLY A 1 117 ? 10.449  11.348  -4.084  1.00 27.76 ? 1951 GLY A N   1 
ATOM   817  C CA  . GLY A 1 117 ? 11.247  10.348  -3.401  1.00 27.23 ? 1951 GLY A CA  1 
ATOM   818  C C   . GLY A 1 117 ? 11.101  10.461  -1.890  1.00 30.98 ? 1951 GLY A C   1 
ATOM   819  O O   . GLY A 1 117 ? 10.881  9.462   -1.208  1.00 26.18 ? 1951 GLY A O   1 
ATOM   820  N N   . ARG A 1 118 ? 11.204  11.676  -1.363  1.00 27.41 ? 1952 ARG A N   1 
ATOM   821  C CA  . ARG A 1 118 ? 11.038  11.878  0.079   1.00 30.03 ? 1952 ARG A CA  1 
ATOM   822  C C   . ARG A 1 118 ? 9.619   11.514  0.523   1.00 27.44 ? 1952 ARG A C   1 
ATOM   823  O O   . ARG A 1 118 ? 9.426   10.899  1.568   1.00 24.77 ? 1952 ARG A O   1 
ATOM   824  C CB  . ARG A 1 118 ? 11.350  13.323  0.485   1.00 34.36 ? 1952 ARG A CB  1 
ATOM   825  C CG  . ARG A 1 118 ? 12.828  13.611  0.693   1.00 43.02 ? 1952 ARG A CG  1 
ATOM   826  C CD  . ARG A 1 118 ? 13.050  15.009  1.287   1.00 47.57 ? 1952 ARG A CD  1 
ATOM   827  N NE  . ARG A 1 118 ? 12.708  16.075  0.348   1.00 43.93 ? 1952 ARG A NE  1 
ATOM   828  C CZ  . ARG A 1 118 ? 13.541  16.551  -0.572  1.00 44.88 ? 1952 ARG A CZ  1 
ATOM   829  N NH1 . ARG A 1 118 ? 13.149  17.517  -1.396  1.00 43.32 ? 1952 ARG A NH1 1 
ATOM   830  N NH2 . ARG A 1 118 ? 14.767  16.055  -0.676  1.00 46.23 ? 1952 ARG A NH2 1 
ATOM   831  N N   . ALA A 1 119 ? 8.632   11.904  -0.277  1.00 23.51 ? 1953 ALA A N   1 
ATOM   832  C CA  . ALA A 1 119 ? 7.239   11.598  0.025   1.00 23.61 ? 1953 ALA A CA  1 
ATOM   833  C C   . ALA A 1 119 ? 7.036   10.093  0.162   1.00 24.19 ? 1953 ALA A C   1 
ATOM   834  O O   . ALA A 1 119 ? 6.330   9.636   1.065   1.00 23.61 ? 1953 ALA A O   1 
ATOM   835  C CB  . ALA A 1 119 ? 6.320   12.164  -1.048  1.00 24.02 ? 1953 ALA A CB  1 
ATOM   836  N N   . GLY A 1 120 ? 7.636   9.325   -0.741  1.00 22.89 ? 1954 GLY A N   1 
ATOM   837  C CA  . GLY A 1 120 ? 7.513   7.875   -0.702  1.00 22.55 ? 1954 GLY A CA  1 
ATOM   838  C C   . GLY A 1 120 ? 8.133   7.271   0.550   1.00 24.33 ? 1954 GLY A C   1 
ATOM   839  O O   . GLY A 1 120 ? 7.519   6.445   1.213   1.00 22.90 ? 1954 GLY A O   1 
ATOM   840  N N   . HIS A 1 121 ? 9.349   7.687   0.899   1.00 23.63 ? 1955 HIS A N   1 
ATOM   841  C CA  . HIS A 1 121 ? 9.954   7.198   2.139   1.00 24.47 ? 1955 HIS A CA  1 
ATOM   842  C C   . HIS A 1 121 ? 9.100   7.558   3.360   1.00 23.30 ? 1955 HIS A C   1 
ATOM   843  O O   . HIS A 1 121 ? 8.906   6.725   4.251   1.00 26.40 ? 1955 HIS A O   1 
ATOM   844  C CB  . HIS A 1 121 ? 11.377  7.748   2.299   1.00 24.23 ? 1955 HIS A CB  1 
ATOM   845  C CG  . HIS A 1 121 ? 12.359  7.167   1.330   1.00 29.48 ? 1955 HIS A CG  1 
ATOM   846  N ND1 . HIS A 1 121 ? 12.736  5.842   1.356   1.00 33.59 ? 1955 HIS A ND1 1 
ATOM   847  C CD2 . HIS A 1 121 ? 13.045  7.734   0.306   1.00 28.51 ? 1955 HIS A CD2 1 
ATOM   848  C CE1 . HIS A 1 121 ? 13.610  5.614   0.390   1.00 34.96 ? 1955 HIS A CE1 1 
ATOM   849  N NE2 . HIS A 1 121 ? 13.815  6.745   -0.262  1.00 31.63 ? 1955 HIS A NE2 1 
ATOM   850  N N   . ASN A 1 122 ? 8.592   8.787   3.403   1.00 24.62 ? 1956 ASN A N   1 
ATOM   851  C CA  . ASN A 1 122 ? 7.721   9.215   4.497   1.00 24.71 ? 1956 ASN A CA  1 
ATOM   852  C C   . ASN A 1 122 ? 6.457   8.359   4.609   1.00 25.79 ? 1956 ASN A C   1 
ATOM   853  O O   . ASN A 1 122 ? 6.055   7.951   5.705   1.00 24.63 ? 1956 ASN A O   1 
ATOM   854  C CB  . ASN A 1 122 ? 7.297   10.673  4.319   1.00 22.04 ? 1956 ASN A CB  1 
ATOM   855  C CG  . ASN A 1 122 ? 8.421   11.665  4.612   1.00 24.64 ? 1956 ASN A CG  1 
ATOM   856  O OD1 . ASN A 1 122 ? 9.518   11.290  5.035   1.00 27.82 ? 1956 ASN A OD1 1 
ATOM   857  N ND2 . ASN A 1 122 ? 8.139   12.944  4.393   1.00 26.65 ? 1956 ASN A ND2 1 
ATOM   858  N N   . MET A 1 123 ? 5.811   8.109   3.469   1.00 21.12 ? 1957 MET A N   1 
ATOM   859  C CA  A MET A 1 123 ? 4.560   7.358   3.477   0.33 21.32 ? 1957 MET A CA  1 
ATOM   860  C CA  B MET A 1 123 ? 4.563   7.342   3.449   0.67 21.30 ? 1957 MET A CA  1 
ATOM   861  C C   . MET A 1 123 ? 4.785   5.881   3.808   1.00 20.78 ? 1957 MET A C   1 
ATOM   862  O O   . MET A 1 123 ? 3.927   5.252   4.427   1.00 23.61 ? 1957 MET A O   1 
ATOM   863  C CB  A MET A 1 123 ? 3.837   7.499   2.133   0.33 22.69 ? 1957 MET A CB  1 
ATOM   864  C CB  B MET A 1 123 ? 3.886   7.420   2.072   0.67 22.61 ? 1957 MET A CB  1 
ATOM   865  C CG  A MET A 1 123 ? 3.352   8.922   1.855   0.33 22.23 ? 1957 MET A CG  1 
ATOM   866  C CG  B MET A 1 123 ? 3.345   8.802   1.711   0.67 22.29 ? 1957 MET A CG  1 
ATOM   867  S SD  A MET A 1 123 ? 1.565   9.076   1.629   0.33 25.37 ? 1957 MET A SD  1 
ATOM   868  S SD  B MET A 1 123 ? 2.263   9.531   2.952   0.67 24.37 ? 1957 MET A SD  1 
ATOM   869  C CE  A MET A 1 123 ? 0.949   8.436   3.190   0.33 25.19 ? 1957 MET A CE  1 
ATOM   870  C CE  B MET A 1 123 ? 0.958   8.292   3.101   0.67 25.21 ? 1957 MET A CE  1 
ATOM   871  N N   . ARG A 1 124 ? 5.920   5.335   3.388   1.00 19.41 ? 1958 ARG A N   1 
ATOM   872  C CA  . ARG A 1 124 ? 6.244   3.946   3.737   1.00 20.93 ? 1958 ARG A CA  1 
ATOM   873  C C   . ARG A 1 124 ? 6.383   3.849   5.249   1.00 25.32 ? 1958 ARG A C   1 
ATOM   874  O O   . ARG A 1 124 ? 5.818   2.950   5.875   1.00 22.09 ? 1958 ARG A O   1 
ATOM   875  C CB  . ARG A 1 124 ? 7.530   3.465   3.066   1.00 22.98 ? 1958 ARG A CB  1 
ATOM   876  C CG  . ARG A 1 124 ? 7.791   1.977   3.308   1.00 23.18 ? 1958 ARG A CG  1 
ATOM   877  C CD  . ARG A 1 124 ? 9.207   1.561   2.945   1.00 26.02 ? 1958 ARG A CD  1 
ATOM   878  N NE  . ARG A 1 124 ? 9.556   1.741   1.535   1.00 28.50 ? 1958 ARG A NE  1 
ATOM   879  C CZ  . ARG A 1 124 ? 9.339   0.831   0.584   1.00 32.31 ? 1958 ARG A CZ  1 
ATOM   880  N NH1 . ARG A 1 124 ? 8.736   -0.318  0.875   1.00 26.92 ? 1958 ARG A NH1 1 
ATOM   881  N NH2 . ARG A 1 124 ? 9.718   1.076   -0.664  1.00 26.22 ? 1958 ARG A NH2 1 
ATOM   882  N N   . LYS A 1 125 ? 7.126   4.791   5.834   1.00 25.17 ? 1959 LYS A N   1 
ATOM   883  C CA  . LYS A 1 125 ? 7.327   4.793   7.285   1.00 30.21 ? 1959 LYS A CA  1 
ATOM   884  C C   . LYS A 1 125 ? 5.991   4.894   8.018   1.00 26.82 ? 1959 LYS A C   1 
ATOM   885  O O   . LYS A 1 125 ? 5.729   4.162   8.980   1.00 25.53 ? 1959 LYS A O   1 
ATOM   886  C CB  . LYS A 1 125 ? 8.255   5.947   7.706   1.00 24.53 ? 1959 LYS A CB  1 
ATOM   887  C CG  . LYS A 1 125 ? 8.609   5.947   9.198   1.00 31.95 ? 1959 LYS A CG  1 
ATOM   888  C CD  . LYS A 1 125 ? 9.678   4.909   9.526   1.00 42.57 ? 1959 LYS A CD  1 
ATOM   889  C CE  . LYS A 1 125 ? 10.005  4.910   11.020  1.00 51.86 ? 1959 LYS A CE  1 
ATOM   890  N NZ  . LYS A 1 125 ? 11.228  4.116   11.341  1.00 67.53 ? 1959 LYS A NZ  1 
ATOM   891  N N   . TYR A 1 126 ? 5.153   5.824   7.570   1.00 22.19 ? 1960 TYR A N   1 
ATOM   892  C CA  . TYR A 1 126 ? 3.818   6.019   8.096   1.00 24.30 ? 1960 TYR A CA  1 
ATOM   893  C C   . TYR A 1 126 ? 2.983   4.740   8.027   1.00 28.32 ? 1960 TYR A C   1 
ATOM   894  O O   . TYR A 1 126 ? 2.337   4.349   9.015   1.00 23.99 ? 1960 TYR A O   1 
ATOM   895  C CB  . TYR A 1 126 ? 3.135   7.143   7.318   1.00 21.88 ? 1960 TYR A CB  1 
ATOM   896  C CG  . TYR A 1 126 ? 1.833   7.654   7.885   1.00 22.45 ? 1960 TYR A CG  1 
ATOM   897  C CD1 . TYR A 1 126 ? 1.810   8.425   9.051   1.00 25.58 ? 1960 TYR A CD1 1 
ATOM   898  C CD2 . TYR A 1 126 ? 0.629   7.413   7.239   1.00 25.55 ? 1960 TYR A CD2 1 
ATOM   899  C CE1 . TYR A 1 126 ? 0.628   8.919   9.554   1.00 26.54 ? 1960 TYR A CE1 1 
ATOM   900  C CE2 . TYR A 1 126 ? -0.558  7.911   7.730   1.00 30.94 ? 1960 TYR A CE2 1 
ATOM   901  C CZ  . TYR A 1 126 ? -0.553  8.658   8.892   1.00 36.06 ? 1960 TYR A CZ  1 
ATOM   902  O OH  . TYR A 1 126 ? -1.740  9.142   9.384   1.00 36.85 ? 1960 TYR A OH  1 
ATOM   903  N N   . PHE A 1 127 ? 2.971   4.100   6.858   1.00 20.89 ? 1961 PHE A N   1 
ATOM   904  C CA  . PHE A 1 127 ? 2.223   2.853   6.715   1.00 20.74 ? 1961 PHE A CA  1 
ATOM   905  C C   . PHE A 1 127 ? 2.702   1.760   7.668   1.00 25.12 ? 1961 PHE A C   1 
ATOM   906  O O   . PHE A 1 127 ? 1.894   1.134   8.380   1.00 26.44 ? 1961 PHE A O   1 
ATOM   907  C CB  . PHE A 1 127 ? 2.307   2.326   5.282   1.00 20.45 ? 1961 PHE A CB  1 
ATOM   908  C CG  . PHE A 1 127 ? 1.728   0.944   5.119   1.00 19.42 ? 1961 PHE A CG  1 
ATOM   909  C CD1 . PHE A 1 127 ? 0.357   0.727   5.235   1.00 22.80 ? 1961 PHE A CD1 1 
ATOM   910  C CD2 . PHE A 1 127 ? 2.559   -0.143  4.857   1.00 24.71 ? 1961 PHE A CD2 1 
ATOM   911  C CE1 . PHE A 1 127 ? -0.179  -0.564  5.102   1.00 25.74 ? 1961 PHE A CE1 1 
ATOM   912  C CE2 . PHE A 1 127 ? 2.024   -1.427  4.716   1.00 24.19 ? 1961 PHE A CE2 1 
ATOM   913  C CZ  . PHE A 1 127 ? 0.658   -1.626  4.836   1.00 25.07 ? 1961 PHE A CZ  1 
ATOM   914  N N   . GLU A 1 128 ? 4.010   1.514   7.672   1.00 23.81 ? 1962 GLU A N   1 
ATOM   915  C CA  . GLU A 1 128 ? 4.541   0.352   8.388   1.00 25.29 ? 1962 GLU A CA  1 
ATOM   916  C C   . GLU A 1 128 ? 4.270   0.461   9.892   1.00 33.71 ? 1962 GLU A C   1 
ATOM   917  O O   . GLU A 1 128 ? 4.024   -0.559  10.557  1.00 30.35 ? 1962 GLU A O   1 
ATOM   918  C CB  . GLU A 1 128 ? 6.033   0.183   8.108   1.00 25.34 ? 1962 GLU A CB  1 
ATOM   919  C CG  . GLU A 1 128 ? 6.382   -0.198  6.652   1.00 25.92 ? 1962 GLU A CG  1 
ATOM   920  C CD  . GLU A 1 128 ? 5.775   -1.528  6.163   1.00 32.56 ? 1962 GLU A CD  1 
ATOM   921  O OE1 . GLU A 1 128 ? 5.259   -2.329  6.980   1.00 29.89 ? 1962 GLU A OE1 1 
ATOM   922  O OE2 . GLU A 1 128 ? 5.811   -1.777  4.940   1.00 29.43 ? 1962 GLU A OE2 1 
ATOM   923  N N   . LYS A 1 129 ? 4.297   1.678   10.437  1.00 26.84 ? 1963 LYS A N   1 
ATOM   924  C CA  A LYS A 1 129 ? 3.943   1.873   11.844  0.49 33.51 ? 1963 LYS A CA  1 
ATOM   925  C CA  B LYS A 1 129 ? 3.938   1.859   11.846  0.51 33.50 ? 1963 LYS A CA  1 
ATOM   926  C C   . LYS A 1 129 ? 2.459   1.575   12.088  1.00 36.55 ? 1963 LYS A C   1 
ATOM   927  O O   . LYS A 1 129 ? 2.106   0.890   13.053  1.00 35.91 ? 1963 LYS A O   1 
ATOM   928  C CB  A LYS A 1 129 ? 4.285   3.299   12.297  0.49 34.84 ? 1963 LYS A CB  1 
ATOM   929  C CB  B LYS A 1 129 ? 4.263   3.268   12.348  0.51 34.87 ? 1963 LYS A CB  1 
ATOM   930  C CG  A LYS A 1 129 ? 4.065   3.560   13.791  0.49 41.34 ? 1963 LYS A CG  1 
ATOM   931  C CG  B LYS A 1 129 ? 3.656   3.524   13.734  0.51 40.59 ? 1963 LYS A CG  1 
ATOM   932  C CD  A LYS A 1 129 ? 4.886   2.606   14.655  0.49 38.21 ? 1963 LYS A CD  1 
ATOM   933  C CD  B LYS A 1 129 ? 3.999   4.888   14.306  0.51 36.71 ? 1963 LYS A CD  1 
ATOM   934  C CE  A LYS A 1 129 ? 5.022   3.107   16.096  0.49 43.27 ? 1963 LYS A CE  1 
ATOM   935  C CE  B LYS A 1 129 ? 3.404   5.052   15.703  0.51 43.74 ? 1963 LYS A CE  1 
ATOM   936  N NZ  A LYS A 1 129 ? 3.720   3.217   16.811  0.49 40.98 ? 1963 LYS A NZ  1 
ATOM   937  N NZ  B LYS A 1 129 ? 3.925   4.034   16.664  0.51 43.10 ? 1963 LYS A NZ  1 
ATOM   938  N N   . LYS A 1 130 ? 1.583   2.094   11.224  1.00 28.49 ? 1964 LYS A N   1 
ATOM   939  C CA  . LYS A 1 130 ? 0.154   1.785   11.355  1.00 31.80 ? 1964 LYS A CA  1 
ATOM   940  C C   . LYS A 1 130 ? -0.071  0.277   11.246  1.00 32.43 ? 1964 LYS A C   1 
ATOM   941  O O   . LYS A 1 130 ? -0.908  -0.290  11.947  1.00 36.08 ? 1964 LYS A O   1 
ATOM   942  C CB  . LYS A 1 130 ? -0.692  2.494   10.286  1.00 31.11 ? 1964 LYS A CB  1 
ATOM   943  C CG  . LYS A 1 130 ? -0.616  4.008   10.268  1.00 37.26 ? 1964 LYS A CG  1 
ATOM   944  C CD  . LYS A 1 130 ? -1.502  4.631   11.313  1.00 52.16 ? 1964 LYS A CD  1 
ATOM   945  C CE  . LYS A 1 130 ? -1.621  6.130   11.092  1.00 41.06 ? 1964 LYS A CE  1 
ATOM   946  N NZ  . LYS A 1 130 ? -2.497  6.743   12.120  1.00 57.43 ? 1964 LYS A NZ  1 
ATOM   947  N N   . TRP A 1 131 ? 0.681   -0.369  10.365  1.00 27.80 ? 1965 TRP A N   1 
ATOM   948  C CA  . TRP A 1 131 ? 0.512   -1.798  10.122  1.00 26.46 ? 1965 TRP A CA  1 
ATOM   949  C C   . TRP A 1 131 ? 0.892   -2.594  11.365  1.00 32.60 ? 1965 TRP A C   1 
ATOM   950  O O   . TRP A 1 131 ? 0.134   -3.436  11.837  1.00 32.64 ? 1965 TRP A O   1 
ATOM   951  C CB  . TRP A 1 131 ? 1.358   -2.243  8.934   1.00 27.36 ? 1965 TRP A CB  1 
ATOM   952  C CG  . TRP A 1 131 ? 1.044   -3.633  8.455   1.00 27.16 ? 1965 TRP A CG  1 
ATOM   953  C CD1 . TRP A 1 131 ? 1.814   -4.753  8.624   1.00 31.39 ? 1965 TRP A CD1 1 
ATOM   954  C CD2 . TRP A 1 131 ? -0.113  -4.050  7.714   1.00 26.79 ? 1965 TRP A CD2 1 
ATOM   955  N NE1 . TRP A 1 131 ? 1.207   -5.838  8.033   1.00 31.63 ? 1965 TRP A NE1 1 
ATOM   956  C CE2 . TRP A 1 131 ? 0.023   -5.436  7.472   1.00 30.63 ? 1965 TRP A CE2 1 
ATOM   957  C CE3 . TRP A 1 131 ? -1.243  -3.387  7.225   1.00 26.24 ? 1965 TRP A CE3 1 
ATOM   958  C CZ2 . TRP A 1 131 ? -0.936  -6.172  6.769   1.00 29.11 ? 1965 TRP A CZ2 1 
ATOM   959  C CZ3 . TRP A 1 131 ? -2.202  -4.125  6.525   1.00 26.01 ? 1965 TRP A CZ3 1 
ATOM   960  C CH2 . TRP A 1 131 ? -2.038  -5.501  6.306   1.00 22.27 ? 1965 TRP A CH2 1 
ATOM   961  N N   . THR A 1 132 ? 2.082   -2.307  11.879  1.00 29.71 ? 1966 THR A N   1 
ATOM   962  C CA  . THR A 1 132 ? 2.586   -2.930  13.097  1.00 36.58 ? 1966 THR A CA  1 
ATOM   963  C C   . THR A 1 132 ? 1.667   -2.688  14.289  1.00 34.69 ? 1966 THR A C   1 
ATOM   964  O O   . THR A 1 132 ? 1.291   -3.633  14.995  1.00 38.31 ? 1966 THR A O   1 
ATOM   965  C CB  . THR A 1 132 ? 3.997   -2.408  13.430  1.00 31.84 ? 1966 THR A CB  1 
ATOM   966  O OG1 . THR A 1 132 ? 4.904   -2.818  12.402  1.00 37.39 ? 1966 THR A OG1 1 
ATOM   967  C CG2 . THR A 1 132 ? 4.469   -2.977  14.762  1.00 47.62 ? 1966 THR A CG2 1 
ATOM   968  N N   . ASP A 1 133 ? 1.308   -1.429  14.519  1.00 32.49 ? 1967 ASP A N   1 
ATOM   969  C CA  . ASP A 1 133 ? 0.423   -1.090  15.631  1.00 33.60 ? 1967 ASP A CA  1 
ATOM   970  C C   . ASP A 1 133 ? -0.940  -1.769  15.540  1.00 42.80 ? 1967 ASP A C   1 
ATOM   971  O O   . ASP A 1 133 ? -1.545  -2.093  16.563  1.00 42.64 ? 1967 ASP A O   1 
ATOM   972  C CB  . ASP A 1 133 ? 0.214   0.420   15.722  1.00 35.60 ? 1967 ASP A CB  1 
ATOM   973  C CG  . ASP A 1 133 ? 1.456   1.156   16.186  1.00 45.36 ? 1967 ASP A CG  1 
ATOM   974  O OD1 . ASP A 1 133 ? 2.439   0.488   16.581  1.00 41.60 ? 1967 ASP A OD1 1 
ATOM   975  O OD2 . ASP A 1 133 ? 1.440   2.407   16.160  1.00 42.91 ? 1967 ASP A OD2 1 
ATOM   976  N N   . THR A 1 134 ? -1.434  -1.970  14.321  1.00 35.88 ? 1968 THR A N   1 
ATOM   977  C CA  . THR A 1 134 ? -2.781  -2.503  14.136  1.00 33.90 ? 1968 THR A CA  1 
ATOM   978  C C   . THR A 1 134 ? -2.834  -4.036  14.185  1.00 36.29 ? 1968 THR A C   1 
ATOM   979  O O   . THR A 1 134 ? -3.789  -4.611  14.703  1.00 43.40 ? 1968 THR A O   1 
ATOM   980  C CB  . THR A 1 134 ? -3.375  -2.023  12.789  1.00 30.21 ? 1968 THR A CB  1 
ATOM   981  O OG1 . THR A 1 134 ? -3.427  -0.591  12.778  1.00 32.05 ? 1968 THR A OG1 1 
ATOM   982  C CG2 . THR A 1 134 ? -4.779  -2.583  12.580  1.00 30.29 ? 1968 THR A CG2 1 
ATOM   983  N N   . PHE A 1 135 ? -1.815  -4.693  13.648  1.00 34.76 ? 1969 PHE A N   1 
ATOM   984  C CA  . PHE A 1 135 ? -1.884  -6.134  13.428  1.00 40.58 ? 1969 PHE A CA  1 
ATOM   985  C C   . PHE A 1 135 ? -0.805  -6.954  14.143  1.00 48.56 ? 1969 PHE A C   1 
ATOM   986  O O   . PHE A 1 135 ? -0.980  -8.152  14.353  1.00 51.67 ? 1969 PHE A O   1 
ATOM   987  C CB  . PHE A 1 135 ? -1.819  -6.430  11.928  1.00 39.35 ? 1969 PHE A CB  1 
ATOM   988  C CG  . PHE A 1 135 ? -3.027  -5.963  11.165  1.00 33.73 ? 1969 PHE A CG  1 
ATOM   989  C CD1 . PHE A 1 135 ? -4.272  -6.519  11.409  1.00 34.54 ? 1969 PHE A CD1 1 
ATOM   990  C CD2 . PHE A 1 135 ? -2.918  -4.982  10.187  1.00 29.93 ? 1969 PHE A CD2 1 
ATOM   991  C CE1 . PHE A 1 135 ? -5.389  -6.099  10.708  1.00 32.89 ? 1969 PHE A CE1 1 
ATOM   992  C CE2 . PHE A 1 135 ? -4.034  -4.561  9.488   1.00 27.60 ? 1969 PHE A CE2 1 
ATOM   993  C CZ  . PHE A 1 135 ? -5.267  -5.119  9.744   1.00 31.14 ? 1969 PHE A CZ  1 
ATOM   994  N N   . LYS A 1 136 ? 0.309   -6.326  14.503  1.00 55.14 ? 1970 LYS A N   1 
ATOM   995  C CA  . LYS A 1 136 ? 1.409   -7.057  15.137  1.00 62.21 ? 1970 LYS A CA  1 
ATOM   996  C C   . LYS A 1 136 ? 1.576   -6.679  16.610  1.00 65.43 ? 1970 LYS A C   1 
ATOM   997  O O   . LYS A 1 136 ? 0.636   -6.781  17.403  1.00 68.31 ? 1970 LYS A O   1 
ATOM   998  C CB  . LYS A 1 136 ? 2.717   -6.813  14.379  1.00 53.46 ? 1970 LYS A CB  1 
HETATM 999  C C1  C EDO B 2 .   ? 6.570   9.686   -11.419 0.45 33.80 ? 2001 EDO A C1  1 
HETATM 1000 C C1  D EDO B 2 .   ? 5.083   7.187   -8.475  0.55 30.81 ? 2001 EDO A C1  1 
HETATM 1001 O O1  C EDO B 2 .   ? 7.739   10.414  -11.012 0.45 34.64 ? 2001 EDO A O1  1 
HETATM 1002 O O1  D EDO B 2 .   ? 5.979   6.073   -8.373  0.55 25.34 ? 2001 EDO A O1  1 
HETATM 1003 C C2  C EDO B 2 .   ? 5.729   9.345   -10.193 0.45 34.25 ? 2001 EDO A C2  1 
HETATM 1004 C C2  D EDO B 2 .   ? 5.871   8.481   -8.601  0.55 32.63 ? 2001 EDO A C2  1 
HETATM 1005 O O2  C EDO B 2 .   ? 6.471   8.473   -9.333  0.45 30.18 ? 2001 EDO A O2  1 
HETATM 1006 O O2  D EDO B 2 .   ? 6.816   8.365   -9.668  0.55 30.92 ? 2001 EDO A O2  1 
HETATM 1007 C C1  D EDO C 2 .   ? 3.771   13.161  -10.590 0.55 40.76 ? 2002 EDO A C1  1 
HETATM 1008 O O1  D EDO C 2 .   ? 3.140   14.423  -10.338 0.55 44.62 ? 2002 EDO A O1  1 
HETATM 1009 C C2  D EDO C 2 .   ? 3.155   12.080  -9.711  0.55 34.37 ? 2002 EDO A C2  1 
HETATM 1010 O O2  D EDO C 2 .   ? 1.855   11.722  -10.196 0.55 43.21 ? 2002 EDO A O2  1 
HETATM 1011 H H11 D EDO C 2 .   ? 3.649   12.894  -11.641 0.55 48.91 ? 2002 EDO A H11 1 
HETATM 1012 H H12 D EDO C 2 .   ? 4.842   13.237  -10.383 0.55 48.91 ? 2002 EDO A H12 1 
HETATM 1013 H HO1 D EDO C 2 .   ? 3.539   15.101  -10.901 0.55 53.54 ? 2002 EDO A HO1 1 
HETATM 1014 H H21 D EDO C 2 .   ? 3.074   12.445  -8.684  0.55 41.25 ? 2002 EDO A H21 1 
HETATM 1015 H H22 D EDO C 2 .   ? 3.801   11.200  -9.707  0.55 41.25 ? 2002 EDO A H22 1 
HETATM 1016 H HO2 D EDO C 2 .   ? 1.477   11.036  -9.630  0.55 51.85 ? 2002 EDO A HO2 1 
HETATM 1017 C C1  . EDO D 2 .   ? -6.135  2.786   11.897  1.00 41.61 ? 2003 EDO A C1  1 
HETATM 1018 O O1  . EDO D 2 .   ? -4.698  2.768   11.890  1.00 48.16 ? 2003 EDO A O1  1 
HETATM 1019 C C2  . EDO D 2 .   ? -6.653  1.423   12.346  1.00 48.14 ? 2003 EDO A C2  1 
HETATM 1020 O O2  . EDO D 2 .   ? -5.772  0.876   13.338  1.00 49.08 ? 2003 EDO A O2  1 
HETATM 1021 H H11 . EDO D 2 .   ? -6.492  3.561   12.578  1.00 49.93 ? 2003 EDO A H11 1 
HETATM 1022 H H12 . EDO D 2 .   ? -6.507  3.012   10.896  1.00 49.93 ? 2003 EDO A H12 1 
HETATM 1023 H HO1 . EDO D 2 .   ? -4.367  3.631   11.606  1.00 57.79 ? 2003 EDO A HO1 1 
HETATM 1024 H H21 . EDO D 2 .   ? -7.658  1.529   12.762  1.00 57.77 ? 2003 EDO A H21 1 
HETATM 1025 H H22 . EDO D 2 .   ? -6.708  0.748   11.489  1.00 57.77 ? 2003 EDO A H22 1 
HETATM 1026 H HO2 . EDO D 2 .   ? -6.102  0.013   13.621  1.00 58.90 ? 2003 EDO A HO2 1 
HETATM 1027 N N1  D 8H4 E 3 .   ? 6.756   15.651  -14.299 0.55 46.32 ? 2004 8H4 A N1  1 
HETATM 1028 N N3  D 8H4 E 3 .   ? 7.877   11.289  -11.129 0.55 37.11 ? 2004 8H4 A N3  1 
HETATM 1029 C C4  D 8H4 E 3 .   ? 6.659   12.369  -12.636 0.55 38.39 ? 2004 8H4 A C4  1 
HETATM 1030 C C5  D 8H4 E 3 .   ? 6.312   13.439  -13.469 0.55 39.53 ? 2004 8H4 A C5  1 
HETATM 1031 C C6  D 8H4 E 3 .   ? 7.091   14.575  -13.472 0.55 42.29 ? 2004 8H4 A C6  1 
HETATM 1032 C C7  D 8H4 E 3 .   ? 6.092   11.091  -12.396 0.55 39.84 ? 2004 8H4 A C7  1 
HETATM 1033 C C1  D 8H4 E 3 .   ? 8.235   14.657  -12.636 0.55 45.01 ? 2004 8H4 A C1  1 
HETATM 1034 C C2  D 8H4 E 3 .   ? 8.575   13.610  -11.822 0.55 41.29 ? 2004 8H4 A C2  1 
HETATM 1035 C C3  D 8H4 E 3 .   ? 7.790   12.454  -11.813 0.55 37.24 ? 2004 8H4 A C3  1 
HETATM 1036 N N2  D 8H4 E 3 .   ? 6.842   10.484  -11.496 0.55 36.27 ? 2004 8H4 A N2  1 
HETATM 1037 H H4  D 8H4 E 3 .   ? 6.044   15.602  -14.822 0.55 55.58 ? 2004 8H4 A H4  1 
HETATM 1038 H H5  D 8H4 E 3 .   ? 7.258   16.380  -14.300 0.55 55.58 ? 2004 8H4 A H5  1 
HETATM 1039 H H7  D 8H4 E 3 .   ? 8.499   11.086  -10.545 0.55 44.54 ? 2004 8H4 A H7  1 
HETATM 1040 H H3  D 8H4 E 3 .   ? 5.559   13.383  -14.019 0.55 47.43 ? 2004 8H4 A H3  1 
HETATM 1041 H H6  D 8H4 E 3 .   ? 5.313   10.739  -12.805 0.55 47.81 ? 2004 8H4 A H6  1 
HETATM 1042 H H1  D 8H4 E 3 .   ? 8.762   15.434  -12.643 0.55 54.01 ? 2004 8H4 A H1  1 
HETATM 1043 H H2  D 8H4 E 3 .   ? 9.325   13.669  -11.276 0.55 49.55 ? 2004 8H4 A H2  1 
HETATM 1044 O O   . HOH F 4 .   ? 2.553   -24.009 10.911  1.00 43.44 ? 2101 HOH A O   1 
HETATM 1045 O O   C HOH F 4 .   ? 6.250   5.370   -8.762  0.45 27.02 ? 2102 HOH A O   1 
HETATM 1046 O O   . HOH F 4 .   ? 2.839   16.968  7.775   1.00 35.15 ? 2103 HOH A O   1 
HETATM 1047 O O   . HOH F 4 .   ? 2.934   -8.287  6.465   1.00 53.89 ? 2104 HOH A O   1 
HETATM 1048 O O   . HOH F 4 .   ? 5.336   5.872   -19.732 1.00 39.77 ? 2105 HOH A O   1 
HETATM 1049 O O   . HOH F 4 .   ? -2.485  9.289   11.977  1.00 53.92 ? 2106 HOH A O   1 
HETATM 1050 O O   . HOH F 4 .   ? -0.461  10.671  -10.391 1.00 44.64 ? 2107 HOH A O   1 
HETATM 1051 O O   . HOH F 4 .   ? -7.113  -16.029 10.293  1.00 46.76 ? 2108 HOH A O   1 
HETATM 1052 O O   . HOH F 4 .   ? -8.184  6.354   -3.043  1.00 28.62 ? 2109 HOH A O   1 
HETATM 1053 O O   . HOH F 4 .   ? 4.423   4.738   -6.811  1.00 33.40 ? 2110 HOH A O   1 
HETATM 1054 O O   . HOH F 4 .   ? 7.301   3.413   10.895  1.00 43.77 ? 2111 HOH A O   1 
HETATM 1055 O O   . HOH F 4 .   ? -0.425  3.623   14.836  1.00 43.45 ? 2112 HOH A O   1 
HETATM 1056 O O   . HOH F 4 .   ? -2.212  -34.959 8.696   1.00 33.84 ? 2113 HOH A O   1 
HETATM 1057 O O   . HOH F 4 .   ? -3.995  9.029   -13.909 1.00 45.11 ? 2114 HOH A O   1 
HETATM 1058 O O   . HOH F 4 .   ? 15.940  2.435   -10.367 1.00 35.53 ? 2115 HOH A O   1 
HETATM 1059 O O   . HOH F 4 .   ? 2.362   -8.902  3.036   1.00 49.17 ? 2116 HOH A O   1 
HETATM 1060 O O   . HOH F 4 .   ? 7.982   -1.546  3.480   1.00 32.30 ? 2117 HOH A O   1 
HETATM 1061 O O   . HOH F 4 .   ? 4.926   -5.688  -2.887  1.00 30.78 ? 2118 HOH A O   1 
HETATM 1062 O O   . HOH F 4 .   ? 13.233  1.401   1.575   1.00 53.30 ? 2119 HOH A O   1 
HETATM 1063 O O   . HOH F 4 .   ? 6.975   -4.557  -4.389  1.00 31.73 ? 2120 HOH A O   1 
HETATM 1064 O O   . HOH F 4 .   ? -6.137  -26.116 16.995  1.00 44.46 ? 2121 HOH A O   1 
HETATM 1065 O O   . HOH F 4 .   ? 1.846   5.258   -7.290  1.00 25.43 ? 2122 HOH A O   1 
HETATM 1066 O O   . HOH F 4 .   ? 8.506   -4.318  -0.378  1.00 37.51 ? 2123 HOH A O   1 
HETATM 1067 O O   . HOH F 4 .   ? 19.699  13.968  -7.018  1.00 63.47 ? 2124 HOH A O   1 
HETATM 1068 O O   . HOH F 4 .   ? -8.797  -14.353 4.158   1.00 54.03 ? 2125 HOH A O   1 
HETATM 1069 O O   . HOH F 4 .   ? -3.485  10.952  7.638   1.00 33.63 ? 2126 HOH A O   1 
HETATM 1070 O O   . HOH F 4 .   ? 5.177   -3.162  9.518   1.00 34.67 ? 2127 HOH A O   1 
HETATM 1071 O O   . HOH F 4 .   ? -1.395  2.410   -10.602 1.00 23.18 ? 2128 HOH A O   1 
HETATM 1072 O O   . HOH F 4 .   ? -11.777 7.044   3.078   1.00 49.52 ? 2129 HOH A O   1 
HETATM 1073 O O   . HOH F 4 .   ? -13.208 2.892   -5.322  1.00 35.92 ? 2130 HOH A O   1 
HETATM 1074 O O   . HOH F 4 .   ? -9.642  -12.706 5.876   1.00 35.80 ? 2131 HOH A O   1 
HETATM 1075 O O   . HOH F 4 .   ? 10.645  4.870   5.133   1.00 41.63 ? 2132 HOH A O   1 
HETATM 1076 O O   . HOH F 4 .   ? -12.099 4.430   6.450   1.00 42.67 ? 2133 HOH A O   1 
HETATM 1077 O O   . HOH F 4 .   ? 13.013  -3.868  -24.893 1.00 44.49 ? 2134 HOH A O   1 
HETATM 1078 O O   . HOH F 4 .   ? -1.334  -6.287  -7.606  1.00 32.76 ? 2135 HOH A O   1 
HETATM 1079 O O   . HOH F 4 .   ? -5.492  1.079   -12.038 1.00 36.39 ? 2136 HOH A O   1 
HETATM 1080 O O   . HOH F 4 .   ? 2.936   3.050   -9.593  1.00 25.53 ? 2137 HOH A O   1 
HETATM 1081 O O   . HOH F 4 .   ? -13.635 -3.032  -8.930  1.00 36.29 ? 2138 HOH A O   1 
HETATM 1082 O O   . HOH F 4 .   ? -7.231  -11.283 6.250   1.00 32.50 ? 2139 HOH A O   1 
HETATM 1083 O O   . HOH F 4 .   ? 0.229   3.968   -14.055 1.00 26.84 ? 2140 HOH A O   1 
HETATM 1084 O O   . HOH F 4 .   ? 10.492  4.069   0.483   1.00 30.93 ? 2141 HOH A O   1 
HETATM 1085 O O   . HOH F 4 .   ? -0.173  -1.693  -23.026 1.00 63.96 ? 2142 HOH A O   1 
HETATM 1086 O O   . HOH F 4 .   ? 13.488  7.146   -3.866  1.00 29.24 ? 2143 HOH A O   1 
HETATM 1087 O O   . HOH F 4 .   ? -0.067  -3.381  -11.799 1.00 38.22 ? 2144 HOH A O   1 
HETATM 1088 O O   . HOH F 4 .   ? 1.134   -6.891  -5.066  1.00 45.54 ? 2145 HOH A O   1 
HETATM 1089 O O   . HOH F 4 .   ? -12.865 0.130   0.809   1.00 35.15 ? 2146 HOH A O   1 
HETATM 1090 O O   . HOH F 4 .   ? 10.983  12.838  -8.737  1.00 42.73 ? 2147 HOH A O   1 
HETATM 1091 O O   . HOH F 4 .   ? 3.880   -0.605  -17.102 1.00 41.17 ? 2148 HOH A O   1 
HETATM 1092 O O   . HOH F 4 .   ? 3.262   21.856  4.488   1.00 52.50 ? 2149 HOH A O   1 
HETATM 1093 O O   . HOH F 4 .   ? -3.729  13.691  0.731   1.00 32.39 ? 2150 HOH A O   1 
HETATM 1094 O O   . HOH F 4 .   ? -14.504 2.567   -3.082  1.00 41.84 ? 2151 HOH A O   1 
HETATM 1095 O O   . HOH F 4 .   ? 0.889   7.312   -8.553  1.00 23.91 ? 2152 HOH A O   1 
HETATM 1096 O O   . HOH F 4 .   ? -10.161 9.134   1.730   1.00 54.68 ? 2153 HOH A O   1 
HETATM 1097 O O   . HOH F 4 .   ? 18.136  7.834   -5.025  1.00 39.57 ? 2154 HOH A O   1 
HETATM 1098 O O   . HOH F 4 .   ? 9.255   5.069   -1.695  1.00 23.31 ? 2155 HOH A O   1 
HETATM 1099 O O   . HOH F 4 .   ? -1.137  -27.961 11.573  1.00 35.73 ? 2156 HOH A O   1 
HETATM 1100 O O   . HOH F 4 .   ? -7.631  -5.553  -10.413 1.00 47.95 ? 2157 HOH A O   1 
HETATM 1101 O O   . HOH F 4 .   ? -2.238  -1.177  -11.929 1.00 46.31 ? 2158 HOH A O   1 
HETATM 1102 O O   . HOH F 4 .   ? -10.724 -3.297  -10.253 1.00 41.12 ? 2159 HOH A O   1 
HETATM 1103 O O   . HOH F 4 .   ? 11.546  11.890  6.888   1.00 35.72 ? 2160 HOH A O   1 
HETATM 1104 O O   . HOH F 4 .   ? -10.928 4.304   -6.014  1.00 32.57 ? 2161 HOH A O   1 
HETATM 1105 O O   . HOH F 4 .   ? 15.816  2.747   0.357   1.00 63.44 ? 2162 HOH A O   1 
HETATM 1106 O O   . HOH F 4 .   ? 6.711   -2.715  -10.605 1.00 27.84 ? 2163 HOH A O   1 
HETATM 1107 O O   . HOH F 4 .   ? -9.456  -8.921  12.666  1.00 37.95 ? 2164 HOH A O   1 
HETATM 1108 O O   . HOH F 4 .   ? -1.279  -7.963  -3.859  1.00 33.37 ? 2165 HOH A O   1 
HETATM 1109 O O   . HOH F 4 .   ? 14.106  11.630  -9.406  1.00 36.51 ? 2166 HOH A O   1 
HETATM 1110 O O   . HOH F 4 .   ? -8.380  -10.944 -6.550  1.00 55.31 ? 2167 HOH A O   1 
HETATM 1111 O O   . HOH F 4 .   ? 6.598   -2.786  -19.150 1.00 48.98 ? 2168 HOH A O   1 
HETATM 1112 O O   . HOH F 4 .   ? -2.116  5.848   -17.898 1.00 44.78 ? 2169 HOH A O   1 
HETATM 1113 O O   . HOH F 4 .   ? -7.142  -10.608 15.533  1.00 53.32 ? 2170 HOH A O   1 
HETATM 1114 O O   . HOH F 4 .   ? -5.198  -14.068 9.206   1.00 49.82 ? 2171 HOH A O   1 
HETATM 1115 O O   . HOH F 4 .   ? 2.224   5.882   11.424  1.00 34.98 ? 2172 HOH A O   1 
HETATM 1116 O O   . HOH F 4 .   ? -6.694  8.120   -3.906  1.00 34.68 ? 2173 HOH A O   1 
HETATM 1117 O O   . HOH F 4 .   ? -1.616  11.132  -7.865  1.00 30.73 ? 2174 HOH A O   1 
HETATM 1118 O O   . HOH F 4 .   ? -3.127  12.774  -16.061 1.00 60.81 ? 2175 HOH A O   1 
HETATM 1119 O O   . HOH F 4 .   ? 11.016  6.971   -2.616  1.00 28.48 ? 2176 HOH A O   1 
HETATM 1120 O O   . HOH F 4 .   ? -2.262  14.609  -6.385  1.00 53.80 ? 2177 HOH A O   1 
HETATM 1121 O O   . HOH F 4 .   ? 16.714  14.525  -11.326 1.00 59.37 ? 2178 HOH A O   1 
HETATM 1122 O O   A HOH F 4 .   ? -8.478  -21.027 15.263  0.83 45.71 ? 2179 HOH A O   1 
HETATM 1123 O O   . HOH F 4 .   ? 17.355  18.492  -0.710  1.00 55.89 ? 2180 HOH A O   1 
HETATM 1124 O O   . HOH F 4 .   ? -14.011 -5.959  8.665   1.00 32.99 ? 2181 HOH A O   1 
HETATM 1125 O O   . HOH F 4 .   ? 12.139  16.870  -6.685  1.00 43.11 ? 2182 HOH A O   1 
HETATM 1126 O O   . HOH F 4 .   ? 11.625  -2.471  -0.372  1.00 48.39 ? 2183 HOH A O   1 
HETATM 1127 O O   . HOH F 4 .   ? -5.056  -9.545  -4.898  1.00 50.65 ? 2184 HOH A O   1 
HETATM 1128 O O   . HOH F 4 .   ? 9.912   15.109  -7.074  1.00 33.78 ? 2185 HOH A O   1 
HETATM 1129 O O   . HOH F 4 .   ? -4.115  -5.313  -9.690  1.00 39.95 ? 2186 HOH A O   1 
HETATM 1130 O O   . HOH F 4 .   ? 1.728   -8.764  8.989   1.00 56.39 ? 2187 HOH A O   1 
HETATM 1131 O O   . HOH F 4 .   ? 6.008   -7.451  1.945   1.00 42.68 ? 2188 HOH A O   1 
HETATM 1132 O O   . HOH F 4 .   ? 2.489   4.861   19.071  1.00 57.39 ? 2189 HOH A O   1 
HETATM 1133 O O   . HOH F 4 .   ? 8.829   -2.150  -7.617  1.00 39.24 ? 2190 HOH A O   1 
HETATM 1134 O O   . HOH F 4 .   ? 12.074  9.900   4.745   1.00 52.04 ? 2191 HOH A O   1 
HETATM 1135 O O   . HOH F 4 .   ? -18.007 -2.098  -1.050  1.00 44.30 ? 2192 HOH A O   1 
HETATM 1136 O O   . HOH F 4 .   ? 18.931  11.207  -4.305  1.00 43.53 ? 2193 HOH A O   1 
HETATM 1137 O O   . HOH F 4 .   ? -13.445 1.017   8.297   1.00 52.34 ? 2194 HOH A O   1 
HETATM 1138 O O   . HOH F 4 .   ? 12.476  3.682   3.342   1.00 47.56 ? 2195 HOH A O   1 
HETATM 1139 O O   . HOH F 4 .   ? 0.970   11.214  -13.884 1.00 36.00 ? 2196 HOH A O   1 
HETATM 1140 O O   . HOH F 4 .   ? 7.901   3.958   -20.948 1.00 41.49 ? 2197 HOH A O   1 
HETATM 1141 O O   . HOH F 4 .   ? 13.441  5.077   9.630   1.00 61.38 ? 2198 HOH A O   1 
HETATM 1142 O O   . HOH F 4 .   ? 15.376  18.277  -3.501  1.00 54.25 ? 2199 HOH A O   1 
HETATM 1143 O O   . HOH F 4 .   ? 11.516  20.868  -1.331  1.00 57.40 ? 2200 HOH A O   1 
HETATM 1144 O O   . HOH F 4 .   ? 9.093   -3.013  -12.043 1.00 38.82 ? 2201 HOH A O   1 
HETATM 1145 O O   . HOH F 4 .   ? -6.190  -16.343 2.216   1.00 43.80 ? 2202 HOH A O   1 
HETATM 1146 O O   . HOH F 4 .   ? -0.126  -20.727 9.354   1.00 63.93 ? 2203 HOH A O   1 
HETATM 1147 O O   . HOH F 4 .   ? -8.027  3.805   -10.320 1.00 50.46 ? 2204 HOH A O   1 
HETATM 1148 O O   . HOH F 4 .   ? 9.728   6.522   -22.776 1.00 51.25 ? 2205 HOH A O   1 
HETATM 1149 O O   . HOH F 4 .   ? 0.651   4.053   -11.243 1.00 24.22 ? 2206 HOH A O   1 
HETATM 1150 O O   . HOH F 4 .   ? -0.362  14.686  7.001   1.00 35.67 ? 2207 HOH A O   1 
HETATM 1151 O O   . HOH F 4 .   ? -3.310  -8.414  -5.562  1.00 44.67 ? 2208 HOH A O   1 
HETATM 1152 O O   . HOH F 4 .   ? 4.428   -4.339  -17.633 1.00 58.21 ? 2209 HOH A O   1 
HETATM 1153 O O   . HOH F 4 .   ? 1.701   -8.274  -7.388  1.00 61.87 ? 2210 HOH A O   1 
HETATM 1154 O O   . HOH F 4 .   ? -7.243  -8.833  -8.884  1.00 50.77 ? 2211 HOH A O   1 
HETATM 1155 O O   A HOH F 4 .   ? 15.890  13.931  1.263   0.99 51.35 ? 2212 HOH A O   1 
HETATM 1156 O O   C HOH F 4 .   ? 2.198   10.546  -9.955  0.45 39.54 ? 2213 HOH A O   1 
HETATM 1157 O O   . HOH F 4 .   ? 0.211   6.100   13.504  1.00 52.12 ? 2214 HOH A O   1 
HETATM 1158 O O   . HOH F 4 .   ? -10.936 -6.925  -0.703  1.00 26.22 ? 2215 HOH A O   1 
HETATM 1159 O O   . HOH F 4 .   ? -4.770  8.890   11.987  1.00 56.18 ? 2216 HOH A O   1 
HETATM 1160 O O   D HOH F 4 .   ? 6.084   14.010  -17.397 0.55 41.03 ? 2217 HOH A O   1 
HETATM 1161 O O   . HOH F 4 .   ? -1.262  11.183  -12.366 1.00 50.55 ? 2218 HOH A O   1 
HETATM 1162 O O   . HOH F 4 .   ? 4.602   -7.462  7.809   1.00 48.90 ? 2219 HOH A O   1 
HETATM 1163 O O   . HOH F 4 .   ? -7.613  11.680  -0.993  1.00 45.84 ? 2220 HOH A O   1 
HETATM 1164 O O   . HOH F 4 .   ? 3.528   2.544   19.937  1.00 66.10 ? 2221 HOH A O   1 
HETATM 1165 O O   . HOH F 4 .   ? -9.848  -7.267  -12.077 1.00 60.05 ? 2222 HOH A O   1 
HETATM 1166 O O   . HOH F 4 .   ? 12.637  -0.749  -5.176  1.00 50.81 ? 2223 HOH A O   1 
HETATM 1167 O O   . HOH F 4 .   ? 5.573   -7.445  -7.062  1.00 56.41 ? 2224 HOH A O   1 
HETATM 1168 O O   . HOH F 4 .   ? 5.727   2.776   19.414  1.00 66.28 ? 2225 HOH A O   1 
HETATM 1169 O O   . HOH F 4 .   ? 6.950   -9.193  -8.106  1.00 72.25 ? 2226 HOH A O   1 
HETATM 1170 O O   . HOH F 4 .   ? -11.464 7.503   -0.640  1.00 58.19 ? 2227 HOH A O   1 
HETATM 1171 O O   . HOH F 4 .   ? 6.156   6.243   18.134  1.00 50.90 ? 2228 HOH A O   1 
HETATM 1172 O O   . HOH F 4 .   ? 8.933   -3.605  2.035   1.00 49.32 ? 2229 HOH A O   1 
HETATM 1173 O O   . HOH F 4 .   ? 11.410  -4.821  -3.985  1.00 56.85 ? 2230 HOH A O   1 
HETATM 1174 O O   . HOH F 4 .   ? -9.257  6.438   9.710   1.00 56.81 ? 2231 HOH A O   1 
HETATM 1175 O O   . HOH F 4 .   ? -2.565  14.982  -1.075  1.00 43.06 ? 2232 HOH A O   1 
HETATM 1176 O O   . HOH F 4 .   ? -5.369  15.822  2.048   1.00 55.22 ? 2233 HOH A O   1 
HETATM 1177 O O   . HOH F 4 .   ? 7.673   -2.913  10.056  1.00 55.11 ? 2234 HOH A O   1 
HETATM 1178 O O   C HOH F 4 .   ? 7.448   13.500  -12.913 0.45 45.01 ? 2235 HOH A O   1 
HETATM 1179 O O   . HOH F 4 .   ? 6.005   9.561   -23.284 1.00 57.60 ? 2236 HOH A O   1 
HETATM 1180 O O   . HOH F 4 .   ? -6.520  -7.532  14.775  1.00 59.83 ? 2237 HOH A O   1 
HETATM 1181 O O   . HOH F 4 .   ? 7.267   0.196   12.141  1.00 54.24 ? 2238 HOH A O   1 
HETATM 1182 O O   . HOH F 4 .   ? 11.421  -2.484  2.345   1.00 62.87 ? 2239 HOH A O   1 
HETATM 1183 O O   . HOH F 4 .   ? 4.070   -21.382 13.491  1.00 53.81 ? 2240 HOH A O   1 
HETATM 1184 O O   . HOH F 4 .   ? -5.257  10.428  9.956   1.00 57.13 ? 2241 HOH A O   1 
HETATM 1185 O O   . HOH F 4 .   ? 8.240   -6.156  3.927   1.00 58.49 ? 2242 HOH A O   1 
HETATM 1186 O O   . HOH F 4 .   ? 5.614   -5.662  9.510   1.00 50.92 ? 2243 HOH A O   1 
HETATM 1187 O O   . HOH F 4 .   ? 8.267   -4.916  6.365   1.00 59.03 ? 2244 HOH A O   1 
HETATM 1188 O O   C HOH F 4 .   ? 0.375   14.389  -9.240  0.45 43.87 ? 2245 HOH A O   1 
HETATM 1189 O O   D HOH F 4 .   ? 0.151   15.850  -9.037  0.55 46.47 ? 2245 HOH A O   1 
HETATM 1190 O O   . HOH F 4 .   ? -3.574  11.595  -13.503 1.00 59.59 ? 2246 HOH A O   1 
HETATM 1191 O O   . HOH F 4 .   ? 1.339   4.616   -23.889 1.00 60.24 ? 2247 HOH A O   1 
HETATM 1192 O O   . HOH F 4 .   ? 5.883   7.345   -23.161 1.00 55.35 ? 2248 HOH A O   1 
HETATM 1193 O O   . HOH F 4 .   ? -3.736  7.981   -16.291 1.00 61.07 ? 2249 HOH A O   1 
HETATM 1194 O O   . HOH F 4 .   ? 2.626   -8.154  11.106  1.00 65.07 ? 2250 HOH A O   1 
HETATM 1195 O O   . HOH F 4 .   ? -2.736  1.065   -12.577 1.00 34.62 ? 2251 HOH A O   1 
HETATM 1196 O O   . HOH F 4 .   ? -0.608  13.071  8.895   1.00 48.39 ? 2252 HOH A O   1 
HETATM 1197 O O   . HOH F 4 .   ? -10.330 -4.237  -12.257 1.00 60.06 ? 2253 HOH A O   1 
HETATM 1198 O O   . HOH F 4 .   ? -8.229  10.089  -4.733  1.00 59.75 ? 2254 HOH A O   1 
HETATM 1199 O O   . HOH F 4 .   ? -3.816  13.662  -7.690  1.00 49.50 ? 2255 HOH A O   1 
HETATM 1200 O O   . HOH F 4 .   ? -5.796  -13.564 6.801   1.00 42.87 ? 2256 HOH A O   1 
HETATM 1201 O O   . HOH F 4 .   ? 3.819   -7.347  -5.531  1.00 52.20 ? 2257 HOH A O   1 
HETATM 1202 O O   . HOH F 4 .   ? 9.308   -2.522  8.185   1.00 66.31 ? 2258 HOH A O   1 
HETATM 1203 O O   . HOH F 4 .   ? -10.119 9.246   -2.044  1.00 59.85 ? 2259 HOH A O   1 
HETATM 1204 O O   . HOH F 4 .   ? -8.992  -1.745  -10.009 1.00 48.00 ? 2260 HOH A O   1 
HETATM 1205 O O   . HOH F 4 .   ? -14.420 -1.364  2.375   1.00 53.11 ? 2261 HOH A O   1 
HETATM 1206 O O   . HOH F 4 .   ? 11.723  -3.556  -5.684  1.00 62.12 ? 2262 HOH A O   1 
HETATM 1207 O O   . HOH F 4 .   ? 16.299  13.824  4.181   1.00 59.95 ? 2263 HOH A O   1 
HETATM 1208 O O   . HOH F 4 .   ? 13.515  11.099  3.059   1.00 55.11 ? 2264 HOH A O   1 
HETATM 1209 O O   . HOH F 4 .   ? 0.985   12.915  -15.855 1.00 61.29 ? 2265 HOH A O   1 
HETATM 1210 O O   C HOH F 4 .   ? 2.433   13.542  -9.118  0.45 43.68 ? 2266 HOH A O   1 
HETATM 1211 O O   . HOH F 4 .   ? 2.464   7.718   -26.383 1.00 74.99 ? 2267 HOH A O   1 
HETATM 1212 O O   . HOH F 4 .   ? -10.562 6.577   -4.309  1.00 34.95 ? 2268 HOH A O   1 
HETATM 1213 O O   . HOH F 4 .   ? 8.289   -4.642  -6.927  1.00 43.48 ? 2269 HOH A O   1 
HETATM 1214 O O   . HOH F 4 .   ? 6.498   -6.400  -0.595  1.00 37.15 ? 2270 HOH A O   1 
HETATM 1215 O O   . HOH F 4 .   ? -2.958  17.877  2.324   1.00 53.24 ? 2271 HOH A O   1 
HETATM 1216 O O   . HOH F 4 .   ? -3.223  3.544   -16.456 1.00 49.70 ? 2272 HOH A O   1 
HETATM 1217 O O   . HOH F 4 .   ? 10.218  -0.991  5.358   1.00 56.70 ? 2273 HOH A O   1 
HETATM 1218 O O   . HOH F 4 .   ? 6.868   -5.311  -9.316  1.00 40.08 ? 2274 HOH A O   1 
HETATM 1219 O O   . HOH F 4 .   ? 1.584   -1.276  -17.492 1.00 42.67 ? 2275 HOH A O   1 
HETATM 1220 O O   . HOH F 4 .   ? -6.577  2.710   -13.749 1.00 51.77 ? 2276 HOH A O   1 
HETATM 1221 O O   . HOH F 4 .   ? -0.923  -2.803  -14.681 1.00 51.92 ? 2277 HOH A O   1 
HETATM 1222 O O   . HOH F 4 .   ? -1.444  2.044   -14.917 1.00 30.73 ? 2278 HOH A O   1 
HETATM 1223 O O   . HOH F 4 .   ? 7.532   16.804  -7.890  1.00 40.41 ? 2279 HOH A O   1 
HETATM 1224 O O   . HOH F 4 .   ? -11.342 5.924   9.457   1.00 55.72 ? 2280 HOH A O   1 
HETATM 1225 O O   C HOH F 4 .   ? 3.257   11.343  -12.171 0.45 39.60 ? 2281 HOH A O   1 
HETATM 1226 O O   . HOH F 4 .   ? -4.038  -3.030  -11.209 1.00 49.81 ? 2282 HOH A O   1 
HETATM 1227 O O   . HOH F 4 .   ? -0.722  -5.608  -9.976  1.00 52.92 ? 2283 HOH A O   1 
HETATM 1228 O O   . HOH F 4 .   ? -9.950  8.601   -6.483  1.00 48.56 ? 2284 HOH A O   1 
HETATM 1229 O O   . HOH F 4 .   ? -3.861  -11.968 -4.673  1.00 63.57 ? 2285 HOH A O   1 
HETATM 1230 O O   C HOH F 4 .   ? 4.322   13.223  -12.880 0.45 44.88 ? 2286 HOH A O   1 
HETATM 1231 O O   . HOH F 4 .   ? -6.941  -3.219  -10.829 1.00 50.79 ? 2287 HOH A O   1 
HETATM 1232 O O   . HOH F 4 .   ? -12.444 7.330   -2.786  1.00 64.21 ? 2288 HOH A O   1 
HETATM 1233 O O   . HOH F 4 .   ? -0.912  -10.222 -4.860  1.00 59.88 ? 2289 HOH A O   1 
HETATM 1234 O O   C HOH F 4 .   ? 9.392   15.083  -10.611 0.45 46.62 ? 2290 HOH A O   1 
HETATM 1235 O O   . HOH F 4 .   ? -10.859 11.264  7.698   1.00 66.06 ? 2291 HOH A O   1 
HETATM 1236 O O   . HOH F 4 .   ? 13.449  2.818   15.659  1.00 65.17 ? 2292 HOH A O   1 
HETATM 1237 O O   . HOH F 4 .   ? -7.646  12.264  -6.022  1.00 58.57 ? 2293 HOH A O   1 
HETATM 1238 O O   . HOH F 4 .   ? -12.659 6.435   -8.026  1.00 76.70 ? 2294 HOH A O   1 
HETATM 1239 O O   . HOH F 4 .   ? -0.866  -0.360  -16.129 1.00 39.26 ? 2295 HOH A O   1 
HETATM 1240 O O   . HOH F 4 .   ? -11.607 10.922  5.415   1.00 61.55 ? 2296 HOH A O   1 
HETATM 1241 O O   . HOH F 4 .   ? -6.019  13.503  -6.800  1.00 51.40 ? 2297 HOH A O   1 
HETATM 1242 O O   . HOH F 4 .   ? -5.318  4.732   -15.638 1.00 57.56 ? 2298 HOH A O   1 
HETATM 1243 O O   . HOH F 4 .   ? -9.447  14.780  3.134   1.00 65.97 ? 2299 HOH A O   1 
HETATM 1244 O O   . HOH F 4 .   ? -4.017  14.958  -9.780  1.00 69.96 ? 2300 HOH A O   1 
HETATM 1245 O O   C HOH F 4 .   ? 4.159   15.480  -10.614 0.45 45.37 ? 2301 HOH A O   1 
HETATM 1246 O O   C HOH F 4 .   ? 6.121   16.435  -9.793  0.45 43.22 ? 2302 HOH A O   1 
HETATM 1247 O O   D HOH F 4 .   ? 7.015   17.212  -10.866 0.55 47.15 ? 2302 HOH A O   1 
HETATM 1248 O O   . HOH F 4 .   ? -10.285 12.082  -7.987  1.00 66.32 ? 2303 HOH A O   1 
HETATM 1249 O O   . HOH F 4 .   ? -8.526  13.847  -8.470  1.00 66.42 ? 2304 HOH A O   1 
HETATM 1250 O O   . HOH F 4 .   ? -10.073 12.259  -11.016 1.00 64.80 ? 2305 HOH A O   1 
# 
